data_6VJ8
# 
_entry.id   6VJ8 
# 
_audit_conform.dict_name       mmcif_pdbx.dic 
_audit_conform.dict_version    5.381 
_audit_conform.dict_location   http://mmcif.pdb.org/dictionaries/ascii/mmcif_pdbx.dic 
# 
loop_
_database_2.database_id 
_database_2.database_code 
_database_2.pdbx_database_accession 
_database_2.pdbx_DOI 
PDB   6VJ8         pdb_00006vj8 10.2210/pdb6vj8/pdb 
WWPDB D_1000246461 ?            ?                   
# 
_pdbx_database_status.status_code                     REL 
_pdbx_database_status.status_code_sf                  REL 
_pdbx_database_status.status_code_mr                  ? 
_pdbx_database_status.entry_id                        6VJ8 
_pdbx_database_status.recvd_initial_deposition_date   2020-01-15 
_pdbx_database_status.SG_entry                        N 
_pdbx_database_status.deposit_site                    RCSB 
_pdbx_database_status.process_site                    RCSB 
_pdbx_database_status.status_code_cs                  ? 
_pdbx_database_status.status_code_nmr_data            ? 
_pdbx_database_status.methods_development_category    ? 
_pdbx_database_status.pdb_format_compatible           Y 
# 
loop_
_audit_author.name 
_audit_author.pdbx_ordinal 
_audit_author.identifier_ORCID 
'Urban, S.' 1 0000-0002-1118-1973 
'Cho, S.'   2 0000-0002-4875-2565 
# 
_citation.abstract                  ? 
_citation.abstract_id_CAS           ? 
_citation.book_id_ISBN              ? 
_citation.book_publisher            ? 
_citation.book_publisher_city       ? 
_citation.book_title                ? 
_citation.coordinate_linkage        ? 
_citation.country                   US 
_citation.database_id_Medline       ? 
_citation.details                   ? 
_citation.id                        primary 
_citation.journal_abbrev            'Cell Chem Biol' 
_citation.journal_id_ASTM           ? 
_citation.journal_id_CSD            ? 
_citation.journal_id_ISSN           2451-9456 
_citation.journal_full              ? 
_citation.journal_issue             ? 
_citation.journal_volume            27 
_citation.language                  ? 
_citation.page_first                1410 
_citation.page_last                 1424.e6 
_citation.title                     'Designed Parasite-Selective Rhomboid Inhibitors Block Invasion and Clear Blood-Stage Malaria.' 
_citation.year                      2020 
_citation.database_id_CSD           ? 
_citation.pdbx_database_id_DOI      10.1016/j.chembiol.2020.08.011 
_citation.pdbx_database_id_PubMed   32888502 
_citation.unpublished_flag          ? 
# 
loop_
_citation_author.citation_id 
_citation_author.name 
_citation_author.ordinal 
_citation_author.identifier_ORCID 
primary 'Gandhi, S.'     1 ? 
primary 'Baker, R.P.'    2 ? 
primary 'Cho, S.'        3 ? 
primary 'Stanchev, S.'   4 ? 
primary 'Strisovsky, K.' 5 ? 
primary 'Urban, S.'      6 ? 
# 
_cell.angle_alpha                  90.00 
_cell.angle_alpha_esd              ? 
_cell.angle_beta                   90.00 
_cell.angle_beta_esd               ? 
_cell.angle_gamma                  120.00 
_cell.angle_gamma_esd              ? 
_cell.entry_id                     6VJ8 
_cell.details                      ? 
_cell.formula_units_Z              ? 
_cell.length_a                     110.049 
_cell.length_a_esd                 ? 
_cell.length_b                     110.049 
_cell.length_b_esd                 ? 
_cell.length_c                     127.311 
_cell.length_c_esd                 ? 
_cell.volume                       ? 
_cell.volume_esd                   ? 
_cell.Z_PDB                        18 
_cell.reciprocal_angle_alpha       ? 
_cell.reciprocal_angle_beta        ? 
_cell.reciprocal_angle_gamma       ? 
_cell.reciprocal_angle_alpha_esd   ? 
_cell.reciprocal_angle_beta_esd    ? 
_cell.reciprocal_angle_gamma_esd   ? 
_cell.reciprocal_length_a          ? 
_cell.reciprocal_length_b          ? 
_cell.reciprocal_length_c          ? 
_cell.reciprocal_length_a_esd      ? 
_cell.reciprocal_length_b_esd      ? 
_cell.reciprocal_length_c_esd      ? 
_cell.pdbx_unique_axis             ? 
# 
_symmetry.entry_id                         6VJ8 
_symmetry.cell_setting                     ? 
_symmetry.Int_Tables_number                155 
_symmetry.space_group_name_Hall            ? 
_symmetry.space_group_name_H-M             'H 3 2' 
_symmetry.pdbx_full_space_group_name_H-M   ? 
# 
loop_
_entity.id 
_entity.type 
_entity.src_method 
_entity.pdbx_description 
_entity.formula_weight 
_entity.pdbx_number_of_molecules 
_entity.pdbx_ec 
_entity.pdbx_mutation 
_entity.pdbx_fragment 
_entity.details 
1 polymer man 'Rhomboid family intramembrane serine protease GlpG' 21927.043 1  ? ? 'UNP residue 61-250' ? 
2 polymer syn 'Peptide chloromethylketone inhibitor'               537.139   1  ? ? ?                    
'peptide derivative in which the N-terminus is acetylated and C-terminus ALA is modified to chloromethylketone' 
3 water   nat water                                                18.015    20 ? ? ?                    ? 
# 
loop_
_entity_poly.entity_id 
_entity_poly.type 
_entity_poly.nstd_linkage 
_entity_poly.nstd_monomer 
_entity_poly.pdbx_seq_one_letter_code 
_entity_poly.pdbx_seq_one_letter_code_can 
_entity_poly.pdbx_strand_id 
_entity_poly.pdbx_target_identifier 
1 'polypeptide(L)' no no  
;GSHMAALRERAGPVTWVMMIACVVVFIAMQILGDQEVMLWLAWPFDPTLKFEFWRYFTHALMHFSLMHILFNLLWWWYLG
GAVEKRLGSGKLIVITLISALLSGYVQQKFSGPWFGGLSGVVYALMGYVWLRGERDPQSGIYLQRGLIIFALIWIVAGWF
DLFGMSMANGAHIAGLAVGLAMAFVDSLNARKRK
;
;GSHMAALRERAGPVTWVMMIACVVVFIAMQILGDQEVMLWLAWPFDPTLKFEFWRYFTHALMHFSLMHILFNLLWWWYLG
GAVEKRLGSGKLIVITLISALLSGYVQQKFSGPWFGGLSGVVYALMGYVWLRGERDPQSGIYLQRGLIIFALIWIVAGWF
DLFGMSMANGAHIAGLAVGLAMAFVDSLNARKRK
;
A ? 
2 'polypeptide(L)' no yes '(ACE)VRM(QZA)' XVRMX B ? 
# 
loop_
_entity_poly_seq.entity_id 
_entity_poly_seq.num 
_entity_poly_seq.mon_id 
_entity_poly_seq.hetero 
1 1   GLY n 
1 2   SER n 
1 3   HIS n 
1 4   MET n 
1 5   ALA n 
1 6   ALA n 
1 7   LEU n 
1 8   ARG n 
1 9   GLU n 
1 10  ARG n 
1 11  ALA n 
1 12  GLY n 
1 13  PRO n 
1 14  VAL n 
1 15  THR n 
1 16  TRP n 
1 17  VAL n 
1 18  MET n 
1 19  MET n 
1 20  ILE n 
1 21  ALA n 
1 22  CYS n 
1 23  VAL n 
1 24  VAL n 
1 25  VAL n 
1 26  PHE n 
1 27  ILE n 
1 28  ALA n 
1 29  MET n 
1 30  GLN n 
1 31  ILE n 
1 32  LEU n 
1 33  GLY n 
1 34  ASP n 
1 35  GLN n 
1 36  GLU n 
1 37  VAL n 
1 38  MET n 
1 39  LEU n 
1 40  TRP n 
1 41  LEU n 
1 42  ALA n 
1 43  TRP n 
1 44  PRO n 
1 45  PHE n 
1 46  ASP n 
1 47  PRO n 
1 48  THR n 
1 49  LEU n 
1 50  LYS n 
1 51  PHE n 
1 52  GLU n 
1 53  PHE n 
1 54  TRP n 
1 55  ARG n 
1 56  TYR n 
1 57  PHE n 
1 58  THR n 
1 59  HIS n 
1 60  ALA n 
1 61  LEU n 
1 62  MET n 
1 63  HIS n 
1 64  PHE n 
1 65  SER n 
1 66  LEU n 
1 67  MET n 
1 68  HIS n 
1 69  ILE n 
1 70  LEU n 
1 71  PHE n 
1 72  ASN n 
1 73  LEU n 
1 74  LEU n 
1 75  TRP n 
1 76  TRP n 
1 77  TRP n 
1 78  TYR n 
1 79  LEU n 
1 80  GLY n 
1 81  GLY n 
1 82  ALA n 
1 83  VAL n 
1 84  GLU n 
1 85  LYS n 
1 86  ARG n 
1 87  LEU n 
1 88  GLY n 
1 89  SER n 
1 90  GLY n 
1 91  LYS n 
1 92  LEU n 
1 93  ILE n 
1 94  VAL n 
1 95  ILE n 
1 96  THR n 
1 97  LEU n 
1 98  ILE n 
1 99  SER n 
1 100 ALA n 
1 101 LEU n 
1 102 LEU n 
1 103 SER n 
1 104 GLY n 
1 105 TYR n 
1 106 VAL n 
1 107 GLN n 
1 108 GLN n 
1 109 LYS n 
1 110 PHE n 
1 111 SER n 
1 112 GLY n 
1 113 PRO n 
1 114 TRP n 
1 115 PHE n 
1 116 GLY n 
1 117 GLY n 
1 118 LEU n 
1 119 SER n 
1 120 GLY n 
1 121 VAL n 
1 122 VAL n 
1 123 TYR n 
1 124 ALA n 
1 125 LEU n 
1 126 MET n 
1 127 GLY n 
1 128 TYR n 
1 129 VAL n 
1 130 TRP n 
1 131 LEU n 
1 132 ARG n 
1 133 GLY n 
1 134 GLU n 
1 135 ARG n 
1 136 ASP n 
1 137 PRO n 
1 138 GLN n 
1 139 SER n 
1 140 GLY n 
1 141 ILE n 
1 142 TYR n 
1 143 LEU n 
1 144 GLN n 
1 145 ARG n 
1 146 GLY n 
1 147 LEU n 
1 148 ILE n 
1 149 ILE n 
1 150 PHE n 
1 151 ALA n 
1 152 LEU n 
1 153 ILE n 
1 154 TRP n 
1 155 ILE n 
1 156 VAL n 
1 157 ALA n 
1 158 GLY n 
1 159 TRP n 
1 160 PHE n 
1 161 ASP n 
1 162 LEU n 
1 163 PHE n 
1 164 GLY n 
1 165 MET n 
1 166 SER n 
1 167 MET n 
1 168 ALA n 
1 169 ASN n 
1 170 GLY n 
1 171 ALA n 
1 172 HIS n 
1 173 ILE n 
1 174 ALA n 
1 175 GLY n 
1 176 LEU n 
1 177 ALA n 
1 178 VAL n 
1 179 GLY n 
1 180 LEU n 
1 181 ALA n 
1 182 MET n 
1 183 ALA n 
1 184 PHE n 
1 185 VAL n 
1 186 ASP n 
1 187 SER n 
1 188 LEU n 
1 189 ASN n 
1 190 ALA n 
1 191 ARG n 
1 192 LYS n 
1 193 ARG n 
1 194 LYS n 
2 1   ACE n 
2 2   VAL n 
2 3   ARG n 
2 4   MET n 
2 5   QZA n 
# 
_entity_src_gen.entity_id                          1 
_entity_src_gen.pdbx_src_id                        1 
_entity_src_gen.pdbx_alt_source_flag               sample 
_entity_src_gen.pdbx_seq_type                      'Biological sequence' 
_entity_src_gen.pdbx_beg_seq_num                   1 
_entity_src_gen.pdbx_end_seq_num                   194 
_entity_src_gen.gene_src_common_name               ? 
_entity_src_gen.gene_src_genus                     ? 
_entity_src_gen.pdbx_gene_src_gene                 'glpG, EVY14_07190' 
_entity_src_gen.gene_src_species                   ? 
_entity_src_gen.gene_src_strain                    ? 
_entity_src_gen.gene_src_tissue                    ? 
_entity_src_gen.gene_src_tissue_fraction           ? 
_entity_src_gen.gene_src_details                   ? 
_entity_src_gen.pdbx_gene_src_fragment             ? 
_entity_src_gen.pdbx_gene_src_scientific_name      'Escherichia coli' 
_entity_src_gen.pdbx_gene_src_ncbi_taxonomy_id     562 
_entity_src_gen.pdbx_gene_src_variant              ? 
_entity_src_gen.pdbx_gene_src_cell_line            ? 
_entity_src_gen.pdbx_gene_src_atcc                 ? 
_entity_src_gen.pdbx_gene_src_organ                ? 
_entity_src_gen.pdbx_gene_src_organelle            ? 
_entity_src_gen.pdbx_gene_src_cell                 ? 
_entity_src_gen.pdbx_gene_src_cellular_location    ? 
_entity_src_gen.host_org_common_name               ? 
_entity_src_gen.pdbx_host_org_scientific_name      'Escherichia coli BL21(DE3)' 
_entity_src_gen.pdbx_host_org_ncbi_taxonomy_id     469008 
_entity_src_gen.host_org_genus                     ? 
_entity_src_gen.pdbx_host_org_gene                 ? 
_entity_src_gen.pdbx_host_org_organ                ? 
_entity_src_gen.host_org_species                   ? 
_entity_src_gen.pdbx_host_org_tissue               ? 
_entity_src_gen.pdbx_host_org_tissue_fraction      ? 
_entity_src_gen.pdbx_host_org_strain               'C43(DE3)' 
_entity_src_gen.pdbx_host_org_variant              ? 
_entity_src_gen.pdbx_host_org_cell_line            ? 
_entity_src_gen.pdbx_host_org_atcc                 ? 
_entity_src_gen.pdbx_host_org_culture_collection   ? 
_entity_src_gen.pdbx_host_org_cell                 ? 
_entity_src_gen.pdbx_host_org_organelle            ? 
_entity_src_gen.pdbx_host_org_cellular_location    ? 
_entity_src_gen.pdbx_host_org_vector_type          ? 
_entity_src_gen.pdbx_host_org_vector               ? 
_entity_src_gen.host_org_details                   ? 
_entity_src_gen.expression_system_id               ? 
_entity_src_gen.plasmid_name                       ? 
_entity_src_gen.plasmid_details                    ? 
_entity_src_gen.pdbx_description                   ? 
# 
_pdbx_entity_src_syn.entity_id              2 
_pdbx_entity_src_syn.pdbx_src_id            1 
_pdbx_entity_src_syn.pdbx_alt_source_flag   sample 
_pdbx_entity_src_syn.pdbx_beg_seq_num       1 
_pdbx_entity_src_syn.pdbx_end_seq_num       5 
_pdbx_entity_src_syn.organism_scientific    'Drosophila melanogaster' 
_pdbx_entity_src_syn.organism_common_name   'fruit fly' 
_pdbx_entity_src_syn.ncbi_taxonomy_id       7227 
_pdbx_entity_src_syn.details                ? 
# 
loop_
_struct_ref.id 
_struct_ref.db_name 
_struct_ref.db_code 
_struct_ref.pdbx_db_accession 
_struct_ref.pdbx_db_isoform 
_struct_ref.entity_id 
_struct_ref.pdbx_seq_one_letter_code 
_struct_ref.pdbx_align_begin 
1 UNP A0A4Q6HQV3_ECOLX A0A4Q6HQV3 ? 1 
;AALRERAGPVTWVMMIACVVVFIAMQILGDQEVMLWLAWPFDPTLKFEFWRYFTHALMHFSLMHILFNLLWWWYLGGAVE
KRLGSGKLIVITLISALLSGYVQQKFSGPWFGGLSGVVYALMGYVWLRGERDPQSGIYLQRGLIIFALIWIVAGWFDLFG
MSMANGAHIAGLAVGLAMAFVDSLNARKRK
;
61 
2 PDB 6VJ8             6VJ8       ? 2 ? 1  
# 
loop_
_struct_ref_seq.align_id 
_struct_ref_seq.ref_id 
_struct_ref_seq.pdbx_PDB_id_code 
_struct_ref_seq.pdbx_strand_id 
_struct_ref_seq.seq_align_beg 
_struct_ref_seq.pdbx_seq_align_beg_ins_code 
_struct_ref_seq.seq_align_end 
_struct_ref_seq.pdbx_seq_align_end_ins_code 
_struct_ref_seq.pdbx_db_accession 
_struct_ref_seq.db_align_beg 
_struct_ref_seq.pdbx_db_align_beg_ins_code 
_struct_ref_seq.db_align_end 
_struct_ref_seq.pdbx_db_align_end_ins_code 
_struct_ref_seq.pdbx_auth_seq_align_beg 
_struct_ref_seq.pdbx_auth_seq_align_end 
1 1 6VJ8 A 5 ? 194 ? A0A4Q6HQV3 61  ? 250 ? 87  276 
2 2 6VJ8 B 1 ? 5   ? 6VJ8       497 ? 501 ? 497 501 
# 
loop_
_struct_ref_seq_dif.align_id 
_struct_ref_seq_dif.pdbx_pdb_id_code 
_struct_ref_seq_dif.mon_id 
_struct_ref_seq_dif.pdbx_pdb_strand_id 
_struct_ref_seq_dif.seq_num 
_struct_ref_seq_dif.pdbx_pdb_ins_code 
_struct_ref_seq_dif.pdbx_seq_db_name 
_struct_ref_seq_dif.pdbx_seq_db_accession_code 
_struct_ref_seq_dif.db_mon_id 
_struct_ref_seq_dif.pdbx_seq_db_seq_num 
_struct_ref_seq_dif.details 
_struct_ref_seq_dif.pdbx_auth_seq_num 
_struct_ref_seq_dif.pdbx_ordinal 
1 6VJ8 GLY A 1 ? UNP A0A4Q6HQV3 ? ? 'expression tag' 83 1 
1 6VJ8 SER A 2 ? UNP A0A4Q6HQV3 ? ? 'expression tag' 84 2 
1 6VJ8 HIS A 3 ? UNP A0A4Q6HQV3 ? ? 'expression tag' 85 3 
1 6VJ8 MET A 4 ? UNP A0A4Q6HQV3 ? ? 'expression tag' 86 4 
# 
loop_
_chem_comp.id 
_chem_comp.type 
_chem_comp.mon_nstd_flag 
_chem_comp.name 
_chem_comp.pdbx_synonyms 
_chem_comp.formula 
_chem_comp.formula_weight 
ACE non-polymer                       . 'ACETYL GROUP'                       ?                                              
'C2 H4 O'        44.053  
ALA 'L-peptide linking'               y ALANINE                              ?                                              
'C3 H7 N O2'     89.093  
ARG 'L-peptide linking'               y ARGININE                             ?                                              
'C6 H15 N4 O2 1' 175.209 
ASN 'L-peptide linking'               y ASPARAGINE                           ?                                              
'C4 H8 N2 O3'    132.118 
ASP 'L-peptide linking'               y 'ASPARTIC ACID'                      ?                                              
'C4 H7 N O4'     133.103 
CYS 'L-peptide linking'               y CYSTEINE                             ?                                              
'C3 H7 N O2 S'   121.158 
GLN 'L-peptide linking'               y GLUTAMINE                            ?                                              
'C5 H10 N2 O3'   146.144 
GLU 'L-peptide linking'               y 'GLUTAMIC ACID'                      ?                                              
'C5 H9 N O4'     147.129 
GLY 'peptide linking'                 y GLYCINE                              ?                                              
'C2 H5 N O2'     75.067  
HIS 'L-peptide linking'               y HISTIDINE                            ?                                              
'C6 H10 N3 O2 1' 156.162 
HOH non-polymer                       . WATER                                ?                                              'H2 O' 
18.015  
ILE 'L-peptide linking'               y ISOLEUCINE                           ?                                              
'C6 H13 N O2'    131.173 
LEU 'L-peptide linking'               y LEUCINE                              ?                                              
'C6 H13 N O2'    131.173 
LYS 'L-peptide linking'               y LYSINE                               ?                                              
'C6 H15 N2 O2 1' 147.195 
MET 'L-peptide linking'               y METHIONINE                           ?                                              
'C5 H11 N O2 S'  149.211 
PHE 'L-peptide linking'               y PHENYLALANINE                        ?                                              
'C9 H11 N O2'    165.189 
PRO 'L-peptide linking'               y PROLINE                              ?                                              
'C5 H9 N O2'     115.130 
QZA 'L-peptide COOH carboxy terminus' . '(2R,3S)-3-amino-1-chlorobutan-2-ol' '(3S)-3-amino-1-chlorobutan-2-one, bound form' 
'C4 H10 Cl N O'  123.581 
SER 'L-peptide linking'               y SERINE                               ?                                              
'C3 H7 N O3'     105.093 
THR 'L-peptide linking'               y THREONINE                            ?                                              
'C4 H9 N O3'     119.119 
TRP 'L-peptide linking'               y TRYPTOPHAN                           ?                                              
'C11 H12 N2 O2'  204.225 
TYR 'L-peptide linking'               y TYROSINE                             ?                                              
'C9 H11 N O3'    181.189 
VAL 'L-peptide linking'               y VALINE                               ?                                              
'C5 H11 N O2'    117.146 
# 
_exptl.absorpt_coefficient_mu     ? 
_exptl.absorpt_correction_T_max   ? 
_exptl.absorpt_correction_T_min   ? 
_exptl.absorpt_correction_type    ? 
_exptl.absorpt_process_details    ? 
_exptl.entry_id                   6VJ8 
_exptl.crystals_number            1 
_exptl.details                    ? 
_exptl.method                     'X-RAY DIFFRACTION' 
_exptl.method_details             ? 
# 
_exptl_crystal.colour                      ? 
_exptl_crystal.density_diffrn              ? 
_exptl_crystal.density_Matthews            3.30 
_exptl_crystal.density_method              ? 
_exptl_crystal.density_percent_sol         62.75 
_exptl_crystal.description                 ? 
_exptl_crystal.F_000                       ? 
_exptl_crystal.id                          1 
_exptl_crystal.preparation                 ? 
_exptl_crystal.size_max                    ? 
_exptl_crystal.size_mid                    ? 
_exptl_crystal.size_min                    ? 
_exptl_crystal.size_rad                    ? 
_exptl_crystal.colour_lustre               ? 
_exptl_crystal.colour_modifier             ? 
_exptl_crystal.colour_primary              ? 
_exptl_crystal.density_meas                ? 
_exptl_crystal.density_meas_esd            ? 
_exptl_crystal.density_meas_gt             ? 
_exptl_crystal.density_meas_lt             ? 
_exptl_crystal.density_meas_temp           ? 
_exptl_crystal.density_meas_temp_esd       ? 
_exptl_crystal.density_meas_temp_gt        ? 
_exptl_crystal.density_meas_temp_lt        ? 
_exptl_crystal.pdbx_crystal_image_url      ? 
_exptl_crystal.pdbx_crystal_image_format   ? 
_exptl_crystal.pdbx_mosaicity              ? 
_exptl_crystal.pdbx_mosaicity_esd          ? 
# 
_exptl_crystal_grow.apparatus       ? 
_exptl_crystal_grow.atmosphere      ? 
_exptl_crystal_grow.crystal_id      1 
_exptl_crystal_grow.details         ? 
_exptl_crystal_grow.method          'VAPOR DIFFUSION, HANGING DROP' 
_exptl_crystal_grow.method_ref      ? 
_exptl_crystal_grow.pH              ? 
_exptl_crystal_grow.pressure        ? 
_exptl_crystal_grow.pressure_esd    ? 
_exptl_crystal_grow.seeding         ? 
_exptl_crystal_grow.seeding_ref     ? 
_exptl_crystal_grow.temp            298 
_exptl_crystal_grow.temp_details    ? 
_exptl_crystal_grow.temp_esd        ? 
_exptl_crystal_grow.time            ? 
_exptl_crystal_grow.pdbx_details    '0.1 M Tris, pH 8.5, 3 M sodium nitrate, 15% glycerol' 
_exptl_crystal_grow.pdbx_pH_range   ? 
# 
_diffrn.ambient_environment              ? 
_diffrn.ambient_temp                     100 
_diffrn.ambient_temp_details             ? 
_diffrn.ambient_temp_esd                 ? 
_diffrn.crystal_id                       1 
_diffrn.crystal_support                  ? 
_diffrn.crystal_treatment                ? 
_diffrn.details                          ? 
_diffrn.id                               1 
_diffrn.ambient_pressure                 ? 
_diffrn.ambient_pressure_esd             ? 
_diffrn.ambient_pressure_gt              ? 
_diffrn.ambient_pressure_lt              ? 
_diffrn.ambient_temp_gt                  ? 
_diffrn.ambient_temp_lt                  ? 
_diffrn.pdbx_serial_crystal_experiment   N 
# 
_diffrn_detector.details                      ? 
_diffrn_detector.detector                     PIXEL 
_diffrn_detector.diffrn_id                    1 
_diffrn_detector.type                         'DECTRIS PILATUS 6M' 
_diffrn_detector.area_resol_mean              ? 
_diffrn_detector.dtime                        ? 
_diffrn_detector.pdbx_frames_total            ? 
_diffrn_detector.pdbx_collection_time_total   ? 
_diffrn_detector.pdbx_collection_date         2018-05-07 
_diffrn_detector.pdbx_frequency               ? 
# 
_diffrn_radiation.collimation                      ? 
_diffrn_radiation.diffrn_id                        1 
_diffrn_radiation.filter_edge                      ? 
_diffrn_radiation.inhomogeneity                    ? 
_diffrn_radiation.monochromator                    'Si(111)' 
_diffrn_radiation.polarisn_norm                    ? 
_diffrn_radiation.polarisn_ratio                   ? 
_diffrn_radiation.probe                            ? 
_diffrn_radiation.type                             ? 
_diffrn_radiation.xray_symbol                      ? 
_diffrn_radiation.wavelength_id                    1 
_diffrn_radiation.pdbx_monochromatic_or_laue_m_l   M 
_diffrn_radiation.pdbx_wavelength_list             ? 
_diffrn_radiation.pdbx_wavelength                  ? 
_diffrn_radiation.pdbx_diffrn_protocol             'SINGLE WAVELENGTH' 
_diffrn_radiation.pdbx_analyzer                    ? 
_diffrn_radiation.pdbx_scattering_type             x-ray 
# 
_diffrn_radiation_wavelength.id           1 
_diffrn_radiation_wavelength.wavelength   0.972 
_diffrn_radiation_wavelength.wt           1.0 
# 
_diffrn_source.current                     ? 
_diffrn_source.details                     ? 
_diffrn_source.diffrn_id                   1 
_diffrn_source.power                       ? 
_diffrn_source.size                        ? 
_diffrn_source.source                      SYNCHROTRON 
_diffrn_source.target                      ? 
_diffrn_source.type                        'CHESS BEAMLINE F1' 
_diffrn_source.voltage                     ? 
_diffrn_source.take-off_angle              ? 
_diffrn_source.pdbx_wavelength_list        0.972 
_diffrn_source.pdbx_wavelength             ? 
_diffrn_source.pdbx_synchrotron_beamline   F1 
_diffrn_source.pdbx_synchrotron_site       CHESS 
# 
_reflns.B_iso_Wilson_estimate            ? 
_reflns.entry_id                         6VJ8 
_reflns.data_reduction_details           ? 
_reflns.data_reduction_method            ? 
_reflns.d_resolution_high                2.30 
_reflns.d_resolution_low                 76.33 
_reflns.details                          ? 
_reflns.limit_h_max                      ? 
_reflns.limit_h_min                      ? 
_reflns.limit_k_max                      ? 
_reflns.limit_k_min                      ? 
_reflns.limit_l_max                      ? 
_reflns.limit_l_min                      ? 
_reflns.number_all                       ? 
_reflns.number_obs                       13264 
_reflns.observed_criterion               ? 
_reflns.observed_criterion_F_max         ? 
_reflns.observed_criterion_F_min         ? 
_reflns.observed_criterion_I_max         ? 
_reflns.observed_criterion_I_min         ? 
_reflns.observed_criterion_sigma_F       ? 
_reflns.observed_criterion_sigma_I       ? 
_reflns.percent_possible_obs             99.1 
_reflns.R_free_details                   ? 
_reflns.Rmerge_F_all                     ? 
_reflns.Rmerge_F_obs                     ? 
_reflns.Friedel_coverage                 ? 
_reflns.number_gt                        ? 
_reflns.threshold_expression             ? 
_reflns.pdbx_redundancy                  10.6 
_reflns.pdbx_Rmerge_I_obs                0.097 
_reflns.pdbx_Rmerge_I_all                ? 
_reflns.pdbx_Rsym_value                  ? 
_reflns.pdbx_netI_over_av_sigmaI         ? 
_reflns.pdbx_netI_over_sigmaI            13.3 
_reflns.pdbx_res_netI_over_av_sigmaI_2   ? 
_reflns.pdbx_res_netI_over_sigmaI_2      ? 
_reflns.pdbx_chi_squared                 ? 
_reflns.pdbx_scaling_rejects             ? 
_reflns.pdbx_d_res_high_opt              ? 
_reflns.pdbx_d_res_low_opt               ? 
_reflns.pdbx_d_res_opt_method            ? 
_reflns.phase_calculation_details        ? 
_reflns.pdbx_Rrim_I_all                  ? 
_reflns.pdbx_Rpim_I_all                  ? 
_reflns.pdbx_d_opt                       ? 
_reflns.pdbx_number_measured_all         ? 
_reflns.pdbx_diffrn_id                   1 
_reflns.pdbx_ordinal                     1 
_reflns.pdbx_CC_half                     ? 
_reflns.pdbx_CC_star                     ? 
_reflns.pdbx_R_split                     ? 
# 
_reflns_shell.d_res_high                  2.30 
_reflns_shell.d_res_low                   2.38 
_reflns_shell.meanI_over_sigI_all         ? 
_reflns_shell.meanI_over_sigI_obs         ? 
_reflns_shell.number_measured_all         ? 
_reflns_shell.number_measured_obs         ? 
_reflns_shell.number_possible             ? 
_reflns_shell.number_unique_all           ? 
_reflns_shell.number_unique_obs           1293 
_reflns_shell.percent_possible_all        ? 
_reflns_shell.percent_possible_obs        ? 
_reflns_shell.Rmerge_F_all                ? 
_reflns_shell.Rmerge_F_obs                ? 
_reflns_shell.Rmerge_I_all                ? 
_reflns_shell.Rmerge_I_obs                0.568 
_reflns_shell.meanI_over_sigI_gt          ? 
_reflns_shell.meanI_over_uI_all           ? 
_reflns_shell.meanI_over_uI_gt            ? 
_reflns_shell.number_measured_gt          ? 
_reflns_shell.number_unique_gt            ? 
_reflns_shell.percent_possible_gt         ? 
_reflns_shell.Rmerge_F_gt                 ? 
_reflns_shell.Rmerge_I_gt                 ? 
_reflns_shell.pdbx_redundancy             ? 
_reflns_shell.pdbx_Rsym_value             ? 
_reflns_shell.pdbx_chi_squared            ? 
_reflns_shell.pdbx_netI_over_sigmaI_all   ? 
_reflns_shell.pdbx_netI_over_sigmaI_obs   ? 
_reflns_shell.pdbx_Rrim_I_all             ? 
_reflns_shell.pdbx_Rpim_I_all             ? 
_reflns_shell.pdbx_rejects                ? 
_reflns_shell.pdbx_ordinal                1 
_reflns_shell.pdbx_diffrn_id              1 
_reflns_shell.pdbx_CC_half                ? 
_reflns_shell.pdbx_CC_star                ? 
_reflns_shell.pdbx_R_split                ? 
# 
_refine.aniso_B[1][1]                            -2.03 
_refine.aniso_B[1][2]                            -1.01 
_refine.aniso_B[1][3]                            0.00 
_refine.aniso_B[2][2]                            -2.03 
_refine.aniso_B[2][3]                            0.00 
_refine.aniso_B[3][3]                            6.57 
_refine.B_iso_max                                ? 
_refine.B_iso_mean                               59.113 
_refine.B_iso_min                                ? 
_refine.correlation_coeff_Fo_to_Fc               0.948 
_refine.correlation_coeff_Fo_to_Fc_free          0.931 
_refine.details                                  ? 
_refine.diff_density_max                         ? 
_refine.diff_density_max_esd                     ? 
_refine.diff_density_min                         ? 
_refine.diff_density_min_esd                     ? 
_refine.diff_density_rms                         ? 
_refine.diff_density_rms_esd                     ? 
_refine.entry_id                                 6VJ8 
_refine.pdbx_refine_id                           'X-RAY DIFFRACTION' 
_refine.ls_abs_structure_details                 ? 
_refine.ls_abs_structure_Flack                   ? 
_refine.ls_abs_structure_Flack_esd               ? 
_refine.ls_abs_structure_Rogers                  ? 
_refine.ls_abs_structure_Rogers_esd              ? 
_refine.ls_d_res_high                            2.30 
_refine.ls_d_res_low                             50.01 
_refine.ls_extinction_coef                       ? 
_refine.ls_extinction_coef_esd                   ? 
_refine.ls_extinction_expression                 ? 
_refine.ls_extinction_method                     ? 
_refine.ls_goodness_of_fit_all                   ? 
_refine.ls_goodness_of_fit_all_esd               ? 
_refine.ls_goodness_of_fit_obs                   ? 
_refine.ls_goodness_of_fit_obs_esd               ? 
_refine.ls_hydrogen_treatment                    ? 
_refine.ls_matrix_type                           ? 
_refine.ls_number_constraints                    ? 
_refine.ls_number_parameters                     ? 
_refine.ls_number_reflns_all                     ? 
_refine.ls_number_reflns_obs                     12584 
_refine.ls_number_reflns_R_free                  648 
_refine.ls_number_reflns_R_work                  ? 
_refine.ls_number_restraints                     ? 
_refine.ls_percent_reflns_obs                    98.84 
_refine.ls_percent_reflns_R_free                 4.9 
_refine.ls_R_factor_all                          ? 
_refine.ls_R_factor_obs                          0.21983 
_refine.ls_R_factor_R_free                       0.25225 
_refine.ls_R_factor_R_free_error                 ? 
_refine.ls_R_factor_R_free_error_details         ? 
_refine.ls_R_factor_R_work                       0.21808 
_refine.ls_R_Fsqd_factor_obs                     ? 
_refine.ls_R_I_factor_obs                        ? 
_refine.ls_redundancy_reflns_all                 ? 
_refine.ls_redundancy_reflns_obs                 ? 
_refine.ls_restrained_S_all                      ? 
_refine.ls_restrained_S_obs                      ? 
_refine.ls_shift_over_esd_max                    ? 
_refine.ls_shift_over_esd_mean                   ? 
_refine.ls_structure_factor_coef                 ? 
_refine.ls_weighting_details                     ? 
_refine.ls_weighting_scheme                      ? 
_refine.ls_wR_factor_all                         ? 
_refine.ls_wR_factor_obs                         ? 
_refine.ls_wR_factor_R_free                      ? 
_refine.ls_wR_factor_R_work                      ? 
_refine.occupancy_max                            ? 
_refine.occupancy_min                            ? 
_refine.solvent_model_details                    ? 
_refine.solvent_model_param_bsol                 ? 
_refine.solvent_model_param_ksol                 ? 
_refine.pdbx_R_complete                          ? 
_refine.ls_R_factor_gt                           ? 
_refine.ls_goodness_of_fit_gt                    ? 
_refine.ls_goodness_of_fit_ref                   ? 
_refine.ls_shift_over_su_max                     ? 
_refine.ls_shift_over_su_max_lt                  ? 
_refine.ls_shift_over_su_mean                    ? 
_refine.ls_shift_over_su_mean_lt                 ? 
_refine.pdbx_ls_sigma_I                          ? 
_refine.pdbx_ls_sigma_F                          ? 
_refine.pdbx_ls_sigma_Fsqd                       ? 
_refine.pdbx_data_cutoff_high_absF               ? 
_refine.pdbx_data_cutoff_high_rms_absF           ? 
_refine.pdbx_data_cutoff_low_absF                ? 
_refine.pdbx_isotropic_thermal_model             ? 
_refine.pdbx_ls_cross_valid_method               THROUGHOUT 
_refine.pdbx_method_to_determine_struct          'MOLECULAR REPLACEMENT' 
_refine.pdbx_starting_model                      'PDB entry 2IC8' 
_refine.pdbx_stereochemistry_target_values       ? 
_refine.pdbx_R_Free_selection_details            RANDOM 
_refine.pdbx_stereochem_target_val_spec_case     ? 
_refine.pdbx_overall_ESU_R                       0.242 
_refine.pdbx_overall_ESU_R_Free                  0.203 
_refine.pdbx_solvent_vdw_probe_radii             1.20 
_refine.pdbx_solvent_ion_probe_radii             0.80 
_refine.pdbx_solvent_shrinkage_radii             0.80 
_refine.pdbx_real_space_R                        ? 
_refine.pdbx_density_correlation                 ? 
_refine.pdbx_pd_number_of_powder_patterns        ? 
_refine.pdbx_pd_number_of_points                 ? 
_refine.pdbx_pd_meas_number_of_points            ? 
_refine.pdbx_pd_proc_ls_prof_R_factor            ? 
_refine.pdbx_pd_proc_ls_prof_wR_factor           ? 
_refine.pdbx_pd_Marquardt_correlation_coeff      ? 
_refine.pdbx_pd_Fsqrd_R_factor                   ? 
_refine.pdbx_pd_ls_matrix_band_width             ? 
_refine.pdbx_overall_phase_error                 ? 
_refine.pdbx_overall_SU_R_free_Cruickshank_DPI   ? 
_refine.pdbx_overall_SU_R_free_Blow_DPI          ? 
_refine.pdbx_overall_SU_R_Blow_DPI               ? 
_refine.pdbx_TLS_residual_ADP_flag               ? 
_refine.pdbx_diffrn_id                           1 
_refine.overall_SU_B                             7.905 
_refine.overall_SU_ML                            0.181 
_refine.overall_SU_R_Cruickshank_DPI             ? 
_refine.overall_SU_R_free                        ? 
_refine.overall_FOM_free_R_set                   ? 
_refine.overall_FOM_work_R_set                   ? 
_refine.pdbx_average_fsc_overall                 ? 
_refine.pdbx_average_fsc_work                    ? 
_refine.pdbx_average_fsc_free                    ? 
# 
_refine_hist.pdbx_refine_id                   'X-RAY DIFFRACTION' 
_refine_hist.cycle_id                         1 
_refine_hist.details                          ? 
_refine_hist.d_res_high                       2.30 
_refine_hist.d_res_low                        50.01 
_refine_hist.number_atoms_solvent             20 
_refine_hist.number_atoms_total               1482 
_refine_hist.number_reflns_all                ? 
_refine_hist.number_reflns_obs                ? 
_refine_hist.number_reflns_R_free             ? 
_refine_hist.number_reflns_R_work             ? 
_refine_hist.R_factor_all                     ? 
_refine_hist.R_factor_obs                     ? 
_refine_hist.R_factor_R_free                  ? 
_refine_hist.R_factor_R_work                  ? 
_refine_hist.pdbx_number_residues_total       ? 
_refine_hist.pdbx_B_iso_mean_ligand           ? 
_refine_hist.pdbx_B_iso_mean_solvent          ? 
_refine_hist.pdbx_number_atoms_protein        1462 
_refine_hist.pdbx_number_atoms_nucleic_acid   0 
_refine_hist.pdbx_number_atoms_ligand         0 
_refine_hist.pdbx_number_atoms_lipid          ? 
_refine_hist.pdbx_number_atoms_carb           ? 
_refine_hist.pdbx_pseudo_atom_details         ? 
# 
loop_
_refine_ls_restr.pdbx_refine_id 
_refine_ls_restr.criterion 
_refine_ls_restr.dev_ideal 
_refine_ls_restr.dev_ideal_target 
_refine_ls_restr.number 
_refine_ls_restr.rejects 
_refine_ls_restr.type 
_refine_ls_restr.weight 
_refine_ls_restr.pdbx_restraint_function 
'X-RAY DIFFRACTION' ? 0.019  0.019  1509 ? r_bond_refined_d             ? ? 
'X-RAY DIFFRACTION' ? ?      ?      ?    ? r_bond_other_d               ? ? 
'X-RAY DIFFRACTION' ? 2.390  1.927  2050 ? r_angle_refined_deg          ? ? 
'X-RAY DIFFRACTION' ? ?      ?      ?    ? r_angle_other_deg            ? ? 
'X-RAY DIFFRACTION' ? 11.510 5.000  181  ? r_dihedral_angle_1_deg       ? ? 
'X-RAY DIFFRACTION' ? 33.447 22.069 58   ? r_dihedral_angle_2_deg       ? ? 
'X-RAY DIFFRACTION' ? 18.232 15.000 235  ? r_dihedral_angle_3_deg       ? ? 
'X-RAY DIFFRACTION' ? 27.817 15.000 6    ? r_dihedral_angle_4_deg       ? ? 
'X-RAY DIFFRACTION' ? 0.154  0.200  221  ? r_chiral_restr               ? ? 
'X-RAY DIFFRACTION' ? 0.011  0.021  1124 ? r_gen_planes_refined         ? ? 
'X-RAY DIFFRACTION' ? ?      ?      ?    ? r_gen_planes_other           ? ? 
'X-RAY DIFFRACTION' ? ?      ?      ?    ? r_nbd_refined                ? ? 
'X-RAY DIFFRACTION' ? ?      ?      ?    ? r_nbd_other                  ? ? 
'X-RAY DIFFRACTION' ? ?      ?      ?    ? r_nbtor_refined              ? ? 
'X-RAY DIFFRACTION' ? ?      ?      ?    ? r_nbtor_other                ? ? 
'X-RAY DIFFRACTION' ? ?      ?      ?    ? r_xyhbond_nbd_refined        ? ? 
'X-RAY DIFFRACTION' ? ?      ?      ?    ? r_xyhbond_nbd_other          ? ? 
'X-RAY DIFFRACTION' ? ?      ?      ?    ? r_metal_ion_refined          ? ? 
'X-RAY DIFFRACTION' ? ?      ?      ?    ? r_metal_ion_other            ? ? 
'X-RAY DIFFRACTION' ? ?      ?      ?    ? r_symmetry_vdw_refined       ? ? 
'X-RAY DIFFRACTION' ? ?      ?      ?    ? r_symmetry_vdw_other         ? ? 
'X-RAY DIFFRACTION' ? ?      ?      ?    ? r_symmetry_hbond_refined     ? ? 
'X-RAY DIFFRACTION' ? ?      ?      ?    ? r_symmetry_hbond_other       ? ? 
'X-RAY DIFFRACTION' ? ?      ?      ?    ? r_symmetry_metal_ion_refined ? ? 
'X-RAY DIFFRACTION' ? ?      ?      ?    ? r_symmetry_metal_ion_other   ? ? 
'X-RAY DIFFRACTION' ? 6.168  5.575  732  ? r_mcbond_it                  ? ? 
'X-RAY DIFFRACTION' ? ?      ?      ?    ? r_mcbond_other               ? ? 
'X-RAY DIFFRACTION' ? 8.817  8.330  910  ? r_mcangle_it                 ? ? 
'X-RAY DIFFRACTION' ? ?      ?      ?    ? r_mcangle_other              ? ? 
'X-RAY DIFFRACTION' ? 7.834  6.157  777  ? r_scbond_it                  ? ? 
'X-RAY DIFFRACTION' ? ?      ?      ?    ? r_scbond_other               ? ? 
'X-RAY DIFFRACTION' ? ?      ?      ?    ? r_scangle_it                 ? ? 
'X-RAY DIFFRACTION' ? ?      ?      ?    ? r_scangle_other              ? ? 
'X-RAY DIFFRACTION' ? 13.504 ?      6385 ? r_long_range_B_refined       ? ? 
'X-RAY DIFFRACTION' ? ?      ?      ?    ? r_long_range_B_other         ? ? 
'X-RAY DIFFRACTION' ? ?      ?      ?    ? r_rigid_bond_restr           ? ? 
'X-RAY DIFFRACTION' ? ?      ?      ?    ? r_sphericity_free            ? ? 
'X-RAY DIFFRACTION' ? ?      ?      ?    ? r_sphericity_bonded          ? ? 
# 
_refine_ls_shell.pdbx_refine_id                   'X-RAY DIFFRACTION' 
_refine_ls_shell.d_res_high                       2.300 
_refine_ls_shell.d_res_low                        2.360 
_refine_ls_shell.number_reflns_all                ? 
_refine_ls_shell.number_reflns_obs                ? 
_refine_ls_shell.number_reflns_R_free             41 
_refine_ls_shell.number_reflns_R_work             919 
_refine_ls_shell.percent_reflns_obs               100.00 
_refine_ls_shell.percent_reflns_R_free            ? 
_refine_ls_shell.R_factor_all                     ? 
_refine_ls_shell.R_factor_obs                     ? 
_refine_ls_shell.R_factor_R_free                  0.318 
_refine_ls_shell.R_factor_R_free_error            ? 
_refine_ls_shell.R_factor_R_work                  0.314 
_refine_ls_shell.redundancy_reflns_all            ? 
_refine_ls_shell.redundancy_reflns_obs            ? 
_refine_ls_shell.wR_factor_all                    ? 
_refine_ls_shell.wR_factor_obs                    ? 
_refine_ls_shell.wR_factor_R_free                 ? 
_refine_ls_shell.wR_factor_R_work                 ? 
_refine_ls_shell.pdbx_R_complete                  ? 
_refine_ls_shell.pdbx_total_number_of_bins_used   20 
_refine_ls_shell.pdbx_phase_error                 ? 
_refine_ls_shell.pdbx_fsc_work                    ? 
_refine_ls_shell.pdbx_fsc_free                    ? 
# 
_struct.entry_id                     6VJ8 
_struct.title                        'Crystal structure of GlpG in complex with peptide chloromethylketone inhibitor' 
_struct.pdbx_model_details           ? 
_struct.pdbx_formula_weight          ? 
_struct.pdbx_formula_weight_method   ? 
_struct.pdbx_model_type_details      ? 
_struct.pdbx_CASP_flag               N 
# 
_struct_keywords.entry_id        6VJ8 
_struct_keywords.text            'inhibitor, complex, GlpG, rhomboid protease, HYDROLASE-HYDROLASE INHIBITOR complex' 
_struct_keywords.pdbx_keywords   'HYDROLASE/HYDROLASE INHIBITOR' 
# 
loop_
_struct_asym.id 
_struct_asym.pdbx_blank_PDB_chainid_flag 
_struct_asym.pdbx_modified 
_struct_asym.entity_id 
_struct_asym.details 
A N N 1 ? 
B N N 2 ? 
C N N 3 ? 
D N N 3 ? 
# 
loop_
_struct_conf.conf_type_id 
_struct_conf.id 
_struct_conf.pdbx_PDB_helix_id 
_struct_conf.beg_label_comp_id 
_struct_conf.beg_label_asym_id 
_struct_conf.beg_label_seq_id 
_struct_conf.pdbx_beg_PDB_ins_code 
_struct_conf.end_label_comp_id 
_struct_conf.end_label_asym_id 
_struct_conf.end_label_seq_id 
_struct_conf.pdbx_end_PDB_ins_code 
_struct_conf.beg_auth_comp_id 
_struct_conf.beg_auth_asym_id 
_struct_conf.beg_auth_seq_id 
_struct_conf.end_auth_comp_id 
_struct_conf.end_auth_asym_id 
_struct_conf.end_auth_seq_id 
_struct_conf.pdbx_PDB_helix_class 
_struct_conf.details 
_struct_conf.pdbx_PDB_helix_length 
HELX_P HELX_P1  AA1 GLY A 12  ? LEU A 32  ? GLY A 94  LEU A 114 1 ? 21 
HELX_P HELX_P2  AA2 GLY A 33  ? ALA A 42  ? GLY A 115 ALA A 124 1 ? 10 
HELX_P HELX_P3  AA3 ASP A 46  ? LYS A 50  ? ASP A 128 LYS A 132 5 ? 5  
HELX_P HELX_P4  AA4 TRP A 54  ? HIS A 59  ? TRP A 136 HIS A 141 1 ? 6  
HELX_P HELX_P5  AA5 ALA A 60  ? MET A 62  ? ALA A 142 MET A 144 5 ? 3  
HELX_P HELX_P6  AA6 SER A 65  ? GLY A 88  ? SER A 147 GLY A 170 1 ? 24 
HELX_P HELX_P7  AA7 GLY A 88  ? GLY A 112 ? GLY A 170 GLY A 194 1 ? 25 
HELX_P HELX_P8  AA8 LEU A 118 ? ARG A 135 ? LEU A 200 ARG A 217 1 ? 18 
HELX_P HELX_P9  AA9 ASP A 136 ? GLY A 140 ? ASP A 218 GLY A 222 5 ? 5  
HELX_P HELX_P10 AB1 GLN A 144 ? ASP A 161 ? GLN A 226 ASP A 243 1 ? 18 
HELX_P HELX_P11 AB2 ALA A 168 ? ASN A 189 ? ALA A 250 ASN A 271 1 ? 22 
# 
_struct_conf_type.id          HELX_P 
_struct_conf_type.criteria    ? 
_struct_conf_type.reference   ? 
# 
loop_
_struct_conn.id 
_struct_conn.conn_type_id 
_struct_conn.pdbx_leaving_atom_flag 
_struct_conn.pdbx_PDB_id 
_struct_conn.ptnr1_label_asym_id 
_struct_conn.ptnr1_label_comp_id 
_struct_conn.ptnr1_label_seq_id 
_struct_conn.ptnr1_label_atom_id 
_struct_conn.pdbx_ptnr1_label_alt_id 
_struct_conn.pdbx_ptnr1_PDB_ins_code 
_struct_conn.pdbx_ptnr1_standard_comp_id 
_struct_conn.ptnr1_symmetry 
_struct_conn.ptnr2_label_asym_id 
_struct_conn.ptnr2_label_comp_id 
_struct_conn.ptnr2_label_seq_id 
_struct_conn.ptnr2_label_atom_id 
_struct_conn.pdbx_ptnr2_label_alt_id 
_struct_conn.pdbx_ptnr2_PDB_ins_code 
_struct_conn.ptnr1_auth_asym_id 
_struct_conn.ptnr1_auth_comp_id 
_struct_conn.ptnr1_auth_seq_id 
_struct_conn.ptnr2_auth_asym_id 
_struct_conn.ptnr2_auth_comp_id 
_struct_conn.ptnr2_auth_seq_id 
_struct_conn.ptnr2_symmetry 
_struct_conn.pdbx_ptnr3_label_atom_id 
_struct_conn.pdbx_ptnr3_label_seq_id 
_struct_conn.pdbx_ptnr3_label_comp_id 
_struct_conn.pdbx_ptnr3_label_asym_id 
_struct_conn.pdbx_ptnr3_label_alt_id 
_struct_conn.pdbx_ptnr3_PDB_ins_code 
_struct_conn.details 
_struct_conn.pdbx_dist_value 
_struct_conn.pdbx_value_order 
_struct_conn.pdbx_role 
covale1 covale both ? B ACE 1 C ? ? ? 1_555 B VAL 2 N ? ? B ACE 497 B VAL 498 1_555 ? ? ? ? ? ? ? 1.354 ? ? 
covale2 covale both ? B MET 4 C ? ? ? 1_555 B QZA 5 N ? ? B MET 500 B QZA 501 1_555 ? ? ? ? ? ? ? 1.330 ? ? 
# 
_struct_conn_type.id          covale 
_struct_conn_type.criteria    ? 
_struct_conn_type.reference   ? 
# 
_struct_sheet.id               AA1 
_struct_sheet.type             ? 
_struct_sheet.number_strands   2 
_struct_sheet.details          ? 
# 
_struct_sheet_order.sheet_id     AA1 
_struct_sheet_order.range_id_1   1 
_struct_sheet_order.range_id_2   2 
_struct_sheet_order.offset       ? 
_struct_sheet_order.sense        parallel 
# 
loop_
_struct_sheet_range.sheet_id 
_struct_sheet_range.id 
_struct_sheet_range.beg_label_comp_id 
_struct_sheet_range.beg_label_asym_id 
_struct_sheet_range.beg_label_seq_id 
_struct_sheet_range.pdbx_beg_PDB_ins_code 
_struct_sheet_range.end_label_comp_id 
_struct_sheet_range.end_label_asym_id 
_struct_sheet_range.end_label_seq_id 
_struct_sheet_range.pdbx_end_PDB_ins_code 
_struct_sheet_range.beg_auth_comp_id 
_struct_sheet_range.beg_auth_asym_id 
_struct_sheet_range.beg_auth_seq_id 
_struct_sheet_range.end_auth_comp_id 
_struct_sheet_range.end_auth_asym_id 
_struct_sheet_range.end_auth_seq_id 
AA1 1 PHE A 115 ? GLY A 116 ? PHE A 197 GLY A 198 
AA1 2 ARG B 3   ? MET B 4   ? ARG B 499 MET B 500 
# 
_pdbx_struct_sheet_hbond.sheet_id                AA1 
_pdbx_struct_sheet_hbond.range_id_1              1 
_pdbx_struct_sheet_hbond.range_id_2              2 
_pdbx_struct_sheet_hbond.range_1_label_atom_id   N 
_pdbx_struct_sheet_hbond.range_1_label_comp_id   GLY 
_pdbx_struct_sheet_hbond.range_1_label_asym_id   A 
_pdbx_struct_sheet_hbond.range_1_label_seq_id    116 
_pdbx_struct_sheet_hbond.range_1_PDB_ins_code    ? 
_pdbx_struct_sheet_hbond.range_1_auth_atom_id    N 
_pdbx_struct_sheet_hbond.range_1_auth_comp_id    GLY 
_pdbx_struct_sheet_hbond.range_1_auth_asym_id    A 
_pdbx_struct_sheet_hbond.range_1_auth_seq_id     198 
_pdbx_struct_sheet_hbond.range_2_label_atom_id   O 
_pdbx_struct_sheet_hbond.range_2_label_comp_id   ARG 
_pdbx_struct_sheet_hbond.range_2_label_asym_id   B 
_pdbx_struct_sheet_hbond.range_2_label_seq_id    3 
_pdbx_struct_sheet_hbond.range_2_PDB_ins_code    ? 
_pdbx_struct_sheet_hbond.range_2_auth_atom_id    O 
_pdbx_struct_sheet_hbond.range_2_auth_comp_id    ARG 
_pdbx_struct_sheet_hbond.range_2_auth_asym_id    B 
_pdbx_struct_sheet_hbond.range_2_auth_seq_id     499 
# 
_atom_sites.entry_id                    6VJ8 
_atom_sites.Cartn_transf_matrix[1][1]   ? 
_atom_sites.Cartn_transf_matrix[1][2]   ? 
_atom_sites.Cartn_transf_matrix[1][3]   ? 
_atom_sites.Cartn_transf_matrix[2][1]   ? 
_atom_sites.Cartn_transf_matrix[2][2]   ? 
_atom_sites.Cartn_transf_matrix[2][3]   ? 
_atom_sites.Cartn_transf_matrix[3][1]   ? 
_atom_sites.Cartn_transf_matrix[3][2]   ? 
_atom_sites.Cartn_transf_matrix[3][3]   ? 
_atom_sites.Cartn_transf_vector[1]      ? 
_atom_sites.Cartn_transf_vector[2]      ? 
_atom_sites.Cartn_transf_vector[3]      ? 
_atom_sites.fract_transf_matrix[1][1]   -0.00727058 
_atom_sites.fract_transf_matrix[1][2]   0.00754899 
_atom_sites.fract_transf_matrix[1][3]   0.00049546 
_atom_sites.fract_transf_matrix[2][1]   0.00249785 
_atom_sites.fract_transf_matrix[2][2]   0.00986542 
_atom_sites.fract_transf_matrix[2][3]   -0.00255682 
_atom_sites.fract_transf_matrix[3][1]   -0.00199274 
_atom_sites.fract_transf_matrix[3][2]   -0.00142947 
_atom_sites.fract_transf_matrix[3][3]   -0.00746235 
_atom_sites.fract_transf_vector[1]      -0.202016 
_atom_sites.fract_transf_vector[2]      -0.078961 
_atom_sites.fract_transf_vector[3]      -0.148349 
_atom_sites.solution_primary            ? 
_atom_sites.solution_secondary          ? 
_atom_sites.solution_hydrogens          ? 
_atom_sites.special_details             ? 
# 
loop_
_atom_type.symbol 
C  
CL 
N  
O  
S  
# 
loop_
_atom_site.group_PDB 
_atom_site.id 
_atom_site.type_symbol 
_atom_site.label_atom_id 
_atom_site.label_alt_id 
_atom_site.label_comp_id 
_atom_site.label_asym_id 
_atom_site.label_entity_id 
_atom_site.label_seq_id 
_atom_site.pdbx_PDB_ins_code 
_atom_site.Cartn_x 
_atom_site.Cartn_y 
_atom_site.Cartn_z 
_atom_site.occupancy 
_atom_site.B_iso_or_equiv 
_atom_site.pdbx_formal_charge 
_atom_site.auth_seq_id 
_atom_site.auth_comp_id 
_atom_site.auth_asym_id 
_atom_site.auth_atom_id 
_atom_site.pdbx_PDB_model_num 
ATOM   1    N  N   . ALA A 1 11  ? 1.945   13.307  11.782  1.00 67.73  ? 93  ALA A N   1 
ATOM   2    C  CA  . ALA A 1 11  ? 2.637   12.629  10.696  1.00 69.29  ? 93  ALA A CA  1 
ATOM   3    C  C   . ALA A 1 11  ? 4.173   12.758  10.843  1.00 71.15  ? 93  ALA A C   1 
ATOM   4    O  O   . ALA A 1 11  ? 4.710   13.835  10.533  1.00 66.62  ? 93  ALA A O   1 
ATOM   5    C  CB  . ALA A 1 11  ? 2.146   13.176  9.345   1.00 69.03  ? 93  ALA A CB  1 
ATOM   6    N  N   . GLY A 1 12  ? 4.843   11.666  11.299  1.00 58.17  ? 94  GLY A N   1 
ATOM   7    C  CA  . GLY A 1 12  ? 6.327   11.558  11.423  1.00 49.44  ? 94  GLY A CA  1 
ATOM   8    C  C   . GLY A 1 12  ? 7.031   11.594  10.057  1.00 55.23  ? 94  GLY A C   1 
ATOM   9    O  O   . GLY A 1 12  ? 6.345   11.702  9.003   1.00 53.84  ? 94  GLY A O   1 
ATOM   10   N  N   . PRO A 1 13  ? 8.383   11.488  10.033  1.00 46.35  ? 95  PRO A N   1 
ATOM   11   C  CA  . PRO A 1 13  ? 9.144   11.645  8.800   1.00 45.12  ? 95  PRO A CA  1 
ATOM   12   C  C   . PRO A 1 13  ? 8.798   10.619  7.675   1.00 47.39  ? 95  PRO A C   1 
ATOM   13   O  O   . PRO A 1 13  ? 8.853   11.011  6.499   1.00 55.59  ? 95  PRO A O   1 
ATOM   14   C  CB  . PRO A 1 13  ? 10.608  11.481  9.279   1.00 43.53  ? 95  PRO A CB  1 
ATOM   15   C  CG  . PRO A 1 13  ? 10.473  10.527  10.394  1.00 46.18  ? 95  PRO A CG  1 
ATOM   16   C  CD  . PRO A 1 13  ? 9.262   11.049  11.135  1.00 49.02  ? 95  PRO A CD  1 
ATOM   17   N  N   . VAL A 1 14  ? 8.470   9.349   8.022   1.00 48.71  ? 96  VAL A N   1 
ATOM   18   C  CA  . VAL A 1 14  ? 8.150   8.268   7.036   1.00 49.42  ? 96  VAL A CA  1 
ATOM   19   C  C   . VAL A 1 14  ? 6.777   8.487   6.429   1.00 45.08  ? 96  VAL A C   1 
ATOM   20   O  O   . VAL A 1 14  ? 6.578   8.342   5.190   1.00 46.97  ? 96  VAL A O   1 
ATOM   21   C  CB  . VAL A 1 14  ? 8.201   6.800   7.610   1.00 48.19  ? 96  VAL A CB  1 
ATOM   22   C  CG1 . VAL A 1 14  ? 8.037   5.752   6.489   1.00 35.82  ? 96  VAL A CG1 1 
ATOM   23   C  CG2 . VAL A 1 14  ? 9.491   6.579   8.335   1.00 45.48  ? 96  VAL A CG2 1 
ATOM   24   N  N   . THR A 1 15  ? 5.823   8.817   7.303   1.00 48.27  ? 97  THR A N   1 
ATOM   25   C  CA  . THR A 1 15  ? 4.439   9.104   6.893   1.00 47.41  ? 97  THR A CA  1 
ATOM   26   C  C   . THR A 1 15  ? 4.428   10.264  5.912   1.00 46.23  ? 97  THR A C   1 
ATOM   27   O  O   . THR A 1 15  ? 3.841   10.187  4.827   1.00 49.02  ? 97  THR A O   1 
ATOM   28   C  CB  . THR A 1 15  ? 3.570   9.443   8.101   1.00 49.29  ? 97  THR A CB  1 
ATOM   29   O  OG1 . THR A 1 15  ? 3.576   8.319   8.964   1.00 49.28  ? 97  THR A OG1 1 
ATOM   30   C  CG2 . THR A 1 15  ? 2.109   9.679   7.635   1.00 49.24  ? 97  THR A CG2 1 
ATOM   31   N  N   . TRP A 1 16  ? 5.147   11.304  6.297   1.00 43.70  ? 98  TRP A N   1 
ATOM   32   C  CA  . TRP A 1 16  ? 5.445   12.465  5.458   1.00 50.21  ? 98  TRP A CA  1 
ATOM   33   C  C   . TRP A 1 16  ? 6.240   12.257  4.158   1.00 52.04  ? 98  TRP A C   1 
ATOM   34   O  O   . TRP A 1 16  ? 5.715   12.681  3.139   1.00 54.82  ? 98  TRP A O   1 
ATOM   35   C  CB  . TRP A 1 16  ? 6.135   13.490  6.351   1.00 52.38  ? 98  TRP A CB  1 
ATOM   36   C  CG  . TRP A 1 16  ? 6.429   14.833  5.774   1.00 65.42  ? 98  TRP A CG  1 
ATOM   37   C  CD1 . TRP A 1 16  ? 7.641   15.482  5.813   1.00 62.78  ? 98  TRP A CD1 1 
ATOM   38   C  CD2 . TRP A 1 16  ? 5.502   15.745  5.138   1.00 63.57  ? 98  TRP A CD2 1 
ATOM   39   N  NE1 . TRP A 1 16  ? 7.532   16.717  5.219   1.00 66.92  ? 98  TRP A NE1 1 
ATOM   40   C  CE2 . TRP A 1 16  ? 6.239   16.911  4.802   1.00 64.35  ? 98  TRP A CE2 1 
ATOM   41   C  CE3 . TRP A 1 16  ? 4.131   15.688  4.818   1.00 59.64  ? 98  TRP A CE3 1 
ATOM   42   C  CZ2 . TRP A 1 16  ? 5.654   18.008  4.157   1.00 63.79  ? 98  TRP A CZ2 1 
ATOM   43   C  CZ3 . TRP A 1 16  ? 3.557   16.759  4.147   1.00 62.44  ? 98  TRP A CZ3 1 
ATOM   44   C  CH2 . TRP A 1 16  ? 4.311   17.916  3.844   1.00 65.10  ? 98  TRP A CH2 1 
ATOM   45   N  N   . VAL A 1 17  ? 7.478   11.664  4.160   1.00 48.37  ? 99  VAL A N   1 
ATOM   46   C  CA  . VAL A 1 17  ? 8.248   11.541  2.894   1.00 46.83  ? 99  VAL A CA  1 
ATOM   47   C  C   . VAL A 1 17  ? 7.440   10.736  1.904   1.00 42.01  ? 99  VAL A C   1 
ATOM   48   O  O   . VAL A 1 17  ? 7.448   11.023  0.697   1.00 46.95  ? 99  VAL A O   1 
ATOM   49   C  CB  . VAL A 1 17  ? 9.680   10.894  2.985   1.00 52.32  ? 99  VAL A CB  1 
ATOM   50   C  CG1 . VAL A 1 17  ? 10.629  11.813  3.681   1.00 49.60  ? 99  VAL A CG1 1 
ATOM   51   C  CG2 . VAL A 1 17  ? 9.656   9.559   3.718   1.00 62.21  ? 99  VAL A CG2 1 
ATOM   52   N  N   . MET A 1 18  ? 6.706   9.757   2.431   1.00 42.04  ? 100 MET A N   1 
ATOM   53   C  CA  . MET A 1 18  ? 5.844   8.927   1.594   1.00 47.92  ? 100 MET A CA  1 
ATOM   54   C  C   . MET A 1 18  ? 4.689   9.671   0.814   1.00 49.08  ? 100 MET A C   1 
ATOM   55   O  O   . MET A 1 18  ? 4.413   9.429   -0.420  1.00 43.19  ? 100 MET A O   1 
ATOM   56   C  CB  . MET A 1 18  ? 5.338   7.744   2.424   1.00 41.51  ? 100 MET A CB  1 
ATOM   57   C  CG  . MET A 1 18  ? 4.400   6.851   1.623   1.00 52.82  ? 100 MET A CG  1 
ATOM   58   S  SD  . MET A 1 18  ? 5.055   6.019   0.132   1.00 59.76  ? 100 MET A SD  1 
ATOM   59   C  CE  . MET A 1 18  ? 5.908   4.646   0.941   1.00 50.90  ? 100 MET A CE  1 
ATOM   60   N  N   . MET A 1 19  ? 4.032   10.571  1.536   1.00 46.98  ? 101 MET A N   1 
ATOM   61   C  CA  . MET A 1 19  ? 2.901   11.373  0.999   1.00 49.76  ? 101 MET A CA  1 
ATOM   62   C  C   . MET A 1 19  ? 3.475   12.285  -0.014  1.00 47.10  ? 101 MET A C   1 
ATOM   63   O  O   . MET A 1 19  ? 2.982   12.306  -1.166  1.00 44.73  ? 101 MET A O   1 
ATOM   64   C  CB  . MET A 1 19  ? 2.194   12.165  2.096   1.00 46.36  ? 101 MET A CB  1 
ATOM   65   C  CG  . MET A 1 19  ? 1.239   11.257  2.863   1.00 52.00  ? 101 MET A CG  1 
ATOM   66   S  SD  . MET A 1 19  ? 0.414   11.860  4.352   1.00 61.04  ? 101 MET A SD  1 
ATOM   67   C  CE  . MET A 1 19  ? 1.685   12.736  5.220   1.00 53.30  ? 101 MET A CE  1 
ATOM   68   N  N   . ILE A 1 20  ? 4.573   12.947  0.387   1.00 42.74  ? 102 ILE A N   1 
ATOM   69   C  CA  . ILE A 1 20  ? 5.350   13.795  -0.548  1.00 49.78  ? 102 ILE A CA  1 
ATOM   70   C  C   . ILE A 1 20  ? 5.749   13.111  -1.833  1.00 49.69  ? 102 ILE A C   1 
ATOM   71   O  O   . ILE A 1 20  ? 5.481   13.660  -2.897  1.00 55.63  ? 102 ILE A O   1 
ATOM   72   C  CB  . ILE A 1 20  ? 6.626   14.337  0.043   1.00 50.26  ? 102 ILE A CB  1 
ATOM   73   C  CG1 . ILE A 1 20  ? 6.301   15.514  0.901   1.00 61.78  ? 102 ILE A CG1 1 
ATOM   74   C  CG2 . ILE A 1 20  ? 7.507   14.915  -1.047  1.00 56.80  ? 102 ILE A CG2 1 
ATOM   75   C  CD1 . ILE A 1 20  ? 7.490   15.880  1.766   1.00 78.55  ? 102 ILE A CD1 1 
ATOM   76   N  N   . ALA A 1 21  ? 6.362   11.918  -1.712  1.00 48.05  ? 103 ALA A N   1 
ATOM   77   C  CA  . ALA A 1 21  ? 6.915   11.193  -2.847  1.00 43.08  ? 103 ALA A CA  1 
ATOM   78   C  C   . ALA A 1 21  ? 5.758   10.828  -3.732  1.00 40.20  ? 103 ALA A C   1 
ATOM   79   O  O   . ALA A 1 21  ? 5.847   10.908  -4.924  1.00 48.62  ? 103 ALA A O   1 
ATOM   80   C  CB  . ALA A 1 21  ? 7.655   9.934   -2.368  1.00 40.66  ? 103 ALA A CB  1 
ATOM   81   N  N   . CYS A 1 22  ? 4.658   10.386  -3.138  1.00 44.94  ? 104 CYS A N   1 
ATOM   82   C  CA  . CYS A 1 22  ? 3.475   10.060  -3.898  1.00 46.72  ? 104 CYS A CA  1 
ATOM   83   C  C   . CYS A 1 22  ? 2.867   11.254  -4.696  1.00 46.91  ? 104 CYS A C   1 
ATOM   84   O  O   . CYS A 1 22  ? 2.379   11.063  -5.842  1.00 51.47  ? 104 CYS A O   1 
ATOM   85   C  CB  . CYS A 1 22  ? 2.424   9.468   -2.960  1.00 46.12  ? 104 CYS A CB  1 
ATOM   86   S  SG  . CYS A 1 22  ? 2.757   7.745   -2.523  1.00 46.01  ? 104 CYS A SG  1 
ATOM   87   N  N   . VAL A 1 23  ? 2.888   12.440  -4.081  1.00 43.86  ? 105 VAL A N   1 
ATOM   88   C  CA  . VAL A 1 23  ? 2.411   13.680  -4.722  1.00 52.02  ? 105 VAL A CA  1 
ATOM   89   C  C   . VAL A 1 23  ? 3.386   14.097  -5.855  1.00 56.66  ? 105 VAL A C   1 
ATOM   90   O  O   . VAL A 1 23  ? 2.981   14.212  -7.043  1.00 58.66  ? 105 VAL A O   1 
ATOM   91   C  CB  . VAL A 1 23  ? 2.084   14.758  -3.662  1.00 52.66  ? 105 VAL A CB  1 
ATOM   92   C  CG1 . VAL A 1 23  ? 1.861   16.108  -4.309  1.00 56.57  ? 105 VAL A CG1 1 
ATOM   93   C  CG2 . VAL A 1 23  ? 0.839   14.308  -2.885  1.00 44.47  ? 105 VAL A CG2 1 
ATOM   94   N  N   . VAL A 1 24  ? 4.671   14.217  -5.518  1.00 49.64  ? 106 VAL A N   1 
ATOM   95   C  CA  . VAL A 1 24  ? 5.703   14.444  -6.541  1.00 51.10  ? 106 VAL A CA  1 
ATOM   96   C  C   . VAL A 1 24  ? 5.525   13.474  -7.747  1.00 50.54  ? 106 VAL A C   1 
ATOM   97   O  O   . VAL A 1 24  ? 5.439   13.919  -8.879  1.00 53.08  ? 106 VAL A O   1 
ATOM   98   C  CB  . VAL A 1 24  ? 7.084   14.459  -5.889  1.00 48.61  ? 106 VAL A CB  1 
ATOM   99   C  CG1 . VAL A 1 24  ? 8.204   14.382  -6.916  1.00 51.05  ? 106 VAL A CG1 1 
ATOM   100  C  CG2 . VAL A 1 24  ? 7.175   15.726  -5.066  1.00 46.47  ? 106 VAL A CG2 1 
ATOM   101  N  N   . VAL A 1 25  ? 5.405   12.161  -7.501  1.00 47.10  ? 107 VAL A N   1 
ATOM   102  C  CA  . VAL A 1 25  ? 5.136   11.191  -8.579  1.00 47.02  ? 107 VAL A CA  1 
ATOM   103  C  C   . VAL A 1 25  ? 3.814   11.413  -9.345  1.00 46.08  ? 107 VAL A C   1 
ATOM   104  O  O   . VAL A 1 25  ? 3.740   11.242  -10.559 1.00 51.55  ? 107 VAL A O   1 
ATOM   105  C  CB  . VAL A 1 25  ? 5.248   9.722   -8.107  1.00 40.44  ? 107 VAL A CB  1 
ATOM   106  C  CG1 . VAL A 1 25  ? 4.936   8.740   -9.279  1.00 31.96  ? 107 VAL A CG1 1 
ATOM   107  C  CG2 . VAL A 1 25  ? 6.668   9.520   -7.563  1.00 41.70  ? 107 VAL A CG2 1 
ATOM   108  N  N   . PHE A 1 26  ? 2.759   11.750  -8.630  1.00 50.99  ? 108 PHE A N   1 
ATOM   109  C  CA  . PHE A 1 26  ? 1.469   11.964  -9.274  1.00 51.16  ? 108 PHE A CA  1 
ATOM   110  C  C   . PHE A 1 26  ? 1.597   13.203  -10.221 1.00 53.97  ? 108 PHE A C   1 
ATOM   111  O  O   . PHE A 1 26  ? 1.130   13.142  -11.385 1.00 47.66  ? 108 PHE A O   1 
ATOM   112  C  CB  . PHE A 1 26  ? 0.397   12.161  -8.200  1.00 46.57  ? 108 PHE A CB  1 
ATOM   113  C  CG  . PHE A 1 26  ? -0.982  12.190  -8.716  1.00 42.71  ? 108 PHE A CG  1 
ATOM   114  C  CD1 . PHE A 1 26  ? -1.687  13.436  -8.763  1.00 50.56  ? 108 PHE A CD1 1 
ATOM   115  C  CD2 . PHE A 1 26  ? -1.621  11.010  -9.131  1.00 49.93  ? 108 PHE A CD2 1 
ATOM   116  C  CE1 . PHE A 1 26  ? -2.989  13.497  -9.247  1.00 45.71  ? 108 PHE A CE1 1 
ATOM   117  C  CE2 . PHE A 1 26  ? -2.948  11.057  -9.599  1.00 57.08  ? 108 PHE A CE2 1 
ATOM   118  C  CZ  . PHE A 1 26  ? -3.627  12.313  -9.653  1.00 59.88  ? 108 PHE A CZ  1 
ATOM   119  N  N   . ILE A 1 27  ? 2.279   14.262  -9.741  1.00 39.69  ? 109 ILE A N   1 
ATOM   120  C  CA  . ILE A 1 27  ? 2.555   15.432  -10.573 1.00 51.98  ? 109 ILE A CA  1 
ATOM   121  C  C   . ILE A 1 27  ? 3.308   15.032  -11.882 1.00 55.76  ? 109 ILE A C   1 
ATOM   122  O  O   . ILE A 1 27  ? 2.774   15.284  -12.989 1.00 60.93  ? 109 ILE A O   1 
ATOM   123  C  CB  . ILE A 1 27  ? 3.313   16.545  -9.842  1.00 51.82  ? 109 ILE A CB  1 
ATOM   124  C  CG1 . ILE A 1 27  ? 2.478   17.133  -8.690  1.00 50.66  ? 109 ILE A CG1 1 
ATOM   125  C  CG2 . ILE A 1 27  ? 3.736   17.602  -10.873 1.00 52.95  ? 109 ILE A CG2 1 
ATOM   126  C  CD1 . ILE A 1 27  ? 3.278   17.995  -7.702  1.00 50.95  ? 109 ILE A CD1 1 
ATOM   127  N  N   . ALA A 1 28  ? 4.479   14.372  -11.764 1.00 53.22  ? 110 ALA A N   1 
ATOM   128  C  CA  . ALA A 1 28  ? 5.190   13.747  -12.940 1.00 44.83  ? 110 ALA A CA  1 
ATOM   129  C  C   . ALA A 1 28  ? 4.259   12.956  -13.879 1.00 50.18  ? 110 ALA A C   1 
ATOM   130  O  O   . ALA A 1 28  ? 4.486   12.894  -15.092 1.00 56.02  ? 110 ALA A O   1 
ATOM   131  C  CB  . ALA A 1 28  ? 6.345   12.853  -12.502 1.00 40.00  ? 110 ALA A CB  1 
ATOM   132  N  N   . MET A 1 29  ? 3.227   12.325  -13.335 1.00 50.09  ? 111 MET A N   1 
ATOM   133  C  CA  . MET A 1 29  ? 2.356   11.537  -14.192 1.00 53.59  ? 111 MET A CA  1 
ATOM   134  C  C   . MET A 1 29  ? 1.391   12.454  -14.951 1.00 56.65  ? 111 MET A C   1 
ATOM   135  O  O   . MET A 1 29  ? 0.916   12.098  -16.041 1.00 56.25  ? 111 MET A O   1 
ATOM   136  C  CB  . MET A 1 29  ? 1.629   10.431  -13.393 1.00 56.97  ? 111 MET A CB  1 
ATOM   137  C  CG  . MET A 1 29  ? 2.580   9.355   -12.770 1.00 51.64  ? 111 MET A CG  1 
ATOM   138  S  SD  . MET A 1 29  ? 1.731   8.171   -11.671 1.00 47.75  ? 111 MET A SD  1 
ATOM   139  C  CE  . MET A 1 29  ? 0.894   7.183   -12.883 1.00 39.26  ? 111 MET A CE  1 
ATOM   140  N  N   . GLN A 1 30  ? 1.118   13.635  -14.388 1.00 51.70  ? 112 GLN A N   1 
ATOM   141  C  CA  . GLN A 1 30  ? 0.186   14.563  -15.028 1.00 64.01  ? 112 GLN A CA  1 
ATOM   142  C  C   . GLN A 1 30  ? 0.959   15.273  -16.152 1.00 64.83  ? 112 GLN A C   1 
ATOM   143  O  O   . GLN A 1 30  ? 0.548   15.167  -17.302 1.00 56.33  ? 112 GLN A O   1 
ATOM   144  C  CB  . GLN A 1 30  ? -0.457  15.541  -14.032 1.00 55.01  ? 112 GLN A CB  1 
ATOM   145  C  CG  . GLN A 1 30  ? -1.495  14.968  -13.050 1.00 45.40  ? 112 GLN A CG  1 
ATOM   146  C  CD  . GLN A 1 30  ? -2.003  13.557  -13.304 1.00 52.69  ? 112 GLN A CD  1 
ATOM   147  O  OE1 . GLN A 1 30  ? -2.904  13.318  -14.130 1.00 58.37  ? 112 GLN A OE1 1 
ATOM   148  N  NE2 . GLN A 1 30  ? -1.488  12.603  -12.508 1.00 52.39  ? 112 GLN A NE2 1 
ATOM   149  N  N   . ILE A 1 31  ? 2.098   15.891  -15.791 1.00 59.83  ? 113 ILE A N   1 
ATOM   150  C  CA  . ILE A 1 31  ? 3.120   16.475  -16.693 1.00 62.45  ? 113 ILE A CA  1 
ATOM   151  C  C   . ILE A 1 31  ? 3.604   15.523  -17.774 1.00 67.97  ? 113 ILE A C   1 
ATOM   152  O  O   . ILE A 1 31  ? 3.313   15.782  -18.916 1.00 80.33  ? 113 ILE A O   1 
ATOM   153  C  CB  . ILE A 1 31  ? 4.361   17.066  -15.935 1.00 62.27  ? 113 ILE A CB  1 
ATOM   154  C  CG1 . ILE A 1 31  ? 3.927   18.209  -15.034 1.00 54.89  ? 113 ILE A CG1 1 
ATOM   155  C  CG2 . ILE A 1 31  ? 5.470   17.536  -16.891 1.00 61.72  ? 113 ILE A CG2 1 
ATOM   156  C  CD1 . ILE A 1 31  ? 5.004   18.725  -14.106 1.00 56.31  ? 113 ILE A CD1 1 
ATOM   157  N  N   . LEU A 1 32  ? 4.313   14.438  -17.425 1.00 67.55  ? 114 LEU A N   1 
ATOM   158  C  CA  . LEU A 1 32  ? 4.943   13.525  -18.437 1.00 60.98  ? 114 LEU A CA  1 
ATOM   159  C  C   . LEU A 1 32  ? 3.979   12.506  -19.036 1.00 53.51  ? 114 LEU A C   1 
ATOM   160  O  O   . LEU A 1 32  ? 4.298   11.857  -20.047 1.00 60.20  ? 114 LEU A O   1 
ATOM   161  C  CB  . LEU A 1 32  ? 6.236   12.845  -17.894 1.00 60.46  ? 114 LEU A CB  1 
ATOM   162  C  CG  . LEU A 1 32  ? 7.187   13.907  -17.307 1.00 68.48  ? 114 LEU A CG  1 
ATOM   163  C  CD1 . LEU A 1 32  ? 8.130   13.358  -16.239 1.00 72.83  ? 114 LEU A CD1 1 
ATOM   164  C  CD2 . LEU A 1 32  ? 7.965   14.643  -18.393 1.00 68.70  ? 114 LEU A CD2 1 
ATOM   165  N  N   . GLY A 1 33  ? 2.804   12.349  -18.424 1.00 47.78  ? 115 GLY A N   1 
ATOM   166  C  CA  . GLY A 1 33  ? 1.943   11.204  -18.765 1.00 47.62  ? 115 GLY A CA  1 
ATOM   167  C  C   . GLY A 1 33  ? 2.194   9.951   -17.904 1.00 54.03  ? 115 GLY A C   1 
ATOM   168  O  O   . GLY A 1 33  ? 3.314   9.708   -17.471 1.00 52.84  ? 115 GLY A O   1 
ATOM   169  N  N   . ASP A 1 34  ? 1.138   9.177   -17.659 1.00 52.06  ? 116 ASP A N   1 
ATOM   170  C  CA  . ASP A 1 34  ? 1.182   7.917   -16.927 1.00 64.86  ? 116 ASP A CA  1 
ATOM   171  C  C   . ASP A 1 34  ? 2.264   6.903   -17.446 1.00 65.72  ? 116 ASP A C   1 
ATOM   172  O  O   . ASP A 1 34  ? 3.111   6.452   -16.647 1.00 60.46  ? 116 ASP A O   1 
ATOM   173  C  CB  . ASP A 1 34  ? -0.183  7.250   -16.946 1.00 54.59  ? 116 ASP A CB  1 
ATOM   174  C  CG  . ASP A 1 34  ? -1.191  7.904   -15.921 1.00 61.31  ? 116 ASP A CG  1 
ATOM   175  O  OD1 . ASP A 1 34  ? -0.825  8.859   -15.116 1.00 54.84  ? 116 ASP A OD1 1 
ATOM   176  O  OD2 . ASP A 1 34  ? -2.347  7.393   -15.903 1.00 62.58  ? 116 ASP A OD2 1 
ATOM   177  N  N   . GLN A 1 35  ? 2.222   6.565   -18.745 1.00 67.10  ? 117 GLN A N   1 
ATOM   178  C  CA  . GLN A 1 35  ? 3.156   5.589   -19.366 1.00 70.29  ? 117 GLN A CA  1 
ATOM   179  C  C   . GLN A 1 35  ? 4.635   5.951   -19.253 1.00 66.92  ? 117 GLN A C   1 
ATOM   180  O  O   . GLN A 1 35  ? 5.478   5.081   -19.080 1.00 71.36  ? 117 GLN A O   1 
ATOM   181  C  CB  . GLN A 1 35  ? 2.856   5.387   -20.828 1.00 62.30  ? 117 GLN A CB  1 
ATOM   182  C  CG  . GLN A 1 35  ? 1.776   4.379   -21.101 1.00 86.02  ? 117 GLN A CG  1 
ATOM   183  C  CD  . GLN A 1 35  ? 0.390   4.988   -20.961 1.00 97.35  ? 117 GLN A CD  1 
ATOM   184  O  OE1 . GLN A 1 35  ? 0.230   6.217   -21.011 1.00 81.98  ? 117 GLN A OE1 1 
ATOM   185  N  NE2 . GLN A 1 35  ? -0.627  4.124   -20.774 1.00 100.61 ? 117 GLN A NE2 1 
ATOM   186  N  N   . GLU A 1 36  ? 4.934   7.233   -19.358 1.00 57.52  ? 118 GLU A N   1 
ATOM   187  C  CA  . GLU A 1 36  ? 6.290   7.680   -19.257 1.00 63.59  ? 118 GLU A CA  1 
ATOM   188  C  C   . GLU A 1 36  ? 6.826   7.361   -17.870 1.00 59.92  ? 118 GLU A C   1 
ATOM   189  O  O   . GLU A 1 36  ? 7.959   6.859   -17.735 1.00 55.46  ? 118 GLU A O   1 
ATOM   190  C  CB  . GLU A 1 36  ? 6.444   9.172   -19.632 1.00 49.89  ? 118 GLU A CB  1 
ATOM   191  C  CG  . GLU A 1 36  ? 6.780   9.406   -21.133 1.00 82.14  ? 118 GLU A CG  1 
ATOM   192  C  CD  . GLU A 1 36  ? 8.026   8.647   -21.700 1.00 77.77  ? 118 GLU A CD  1 
ATOM   193  O  OE1 . GLU A 1 36  ? 9.001   8.390   -20.969 1.00 91.35  ? 118 GLU A OE1 1 
ATOM   194  O  OE2 . GLU A 1 36  ? 8.070   8.310   -22.911 1.00 79.41  ? 118 GLU A OE2 1 
ATOM   195  N  N   . VAL A 1 37  ? 6.002   7.659   -16.861 1.00 54.54  ? 119 VAL A N   1 
ATOM   196  C  CA  . VAL A 1 37  ? 6.403   7.459   -15.497 1.00 54.37  ? 119 VAL A CA  1 
ATOM   197  C  C   . VAL A 1 37  ? 6.412   5.962   -15.223 1.00 53.82  ? 119 VAL A C   1 
ATOM   198  O  O   . VAL A 1 37  ? 7.359   5.480   -14.621 1.00 48.74  ? 119 VAL A O   1 
ATOM   199  C  CB  . VAL A 1 37  ? 5.619   8.309   -14.517 1.00 53.84  ? 119 VAL A CB  1 
ATOM   200  C  CG1 . VAL A 1 37  ? 5.964   7.943   -13.081 1.00 51.39  ? 119 VAL A CG1 1 
ATOM   201  C  CG2 . VAL A 1 37  ? 5.988   9.767   -14.742 1.00 48.40  ? 119 VAL A CG2 1 
ATOM   202  N  N   . MET A 1 38  ? 5.434   5.227   -15.750 1.00 48.42  ? 120 MET A N   1 
ATOM   203  C  CA  . MET A 1 38  ? 5.417   3.807   -15.561 1.00 53.52  ? 120 MET A CA  1 
ATOM   204  C  C   . MET A 1 38  ? 6.718   3.170   -16.037 1.00 63.22  ? 120 MET A C   1 
ATOM   205  O  O   . MET A 1 38  ? 7.336   2.352   -15.320 1.00 65.13  ? 120 MET A O   1 
ATOM   206  C  CB  . MET A 1 38  ? 4.203   3.166   -16.184 1.00 51.21  ? 120 MET A CB  1 
ATOM   207  C  CG  . MET A 1 38  ? 2.997   3.197   -15.256 1.00 60.57  ? 120 MET A CG  1 
ATOM   208  S  SD  . MET A 1 38  ? 1.688   2.049   -15.760 1.00 72.15  ? 120 MET A SD  1 
ATOM   209  C  CE  . MET A 1 38  ? 1.198   2.796   -17.318 1.00 65.10  ? 120 MET A CE  1 
ATOM   210  N  N   . LEU A 1 39  ? 7.164   3.621   -17.196 1.00 63.31  ? 121 LEU A N   1 
ATOM   211  C  CA  . LEU A 1 39  ? 8.341   3.097   -17.883 1.00 62.13  ? 121 LEU A CA  1 
ATOM   212  C  C   . LEU A 1 39  ? 9.565   3.146   -16.996 1.00 55.60  ? 121 LEU A C   1 
ATOM   213  O  O   . LEU A 1 39  ? 10.303  2.193   -16.947 1.00 58.08  ? 121 LEU A O   1 
ATOM   214  C  CB  . LEU A 1 39  ? 8.584   3.952   -19.103 1.00 61.90  ? 121 LEU A CB  1 
ATOM   215  C  CG  . LEU A 1 39  ? 9.089   3.244   -20.311 1.00 61.93  ? 121 LEU A CG  1 
ATOM   216  C  CD1 . LEU A 1 39  ? 7.909   2.413   -20.775 1.00 53.69  ? 121 LEU A CD1 1 
ATOM   217  C  CD2 . LEU A 1 39  ? 9.535   4.249   -21.378 1.00 71.64  ? 121 LEU A CD2 1 
ATOM   218  N  N   . TRP A 1 40  ? 9.728   4.256   -16.292 1.00 48.12  ? 122 TRP A N   1 
ATOM   219  C  CA  . TRP A 1 40  ? 10.718  4.424   -15.246 1.00 49.61  ? 122 TRP A CA  1 
ATOM   220  C  C   . TRP A 1 40  ? 10.443  3.699   -13.873 1.00 56.86  ? 122 TRP A C   1 
ATOM   221  O  O   . TRP A 1 40  ? 11.385  3.284   -13.199 1.00 54.31  ? 122 TRP A O   1 
ATOM   222  C  CB  . TRP A 1 40  ? 10.945  5.927   -15.075 1.00 55.65  ? 122 TRP A CB  1 
ATOM   223  C  CG  . TRP A 1 40  ? 11.959  6.407   -16.130 1.00 92.36  ? 122 TRP A CG  1 
ATOM   224  C  CD1 . TRP A 1 40  ? 12.471  5.662   -17.182 1.00 92.40  ? 122 TRP A CD1 1 
ATOM   225  C  CD2 . TRP A 1 40  ? 12.577  7.703   -16.221 1.00 104.58 ? 122 TRP A CD2 1 
ATOM   226  N  NE1 . TRP A 1 40  ? 13.382  6.415   -17.898 1.00 98.66  ? 122 TRP A NE1 1 
ATOM   227  C  CE2 . TRP A 1 40  ? 13.466  7.668   -17.336 1.00 105.93 ? 122 TRP A CE2 1 
ATOM   228  C  CE3 . TRP A 1 40  ? 12.463  8.898   -15.475 1.00 111.46 ? 122 TRP A CE3 1 
ATOM   229  C  CZ2 . TRP A 1 40  ? 14.244  8.787   -17.716 1.00 107.38 ? 122 TRP A CZ2 1 
ATOM   230  C  CZ3 . TRP A 1 40  ? 13.244  10.013  -15.855 1.00 110.36 ? 122 TRP A CZ3 1 
ATOM   231  C  CH2 . TRP A 1 40  ? 14.117  9.943   -16.967 1.00 110.85 ? 122 TRP A CH2 1 
ATOM   232  N  N   . LEU A 1 41  ? 9.177   3.541   -13.466 1.00 47.42  ? 123 LEU A N   1 
ATOM   233  C  CA  . LEU A 1 41  ? 8.893   3.140   -12.082 1.00 44.57  ? 123 LEU A CA  1 
ATOM   234  C  C   . LEU A 1 41  ? 8.161   1.823   -11.902 1.00 37.30  ? 123 LEU A C   1 
ATOM   235  O  O   . LEU A 1 41  ? 8.134   1.342   -10.792 1.00 38.10  ? 123 LEU A O   1 
ATOM   236  C  CB  . LEU A 1 41  ? 8.157   4.222   -11.291 1.00 45.03  ? 123 LEU A CB  1 
ATOM   237  C  CG  . LEU A 1 41  ? 8.812   5.553   -11.077 1.00 45.90  ? 123 LEU A CG  1 
ATOM   238  C  CD1 . LEU A 1 41  ? 7.978   6.361   -10.070 1.00 39.74  ? 123 LEU A CD1 1 
ATOM   239  C  CD2 . LEU A 1 41  ? 10.256  5.378   -10.619 1.00 35.61  ? 123 LEU A CD2 1 
ATOM   240  N  N   . ALA A 1 42  ? 7.587   1.253   -12.976 1.00 34.22  ? 124 ALA A N   1 
ATOM   241  C  CA  . ALA A 1 42  ? 6.854   -0.008  -12.911 1.00 34.63  ? 124 ALA A CA  1 
ATOM   242  C  C   . ALA A 1 42  ? 7.772   -1.186  -12.543 1.00 37.94  ? 124 ALA A C   1 
ATOM   243  O  O   . ALA A 1 42  ? 8.972   -1.164  -12.838 1.00 39.53  ? 124 ALA A O   1 
ATOM   244  C  CB  . ALA A 1 42  ? 6.199   -0.276  -14.246 1.00 34.26  ? 124 ALA A CB  1 
ATOM   245  N  N   . TRP A 1 43  ? 7.173   -2.228  -11.978 1.00 36.23  ? 125 TRP A N   1 
ATOM   246  C  CA  . TRP A 1 43  ? 7.821   -3.491  -11.760 1.00 41.35  ? 125 TRP A CA  1 
ATOM   247  C  C   . TRP A 1 43  ? 8.467   -3.969  -13.056 1.00 47.02  ? 125 TRP A C   1 
ATOM   248  O  O   . TRP A 1 43  ? 7.871   -3.803  -14.144 1.00 49.55  ? 125 TRP A O   1 
ATOM   249  C  CB  . TRP A 1 43  ? 6.747   -4.481  -11.390 1.00 38.85  ? 125 TRP A CB  1 
ATOM   250  C  CG  . TRP A 1 43  ? 7.273   -5.872  -10.970 1.00 36.89  ? 125 TRP A CG  1 
ATOM   251  C  CD1 . TRP A 1 43  ? 7.653   -6.915  -11.767 1.00 38.82  ? 125 TRP A CD1 1 
ATOM   252  C  CD2 . TRP A 1 43  ? 7.369   -6.332  -9.638  1.00 37.06  ? 125 TRP A CD2 1 
ATOM   253  N  NE1 . TRP A 1 43  ? 7.987   -8.013  -11.004 1.00 36.21  ? 125 TRP A NE1 1 
ATOM   254  C  CE2 . TRP A 1 43  ? 7.869   -7.665  -9.689  1.00 38.26  ? 125 TRP A CE2 1 
ATOM   255  C  CE3 . TRP A 1 43  ? 7.146   -5.723  -8.375  1.00 35.39  ? 125 TRP A CE3 1 
ATOM   256  C  CZ2 . TRP A 1 43  ? 8.113   -8.403  -8.540  1.00 35.79  ? 125 TRP A CZ2 1 
ATOM   257  C  CZ3 . TRP A 1 43  ? 7.426   -6.455  -7.240  1.00 37.41  ? 125 TRP A CZ3 1 
ATOM   258  C  CH2 . TRP A 1 43  ? 7.869   -7.786  -7.325  1.00 35.84  ? 125 TRP A CH2 1 
ATOM   259  N  N   . PRO A 1 44  ? 9.666   -4.582  -12.962 1.00 52.07  ? 126 PRO A N   1 
ATOM   260  C  CA  . PRO A 1 44  ? 10.355  -4.953  -14.224 1.00 49.24  ? 126 PRO A CA  1 
ATOM   261  C  C   . PRO A 1 44  ? 9.439   -5.607  -15.250 1.00 48.03  ? 126 PRO A C   1 
ATOM   262  O  O   . PRO A 1 44  ? 8.763   -6.583  -14.942 1.00 50.75  ? 126 PRO A O   1 
ATOM   263  C  CB  . PRO A 1 44  ? 11.519  -5.832  -13.737 1.00 44.83  ? 126 PRO A CB  1 
ATOM   264  C  CG  . PRO A 1 44  ? 11.888  -5.133  -12.465 1.00 47.81  ? 126 PRO A CG  1 
ATOM   265  C  CD  . PRO A 1 44  ? 10.527  -4.862  -11.804 1.00 45.81  ? 126 PRO A CD  1 
ATOM   266  N  N   . PHE A 1 45  ? 9.356   -5.004  -16.436 1.00 48.43  ? 127 PHE A N   1 
ATOM   267  C  CA  . PHE A 1 45  ? 8.376   -5.465  -17.436 1.00 53.72  ? 127 PHE A CA  1 
ATOM   268  C  C   . PHE A 1 45  ? 9.149   -6.018  -18.624 1.00 62.06  ? 127 PHE A C   1 
ATOM   269  O  O   . PHE A 1 45  ? 8.551   -6.481  -19.593 1.00 70.46  ? 127 PHE A O   1 
ATOM   270  C  CB  . PHE A 1 45  ? 7.384   -4.362  -17.862 1.00 41.83  ? 127 PHE A CB  1 
ATOM   271  C  CG  . PHE A 1 45  ? 8.061   -3.080  -18.246 1.00 45.46  ? 127 PHE A CG  1 
ATOM   272  C  CD1 . PHE A 1 45  ? 8.242   -2.062  -17.294 1.00 44.08  ? 127 PHE A CD1 1 
ATOM   273  C  CD2 . PHE A 1 45  ? 8.581   -2.915  -19.513 1.00 43.62  ? 127 PHE A CD2 1 
ATOM   274  C  CE1 . PHE A 1 45  ? 8.900   -0.894  -17.608 1.00 45.83  ? 127 PHE A CE1 1 
ATOM   275  C  CE2 . PHE A 1 45  ? 9.264   -1.753  -19.837 1.00 44.38  ? 127 PHE A CE2 1 
ATOM   276  C  CZ  . PHE A 1 45  ? 9.392   -0.726  -18.910 1.00 47.35  ? 127 PHE A CZ  1 
ATOM   277  N  N   . ASP A 1 46  ? 10.476  -6.004  -18.501 1.00 65.92  ? 128 ASP A N   1 
ATOM   278  C  CA  . ASP A 1 46  ? 11.390  -6.611  -19.456 1.00 70.32  ? 128 ASP A CA  1 
ATOM   279  C  C   . ASP A 1 46  ? 12.557  -7.232  -18.686 1.00 75.73  ? 128 ASP A C   1 
ATOM   280  O  O   . ASP A 1 46  ? 12.969  -6.681  -17.639 1.00 64.96  ? 128 ASP A O   1 
ATOM   281  C  CB  . ASP A 1 46  ? 11.932  -5.542  -20.423 1.00 80.38  ? 128 ASP A CB  1 
ATOM   282  C  CG  . ASP A 1 46  ? 12.590  -6.142  -21.672 1.00 78.51  ? 128 ASP A CG  1 
ATOM   283  O  OD1 . ASP A 1 46  ? 13.822  -5.995  -21.855 1.00 78.33  ? 128 ASP A OD1 1 
ATOM   284  O  OD2 . ASP A 1 46  ? 11.871  -6.776  -22.453 1.00 75.81  ? 128 ASP A OD2 1 
ATOM   285  N  N   . PRO A 1 47  ? 13.133  -8.349  -19.220 1.00 75.05  ? 129 PRO A N   1 
ATOM   286  C  CA  . PRO A 1 47  ? 14.338  -8.934  -18.630 1.00 65.97  ? 129 PRO A CA  1 
ATOM   287  C  C   . PRO A 1 47  ? 15.470  -7.915  -18.552 1.00 64.45  ? 129 PRO A C   1 
ATOM   288  O  O   . PRO A 1 47  ? 16.170  -7.892  -17.516 1.00 55.59  ? 129 PRO A O   1 
ATOM   289  C  CB  . PRO A 1 47  ? 14.658  -10.087 -19.575 1.00 68.36  ? 129 PRO A CB  1 
ATOM   290  C  CG  . PRO A 1 47  ? 13.305  -10.530 -19.991 1.00 74.63  ? 129 PRO A CG  1 
ATOM   291  C  CD  . PRO A 1 47  ? 12.614  -9.222  -20.287 1.00 76.21  ? 129 PRO A CD  1 
ATOM   292  N  N   . THR A 1 48  ? 15.610  -7.024  -19.553 1.00 52.16  ? 130 THR A N   1 
ATOM   293  C  CA  . THR A 1 48  ? 16.678  -5.990  -19.460 1.00 63.15  ? 130 THR A CA  1 
ATOM   294  C  C   . THR A 1 48  ? 16.533  -5.065  -18.238 1.00 61.33  ? 130 THR A C   1 
ATOM   295  O  O   . THR A 1 48  ? 17.463  -4.322  -17.925 1.00 61.01  ? 130 THR A O   1 
ATOM   296  C  CB  . THR A 1 48  ? 16.852  -5.115  -20.731 1.00 69.98  ? 130 THR A CB  1 
ATOM   297  O  OG1 . THR A 1 48  ? 15.646  -4.404  -20.967 1.00 82.06  ? 130 THR A OG1 1 
ATOM   298  C  CG2 . THR A 1 48  ? 17.159  -5.936  -21.981 1.00 66.37  ? 130 THR A CG2 1 
ATOM   299  N  N   . LEU A 1 49  ? 15.377  -5.112  -17.557 1.00 62.65  ? 131 LEU A N   1 
ATOM   300  C  CA  . LEU A 1 49  ? 15.089  -4.239  -16.386 1.00 58.47  ? 131 LEU A CA  1 
ATOM   301  C  C   . LEU A 1 49  ? 15.197  -4.900  -15.007 1.00 57.46  ? 131 LEU A C   1 
ATOM   302  O  O   . LEU A 1 49  ? 15.165  -4.176  -13.988 1.00 47.38  ? 131 LEU A O   1 
ATOM   303  C  CB  . LEU A 1 49  ? 13.721  -3.528  -16.529 1.00 54.46  ? 131 LEU A CB  1 
ATOM   304  C  CG  . LEU A 1 49  ? 13.649  -2.707  -17.814 1.00 57.39  ? 131 LEU A CG  1 
ATOM   305  C  CD1 . LEU A 1 49  ? 12.198  -2.320  -18.049 1.00 54.51  ? 131 LEU A CD1 1 
ATOM   306  C  CD2 . LEU A 1 49  ? 14.618  -1.494  -17.769 1.00 45.74  ? 131 LEU A CD2 1 
ATOM   307  N  N   . LYS A 1 50  ? 15.348  -6.244  -14.974 1.00 49.25  ? 132 LYS A N   1 
ATOM   308  C  CA  . LYS A 1 50  ? 15.349  -7.055  -13.712 1.00 46.42  ? 132 LYS A CA  1 
ATOM   309  C  C   . LYS A 1 50  ? 16.320  -6.585  -12.648 1.00 45.75  ? 132 LYS A C   1 
ATOM   310  O  O   . LYS A 1 50  ? 16.127  -6.860  -11.452 1.00 49.31  ? 132 LYS A O   1 
ATOM   311  C  CB  . LYS A 1 50  ? 15.639  -8.517  -14.012 1.00 63.19  ? 132 LYS A CB  1 
ATOM   312  C  CG  . LYS A 1 50  ? 17.076  -8.788  -14.519 1.00 69.61  ? 132 LYS A CG  1 
ATOM   313  C  CD  . LYS A 1 50  ? 17.389  -10.236 -14.902 1.00 68.19  ? 132 LYS A CD  1 
ATOM   314  C  CE  . LYS A 1 50  ? 16.644  -10.703 -16.139 1.00 76.84  ? 132 LYS A CE  1 
ATOM   315  N  NZ  . LYS A 1 50  ? 17.593  -11.259 -17.158 1.00 79.80  ? 132 LYS A NZ  1 
ATOM   316  N  N   . PHE A 1 51  ? 17.386  -5.889  -13.054 1.00 48.04  ? 133 PHE A N   1 
ATOM   317  C  CA  . PHE A 1 51  ? 18.404  -5.438  -12.086 1.00 55.79  ? 133 PHE A CA  1 
ATOM   318  C  C   . PHE A 1 51  ? 18.152  -3.996  -11.642 1.00 60.38  ? 133 PHE A C   1 
ATOM   319  O  O   . PHE A 1 51  ? 18.874  -3.474  -10.820 1.00 54.43  ? 133 PHE A O   1 
ATOM   320  C  CB  . PHE A 1 51  ? 19.885  -5.671  -12.580 1.00 66.76  ? 133 PHE A CB  1 
ATOM   321  C  CG  . PHE A 1 51  ? 20.253  -7.132  -12.820 1.00 68.44  ? 133 PHE A CG  1 
ATOM   322  C  CD1 . PHE A 1 51  ? 20.487  -8.004  -11.736 1.00 70.80  ? 133 PHE A CD1 1 
ATOM   323  C  CD2 . PHE A 1 51  ? 20.364  -7.644  -14.140 1.00 74.58  ? 133 PHE A CD2 1 
ATOM   324  C  CE1 . PHE A 1 51  ? 20.809  -9.348  -11.969 1.00 81.62  ? 133 PHE A CE1 1 
ATOM   325  C  CE2 . PHE A 1 51  ? 20.679  -8.993  -14.367 1.00 76.21  ? 133 PHE A CE2 1 
ATOM   326  C  CZ  . PHE A 1 51  ? 20.906  -9.838  -13.282 1.00 76.03  ? 133 PHE A CZ  1 
ATOM   327  N  N   . GLU A 1 52  ? 17.104  -3.357  -12.165 1.00 58.07  ? 134 GLU A N   1 
ATOM   328  C  CA  . GLU A 1 52  ? 16.749  -2.006  -11.720 1.00 57.87  ? 134 GLU A CA  1 
ATOM   329  C  C   . GLU A 1 52  ? 15.875  -2.118  -10.448 1.00 56.22  ? 134 GLU A C   1 
ATOM   330  O  O   . GLU A 1 52  ? 14.660  -2.245  -10.530 1.00 60.34  ? 134 GLU A O   1 
ATOM   331  C  CB  . GLU A 1 52  ? 16.119  -1.207  -12.874 1.00 62.27  ? 134 GLU A CB  1 
ATOM   332  C  CG  . GLU A 1 52  ? 17.113  -0.790  -13.977 1.00 60.13  ? 134 GLU A CG  1 
ATOM   333  C  CD  . GLU A 1 52  ? 16.485  -0.015  -15.142 1.00 73.88  ? 134 GLU A CD  1 
ATOM   334  O  OE1 . GLU A 1 52  ? 15.394  0.566   -14.988 1.00 79.92  ? 134 GLU A OE1 1 
ATOM   335  O  OE2 . GLU A 1 52  ? 17.089  0.041   -16.233 1.00 80.39  ? 134 GLU A OE2 1 
ATOM   336  N  N   . PHE A 1 53  ? 16.528  -2.063  -9.290  1.00 49.52  ? 135 PHE A N   1 
ATOM   337  C  CA  . PHE A 1 53  ? 15.994  -2.549  -8.002  1.00 53.71  ? 135 PHE A CA  1 
ATOM   338  C  C   . PHE A 1 53  ? 14.940  -1.700  -7.338  1.00 52.52  ? 135 PHE A C   1 
ATOM   339  O  O   . PHE A 1 53  ? 14.125  -2.240  -6.560  1.00 43.51  ? 135 PHE A O   1 
ATOM   340  C  CB  . PHE A 1 53  ? 17.135  -2.848  -7.002  1.00 47.41  ? 135 PHE A CB  1 
ATOM   341  C  CG  . PHE A 1 53  ? 17.996  -4.032  -7.443  1.00 67.59  ? 135 PHE A CG  1 
ATOM   342  C  CD1 . PHE A 1 53  ? 17.554  -5.368  -7.247  1.00 55.41  ? 135 PHE A CD1 1 
ATOM   343  C  CD2 . PHE A 1 53  ? 19.241  -3.829  -8.103  1.00 57.37  ? 135 PHE A CD2 1 
ATOM   344  C  CE1 . PHE A 1 53  ? 18.357  -6.448  -7.642  1.00 53.07  ? 135 PHE A CE1 1 
ATOM   345  C  CE2 . PHE A 1 53  ? 20.034  -4.925  -8.496  1.00 60.43  ? 135 PHE A CE2 1 
ATOM   346  C  CZ  . PHE A 1 53  ? 19.595  -6.223  -8.273  1.00 53.90  ? 135 PHE A CZ  1 
ATOM   347  N  N   . TRP A 1 54  ? 14.991  -0.390  -7.621  1.00 47.52  ? 136 TRP A N   1 
ATOM   348  C  CA  . TRP A 1 54  ? 13.985  0.565   -7.156  1.00 43.54  ? 136 TRP A CA  1 
ATOM   349  C  C   . TRP A 1 54  ? 12.584  0.017   -7.542  1.00 42.71  ? 136 TRP A C   1 
ATOM   350  O  O   . TRP A 1 54  ? 11.671  0.132   -6.718  1.00 41.29  ? 136 TRP A O   1 
ATOM   351  C  CB  . TRP A 1 54  ? 14.282  2.042   -7.640  1.00 41.79  ? 136 TRP A CB  1 
ATOM   352  C  CG  . TRP A 1 54  ? 14.192  2.224   -9.149  1.00 43.29  ? 136 TRP A CG  1 
ATOM   353  C  CD1 . TRP A 1 54  ? 13.054  2.445   -9.860  1.00 43.41  ? 136 TRP A CD1 1 
ATOM   354  C  CD2 . TRP A 1 54  ? 15.265  2.156   -10.120 1.00 48.19  ? 136 TRP A CD2 1 
ATOM   355  N  NE1 . TRP A 1 54  ? 13.336  2.546   -11.191 1.00 52.04  ? 136 TRP A NE1 1 
ATOM   356  C  CE2 . TRP A 1 54  ? 14.675  2.369   -11.397 1.00 48.96  ? 136 TRP A CE2 1 
ATOM   357  C  CE3 . TRP A 1 54  ? 16.674  1.934   -10.033 1.00 54.80  ? 136 TRP A CE3 1 
ATOM   358  C  CZ2 . TRP A 1 54  ? 15.426  2.373   -12.615 1.00 52.48  ? 136 TRP A CZ2 1 
ATOM   359  C  CZ3 . TRP A 1 54  ? 17.446  1.950   -11.223 1.00 47.00  ? 136 TRP A CZ3 1 
ATOM   360  C  CH2 . TRP A 1 54  ? 16.798  2.177   -12.526 1.00 52.18  ? 136 TRP A CH2 1 
ATOM   361  N  N   . ARG A 1 55  ? 12.465  -0.656  -8.718  1.00 35.72  ? 137 ARG A N   1 
ATOM   362  C  CA  . ARG A 1 55  ? 11.185  -1.060  -9.315  1.00 36.84  ? 137 ARG A CA  1 
ATOM   363  C  C   . ARG A 1 55  ? 10.348  -2.101  -8.569  1.00 46.55  ? 137 ARG A C   1 
ATOM   364  O  O   . ARG A 1 55  ? 9.112   -2.199  -8.770  1.00 46.89  ? 137 ARG A O   1 
ATOM   365  C  CB  . ARG A 1 55  ? 11.401  -1.571  -10.730 1.00 34.30  ? 137 ARG A CB  1 
ATOM   366  C  CG  . ARG A 1 55  ? 12.042  -0.577  -11.695 1.00 37.64  ? 137 ARG A CG  1 
ATOM   367  C  CD  . ARG A 1 55  ? 12.259  -1.317  -13.037 1.00 38.38  ? 137 ARG A CD  1 
ATOM   368  N  NE  . ARG A 1 55  ? 12.748  -0.388  -14.034 1.00 47.40  ? 137 ARG A NE  1 
ATOM   369  C  CZ  . ARG A 1 55  ? 11.980  0.307   -14.891 1.00 55.28  ? 137 ARG A CZ  1 
ATOM   370  N  NH1 . ARG A 1 55  ? 10.658  0.151   -14.893 1.00 46.21  ? 137 ARG A NH1 1 
ATOM   371  N  NH2 . ARG A 1 55  ? 12.520  1.123   -15.752 1.00 48.25  ? 137 ARG A NH2 1 
ATOM   372  N  N   . TYR A 1 56  ? 11.010  -2.916  -7.747  1.00 40.98  ? 138 TYR A N   1 
ATOM   373  C  CA  . TYR A 1 56  ? 10.306  -3.852  -6.885  1.00 34.81  ? 138 TYR A CA  1 
ATOM   374  C  C   . TYR A 1 56  ? 9.523   -3.112  -5.813  1.00 33.98  ? 138 TYR A C   1 
ATOM   375  O  O   . TYR A 1 56  ? 8.672   -3.714  -5.184  1.00 32.92  ? 138 TYR A O   1 
ATOM   376  C  CB  . TYR A 1 56  ? 11.287  -4.915  -6.301  1.00 34.54  ? 138 TYR A CB  1 
ATOM   377  C  CG  . TYR A 1 56  ? 11.944  -5.713  -7.403  1.00 33.29  ? 138 TYR A CG  1 
ATOM   378  C  CD1 . TYR A 1 56  ? 13.305  -5.564  -7.707  1.00 36.19  ? 138 TYR A CD1 1 
ATOM   379  C  CD2 . TYR A 1 56  ? 11.173  -6.573  -8.220  1.00 36.84  ? 138 TYR A CD2 1 
ATOM   380  C  CE1 . TYR A 1 56  ? 13.892  -6.268  -8.788  1.00 35.70  ? 138 TYR A CE1 1 
ATOM   381  C  CE2 . TYR A 1 56  ? 11.732  -7.272  -9.288  1.00 33.34  ? 138 TYR A CE2 1 
ATOM   382  C  CZ  . TYR A 1 56  ? 13.108  -7.111  -9.560  1.00 41.12  ? 138 TYR A CZ  1 
ATOM   383  O  OH  . TYR A 1 56  ? 13.697  -7.804  -10.621 1.00 41.88  ? 138 TYR A OH  1 
ATOM   384  N  N   . PHE A 1 57  ? 9.804   -1.812  -5.606  1.00 34.09  ? 139 PHE A N   1 
ATOM   385  C  CA  . PHE A 1 57  ? 9.133   -0.998  -4.586  1.00 34.19  ? 139 PHE A CA  1 
ATOM   386  C  C   . PHE A 1 57  ? 8.358   0.209   -5.182  1.00 42.35  ? 139 PHE A C   1 
ATOM   387  O  O   . PHE A 1 57  ? 7.311   0.634   -4.621  1.00 40.61  ? 139 PHE A O   1 
ATOM   388  C  CB  . PHE A 1 57  ? 10.164  -0.418  -3.596  1.00 38.97  ? 139 PHE A CB  1 
ATOM   389  C  CG  . PHE A 1 57  ? 11.028  -1.467  -2.977  1.00 43.90  ? 139 PHE A CG  1 
ATOM   390  C  CD1 . PHE A 1 57  ? 12.256  -1.823  -3.573  1.00 42.79  ? 139 PHE A CD1 1 
ATOM   391  C  CD2 . PHE A 1 57  ? 10.585  -2.170  -1.869  1.00 42.18  ? 139 PHE A CD2 1 
ATOM   392  C  CE1 . PHE A 1 57  ? 13.028  -2.844  -3.040  1.00 45.28  ? 139 PHE A CE1 1 
ATOM   393  C  CE2 . PHE A 1 57  ? 11.354  -3.202  -1.334  1.00 44.60  ? 139 PHE A CE2 1 
ATOM   394  C  CZ  . PHE A 1 57  ? 12.578  -3.536  -1.912  1.00 38.87  ? 139 PHE A CZ  1 
ATOM   395  N  N   . THR A 1 58  ? 8.886   0.790   -6.264  1.00 38.00  ? 140 THR A N   1 
ATOM   396  C  CA  . THR A 1 58  ? 8.427   2.119   -6.724  1.00 42.61  ? 140 THR A CA  1 
ATOM   397  C  C   . THR A 1 58  ? 7.032   2.118   -7.468  1.00 41.75  ? 140 THR A C   1 
ATOM   398  O  O   . THR A 1 58  ? 6.416   3.161   -7.623  1.00 43.37  ? 140 THR A O   1 
ATOM   399  C  CB  . THR A 1 58  ? 9.444   2.833   -7.631  1.00 38.68  ? 140 THR A CB  1 
ATOM   400  O  OG1 . THR A 1 58  ? 9.675   2.058   -8.858  1.00 36.61  ? 140 THR A OG1 1 
ATOM   401  C  CG2 . THR A 1 58  ? 10.696  3.210   -6.863  1.00 35.17  ? 140 THR A CG2 1 
ATOM   402  N  N   . HIS A 1 59  ? 6.562   0.961   -7.903  1.00 37.74  ? 141 HIS A N   1 
ATOM   403  C  CA  . HIS A 1 59  ? 5.185   0.769   -8.342  1.00 35.58  ? 141 HIS A CA  1 
ATOM   404  C  C   . HIS A 1 59  ? 4.183   1.251   -7.263  1.00 35.79  ? 141 HIS A C   1 
ATOM   405  O  O   . HIS A 1 59  ? 3.163   1.756   -7.609  1.00 44.04  ? 141 HIS A O   1 
ATOM   406  C  CB  . HIS A 1 59  ? 4.944   -0.702  -8.676  1.00 32.04  ? 141 HIS A CB  1 
ATOM   407  C  CG  . HIS A 1 59  ? 5.153   -1.610  -7.494  1.00 43.76  ? 141 HIS A CG  1 
ATOM   408  N  ND1 . HIS A 1 59  ? 4.175   -1.846  -6.538  1.00 37.56  ? 141 HIS A ND1 1 
ATOM   409  C  CD2 . HIS A 1 59  ? 6.257   -2.299  -7.091  1.00 37.14  ? 141 HIS A CD2 1 
ATOM   410  C  CE1 . HIS A 1 59  ? 4.648   -2.699  -5.656  1.00 43.98  ? 141 HIS A CE1 1 
ATOM   411  N  NE2 . HIS A 1 59  ? 5.920   -2.950  -5.939  1.00 38.64  ? 141 HIS A NE2 1 
ATOM   412  N  N   . ALA A 1 60  ? 4.539   1.204   -5.984  1.00 35.26  ? 142 ALA A N   1 
ATOM   413  C  CA  . ALA A 1 60  ? 3.698   1.690   -4.872  1.00 33.96  ? 142 ALA A CA  1 
ATOM   414  C  C   . ALA A 1 60  ? 3.439   3.182   -4.951  1.00 39.85  ? 142 ALA A C   1 
ATOM   415  O  O   . ALA A 1 60  ? 2.499   3.665   -4.283  1.00 33.18  ? 142 ALA A O   1 
ATOM   416  C  CB  . ALA A 1 60  ? 4.364   1.418   -3.525  1.00 30.69  ? 142 ALA A CB  1 
ATOM   417  N  N   . LEU A 1 61  ? 4.282   3.904   -5.719  1.00 35.22  ? 143 LEU A N   1 
ATOM   418  C  CA  . LEU A 1 61  ? 4.354   5.357   -5.632  1.00 37.54  ? 143 LEU A CA  1 
ATOM   419  C  C   . LEU A 1 61  ? 3.446   6.003   -6.686  1.00 38.34  ? 143 LEU A C   1 
ATOM   420  O  O   . LEU A 1 61  ? 3.240   7.179   -6.622  1.00 44.64  ? 143 LEU A O   1 
ATOM   421  C  CB  . LEU A 1 61  ? 5.805   5.869   -5.788  1.00 36.71  ? 143 LEU A CB  1 
ATOM   422  C  CG  . LEU A 1 61  ? 6.729   5.614   -4.579  1.00 41.91  ? 143 LEU A CG  1 
ATOM   423  C  CD1 . LEU A 1 61  ? 8.128   6.242   -4.714  1.00 32.54  ? 143 LEU A CD1 1 
ATOM   424  C  CD2 . LEU A 1 61  ? 6.090   6.090   -3.279  1.00 38.98  ? 143 LEU A CD2 1 
ATOM   425  N  N   . MET A 1 62  ? 2.963   5.215   -7.649  1.00 37.17  ? 144 MET A N   1 
ATOM   426  C  CA  . MET A 1 62  ? 2.220   5.661   -8.817  1.00 38.78  ? 144 MET A CA  1 
ATOM   427  C  C   . MET A 1 62  ? 0.709   5.577   -8.627  1.00 40.96  ? 144 MET A C   1 
ATOM   428  O  O   . MET A 1 62  ? 0.185   4.508   -8.304  1.00 44.20  ? 144 MET A O   1 
ATOM   429  C  CB  . MET A 1 62  ? 2.551   4.731   -10.005 1.00 35.97  ? 144 MET A CB  1 
ATOM   430  C  CG  . MET A 1 62  ? 3.905   5.146   -10.641 1.00 38.33  ? 144 MET A CG  1 
ATOM   431  S  SD  . MET A 1 62  ? 4.177   4.179   -12.121 1.00 46.99  ? 144 MET A SD  1 
ATOM   432  C  CE  . MET A 1 62  ? 4.249   2.480   -11.560 1.00 42.08  ? 144 MET A CE  1 
ATOM   433  N  N   . HIS A 1 63  ? 0.009   6.680   -8.884  1.00 46.38  ? 145 HIS A N   1 
ATOM   434  C  CA  . HIS A 1 63  ? -1.470  6.680   -8.864  1.00 48.33  ? 145 HIS A CA  1 
ATOM   435  C  C   . HIS A 1 63  ? -2.092  7.164   -10.189 1.00 48.49  ? 145 HIS A C   1 
ATOM   436  O  O   . HIS A 1 63  ? -1.551  8.018   -10.847 1.00 48.83  ? 145 HIS A O   1 
ATOM   437  C  CB  . HIS A 1 63  ? -1.971  7.442   -7.652  1.00 44.55  ? 145 HIS A CB  1 
ATOM   438  C  CG  . HIS A 1 63  ? -1.508  6.845   -6.347  1.00 46.88  ? 145 HIS A CG  1 
ATOM   439  N  ND1 . HIS A 1 63  ? -0.317  7.206   -5.738  1.00 50.34  ? 145 HIS A ND1 1 
ATOM   440  C  CD2 . HIS A 1 63  ? -2.054  5.888   -5.554  1.00 41.77  ? 145 HIS A CD2 1 
ATOM   441  C  CE1 . HIS A 1 63  ? -0.151  6.519   -4.623  1.00 39.03  ? 145 HIS A CE1 1 
ATOM   442  N  NE2 . HIS A 1 63  ? -1.197  5.715   -4.479  1.00 42.74  ? 145 HIS A NE2 1 
ATOM   443  N  N   . PHE A 1 64  ? -3.212  6.584   -10.553 1.00 47.12  ? 146 PHE A N   1 
ATOM   444  C  CA  . PHE A 1 64  ? -3.789  6.717   -11.870 1.00 54.73  ? 146 PHE A CA  1 
ATOM   445  C  C   . PHE A 1 64  ? -5.065  7.571   -11.950 1.00 62.55  ? 146 PHE A C   1 
ATOM   446  O  O   . PHE A 1 64  ? -5.652  7.718   -13.027 1.00 64.78  ? 146 PHE A O   1 
ATOM   447  C  CB  . PHE A 1 64  ? -4.068  5.316   -12.407 1.00 48.88  ? 146 PHE A CB  1 
ATOM   448  C  CG  . PHE A 1 64  ? -2.823  4.472   -12.479 1.00 56.60  ? 146 PHE A CG  1 
ATOM   449  C  CD1 . PHE A 1 64  ? -2.648  3.394   -11.611 1.00 52.57  ? 146 PHE A CD1 1 
ATOM   450  C  CD2 . PHE A 1 64  ? -1.775  4.820   -13.343 1.00 54.74  ? 146 PHE A CD2 1 
ATOM   451  C  CE1 . PHE A 1 64  ? -1.479  2.643   -11.635 1.00 65.36  ? 146 PHE A CE1 1 
ATOM   452  C  CE2 . PHE A 1 64  ? -0.588  4.067   -13.375 1.00 61.88  ? 146 PHE A CE2 1 
ATOM   453  C  CZ  . PHE A 1 64  ? -0.442  2.976   -12.517 1.00 61.66  ? 146 PHE A CZ  1 
ATOM   454  N  N   . SER A 1 65  ? -5.457  8.157   -10.823 1.00 60.71  ? 147 SER A N   1 
ATOM   455  C  CA  . SER A 1 65  ? -6.678  8.980   -10.706 1.00 62.49  ? 147 SER A CA  1 
ATOM   456  C  C   . SER A 1 65  ? -6.642  9.676   -9.346  1.00 53.49  ? 147 SER A C   1 
ATOM   457  O  O   . SER A 1 65  ? -5.975  9.228   -8.440  1.00 61.23  ? 147 SER A O   1 
ATOM   458  C  CB  . SER A 1 65  ? -7.944  8.119   -10.885 1.00 48.42  ? 147 SER A CB  1 
ATOM   459  O  OG  . SER A 1 65  ? -8.349  7.487   -9.654  1.00 62.83  ? 147 SER A OG  1 
ATOM   460  N  N   . LEU A 1 66  ? -7.371  10.759  -9.215  1.00 56.63  ? 148 LEU A N   1 
ATOM   461  C  CA  . LEU A 1 66  ? -7.415  11.637  -8.034  1.00 47.00  ? 148 LEU A CA  1 
ATOM   462  C  C   . LEU A 1 66  ? -8.011  10.932  -6.827  1.00 47.99  ? 148 LEU A C   1 
ATOM   463  O  O   . LEU A 1 66  ? -7.547  11.072  -5.689  1.00 52.17  ? 148 LEU A O   1 
ATOM   464  C  CB  . LEU A 1 66  ? -8.300  12.810  -8.439  1.00 56.40  ? 148 LEU A CB  1 
ATOM   465  C  CG  . LEU A 1 66  ? -8.434  14.023  -7.567  1.00 67.26  ? 148 LEU A CG  1 
ATOM   466  C  CD1 . LEU A 1 66  ? -7.052  14.600  -7.297  1.00 70.86  ? 148 LEU A CD1 1 
ATOM   467  C  CD2 . LEU A 1 66  ? -9.303  14.970  -8.383  1.00 73.70  ? 148 LEU A CD2 1 
ATOM   468  N  N   . MET A 1 67  ? -9.049  10.155  -7.094  1.00 50.12  ? 149 MET A N   1 
ATOM   469  C  CA  . MET A 1 67  ? -9.610  9.202   -6.140  1.00 63.41  ? 149 MET A CA  1 
ATOM   470  C  C   . MET A 1 67  ? -8.600  8.113   -5.588  1.00 57.52  ? 149 MET A C   1 
ATOM   471  O  O   . MET A 1 67  ? -8.559  7.872   -4.373  1.00 54.89  ? 149 MET A O   1 
ATOM   472  C  CB  . MET A 1 67  ? -10.794 8.532   -6.816  1.00 61.15  ? 149 MET A CB  1 
ATOM   473  C  CG  . MET A 1 67  ? -12.024 8.419   -5.957  1.00 79.12  ? 149 MET A CG  1 
ATOM   474  S  SD  . MET A 1 67  ? -12.863 6.938   -6.524  1.00 114.98 ? 149 MET A SD  1 
ATOM   475  C  CE  . MET A 1 67  ? -11.913 6.358   -7.953  1.00 102.58 ? 149 MET A CE  1 
ATOM   476  N  N   . HIS A 1 68  ? -7.859  7.444   -6.486  1.00 51.83  ? 150 HIS A N   1 
ATOM   477  C  CA  . HIS A 1 68  ? -6.723  6.550   -6.133  1.00 49.00  ? 150 HIS A CA  1 
ATOM   478  C  C   . HIS A 1 68  ? -5.764  7.203   -5.141  1.00 43.30  ? 150 HIS A C   1 
ATOM   479  O  O   . HIS A 1 68  ? -5.657  6.726   -3.982  1.00 39.04  ? 150 HIS A O   1 
ATOM   480  C  CB  . HIS A 1 68  ? -5.960  6.213   -7.404  1.00 60.03  ? 150 HIS A CB  1 
ATOM   481  C  CG  . HIS A 1 68  ? -5.106  4.991   -7.297  1.00 66.59  ? 150 HIS A CG  1 
ATOM   482  N  ND1 . HIS A 1 68  ? -4.128  4.690   -8.218  1.00 64.63  ? 150 HIS A ND1 1 
ATOM   483  C  CD2 . HIS A 1 68  ? -5.090  3.994   -6.385  1.00 55.92  ? 150 HIS A CD2 1 
ATOM   484  C  CE1 . HIS A 1 68  ? -3.550  3.554   -7.875  1.00 63.15  ? 150 HIS A CE1 1 
ATOM   485  N  NE2 . HIS A 1 68  ? -4.135  3.067   -6.705  1.00 57.18  ? 150 HIS A NE2 1 
ATOM   486  N  N   . ILE A 1 69  ? -5.145  8.335   -5.549  1.00 36.00  ? 151 ILE A N   1 
ATOM   487  C  CA  . ILE A 1 69  ? -4.235  8.982   -4.682  1.00 41.16  ? 151 ILE A CA  1 
ATOM   488  C  C   . ILE A 1 69  ? -4.863  9.357   -3.338  1.00 44.93  ? 151 ILE A C   1 
ATOM   489  O  O   . ILE A 1 69  ? -4.308  9.040   -2.261  1.00 49.63  ? 151 ILE A O   1 
ATOM   490  C  CB  . ILE A 1 69  ? -3.339  10.039  -5.368  1.00 44.86  ? 151 ILE A CB  1 
ATOM   491  C  CG1 . ILE A 1 69  ? -2.099  10.319  -4.501  1.00 39.36  ? 151 ILE A CG1 1 
ATOM   492  C  CG2 . ILE A 1 69  ? -4.096  11.348  -5.660  1.00 49.86  ? 151 ILE A CG2 1 
ATOM   493  C  CD1 . ILE A 1 69  ? -0.971  11.122  -5.151  1.00 34.18  ? 151 ILE A CD1 1 
ATOM   494  N  N   . LEU A 1 70  ? -6.020  10.006  -3.397  1.00 54.65  ? 152 LEU A N   1 
ATOM   495  C  CA  . LEU A 1 70  ? -6.621  10.634  -2.217  1.00 51.45  ? 152 LEU A CA  1 
ATOM   496  C  C   . LEU A 1 70  ? -7.006  9.599   -1.177  1.00 45.52  ? 152 LEU A C   1 
ATOM   497  O  O   . LEU A 1 70  ? -6.679  9.786   0.041   1.00 41.14  ? 152 LEU A O   1 
ATOM   498  C  CB  . LEU A 1 70  ? -7.865  11.477  -2.581  1.00 66.69  ? 152 LEU A CB  1 
ATOM   499  C  CG  . LEU A 1 70  ? -7.698  12.904  -3.099  1.00 80.21  ? 152 LEU A CG  1 
ATOM   500  C  CD1 . LEU A 1 70  ? -9.077  13.402  -3.543  1.00 88.12  ? 152 LEU A CD1 1 
ATOM   501  C  CD2 . LEU A 1 70  ? -7.029  13.856  -2.093  1.00 79.08  ? 152 LEU A CD2 1 
ATOM   502  N  N   . PHE A 1 71  ? -7.693  8.538   -1.621  1.00 40.23  ? 153 PHE A N   1 
ATOM   503  C  CA  . PHE A 1 71  ? -8.117  7.486   -0.664  1.00 49.45  ? 153 PHE A CA  1 
ATOM   504  C  C   . PHE A 1 71  ? -6.922  6.750   -0.043  1.00 51.12  ? 153 PHE A C   1 
ATOM   505  O  O   . PHE A 1 71  ? -6.884  6.538   1.193   1.00 50.24  ? 153 PHE A O   1 
ATOM   506  C  CB  . PHE A 1 71  ? -9.272  6.566   -1.165  1.00 54.31  ? 153 PHE A CB  1 
ATOM   507  C  CG  . PHE A 1 71  ? -10.604 7.291   -1.193  1.00 76.38  ? 153 PHE A CG  1 
ATOM   508  C  CD1 . PHE A 1 71  ? -11.151 7.765   -2.398  1.00 83.95  ? 153 PHE A CD1 1 
ATOM   509  C  CD2 . PHE A 1 71  ? -11.265 7.626   0.012   1.00 86.26  ? 153 PHE A CD2 1 
ATOM   510  C  CE1 . PHE A 1 71  ? -12.337 8.503   -2.413  1.00 77.48  ? 153 PHE A CE1 1 
ATOM   511  C  CE2 . PHE A 1 71  ? -12.449 8.366   -0.002  1.00 80.27  ? 153 PHE A CE2 1 
ATOM   512  C  CZ  . PHE A 1 71  ? -12.986 8.790   -1.218  1.00 76.72  ? 153 PHE A CZ  1 
ATOM   513  N  N   . ASN A 1 72  ? -5.906  6.463   -0.867  1.00 46.19  ? 154 ASN A N   1 
ATOM   514  C  CA  . ASN A 1 72  ? -4.684  5.790   -0.382  1.00 40.01  ? 154 ASN A CA  1 
ATOM   515  C  C   . ASN A 1 72  ? -3.970  6.665   0.628   1.00 38.61  ? 154 ASN A C   1 
ATOM   516  O  O   . ASN A 1 72  ? -3.629  6.167   1.724   1.00 40.37  ? 154 ASN A O   1 
ATOM   517  C  CB  . ASN A 1 72  ? -3.755  5.456   -1.546  1.00 45.66  ? 154 ASN A CB  1 
ATOM   518  C  CG  . ASN A 1 72  ? -4.113  4.150   -2.188  1.00 48.43  ? 154 ASN A CG  1 
ATOM   519  O  OD1 . ASN A 1 72  ? -4.848  3.352   -1.630  1.00 53.23  ? 154 ASN A OD1 1 
ATOM   520  N  ND2 . ASN A 1 72  ? -3.574  3.846   -3.285  1.00 59.09  ? 154 ASN A ND2 1 
ATOM   521  N  N   . LEU A 1 73  ? -3.793  7.968   0.324   1.00 38.85  ? 155 LEU A N   1 
ATOM   522  C  CA  . LEU A 1 73  ? -3.068  8.827   1.284   1.00 39.93  ? 155 LEU A CA  1 
ATOM   523  C  C   . LEU A 1 73  ? -3.798  9.149   2.583   1.00 49.29  ? 155 LEU A C   1 
ATOM   524  O  O   . LEU A 1 73  ? -3.167  9.460   3.569   1.00 52.26  ? 155 LEU A O   1 
ATOM   525  C  CB  . LEU A 1 73  ? -2.589  10.087  0.631   1.00 42.82  ? 155 LEU A CB  1 
ATOM   526  C  CG  . LEU A 1 73  ? -1.610  9.837   -0.513  1.00 48.38  ? 155 LEU A CG  1 
ATOM   527  C  CD1 . LEU A 1 73  ? -0.964  11.161  -0.890  1.00 42.59  ? 155 LEU A CD1 1 
ATOM   528  C  CD2 . LEU A 1 73  ? -0.581  8.735   -0.200  1.00 40.24  ? 155 LEU A CD2 1 
ATOM   529  N  N   . LEU A 1 74  ? -5.130  9.081   2.551   1.00 49.85  ? 156 LEU A N   1 
ATOM   530  C  CA  . LEU A 1 74  ? -5.948  9.254   3.712   1.00 49.52  ? 156 LEU A CA  1 
ATOM   531  C  C   . LEU A 1 74  ? -5.683  8.084   4.637   1.00 46.85  ? 156 LEU A C   1 
ATOM   532  O  O   . LEU A 1 74  ? -5.236  8.284   5.765   1.00 42.94  ? 156 LEU A O   1 
ATOM   533  C  CB  . LEU A 1 74  ? -7.423  9.202   3.297   1.00 58.77  ? 156 LEU A CB  1 
ATOM   534  C  CG  . LEU A 1 74  ? -8.489  9.941   4.071   1.00 66.68  ? 156 LEU A CG  1 
ATOM   535  C  CD1 . LEU A 1 74  ? -8.625  11.295  3.370   1.00 79.51  ? 156 LEU A CD1 1 
ATOM   536  C  CD2 . LEU A 1 74  ? -9.781  9.127   4.034   1.00 64.77  ? 156 LEU A CD2 1 
ATOM   537  N  N   . TRP A 1 75  ? -5.955  6.860   4.181   1.00 39.77  ? 157 TRP A N   1 
ATOM   538  C  CA  . TRP A 1 75  ? -5.544  5.690   4.963   1.00 43.38  ? 157 TRP A CA  1 
ATOM   539  C  C   . TRP A 1 75  ? -4.062  5.628   5.392   1.00 44.86  ? 157 TRP A C   1 
ATOM   540  O  O   . TRP A 1 75  ? -3.768  5.346   6.536   1.00 47.04  ? 157 TRP A O   1 
ATOM   541  C  CB  . TRP A 1 75  ? -5.850  4.473   4.209   1.00 48.70  ? 157 TRP A CB  1 
ATOM   542  C  CG  . TRP A 1 75  ? -7.307  4.187   4.075   1.00 62.78  ? 157 TRP A CG  1 
ATOM   543  C  CD1 . TRP A 1 75  ? -8.052  4.277   2.933   1.00 60.99  ? 157 TRP A CD1 1 
ATOM   544  C  CD2 . TRP A 1 75  ? -8.186  3.686   5.092   1.00 66.05  ? 157 TRP A CD2 1 
ATOM   545  N  NE1 . TRP A 1 75  ? -9.337  3.856   3.159   1.00 62.35  ? 157 TRP A NE1 1 
ATOM   546  C  CE2 . TRP A 1 75  ? -9.467  3.496   4.475   1.00 67.43  ? 157 TRP A CE2 1 
ATOM   547  C  CE3 . TRP A 1 75  ? -8.024  3.369   6.461   1.00 62.69  ? 157 TRP A CE3 1 
ATOM   548  C  CZ2 . TRP A 1 75  ? -10.590 3.011   5.177   1.00 55.96  ? 157 TRP A CZ2 1 
ATOM   549  C  CZ3 . TRP A 1 75  ? -9.128  2.864   7.162   1.00 65.59  ? 157 TRP A CZ3 1 
ATOM   550  C  CH2 . TRP A 1 75  ? -10.407 2.697   6.511   1.00 63.19  ? 157 TRP A CH2 1 
ATOM   551  N  N   . TRP A 1 76  ? -3.129  5.912   4.481   1.00 48.67  ? 158 TRP A N   1 
ATOM   552  C  CA  . TRP A 1 76  ? -1.711  5.974   4.853   1.00 48.90  ? 158 TRP A CA  1 
ATOM   553  C  C   . TRP A 1 76  ? -1.457  6.955   6.008   1.00 48.88  ? 158 TRP A C   1 
ATOM   554  O  O   . TRP A 1 76  ? -0.788  6.597   6.981   1.00 45.67  ? 158 TRP A O   1 
ATOM   555  C  CB  . TRP A 1 76  ? -0.854  6.376   3.639   1.00 47.11  ? 158 TRP A CB  1 
ATOM   556  C  CG  . TRP A 1 76  ? 0.558   6.667   4.023   1.00 43.24  ? 158 TRP A CG  1 
ATOM   557  C  CD1 . TRP A 1 76  ? 1.141   7.892   4.150   1.00 41.73  ? 158 TRP A CD1 1 
ATOM   558  C  CD2 . TRP A 1 76  ? 1.558   5.700   4.324   1.00 36.32  ? 158 TRP A CD2 1 
ATOM   559  N  NE1 . TRP A 1 76  ? 2.456   7.754   4.496   1.00 43.42  ? 158 TRP A NE1 1 
ATOM   560  C  CE2 . TRP A 1 76  ? 2.741   6.402   4.596   1.00 41.81  ? 158 TRP A CE2 1 
ATOM   561  C  CE3 . TRP A 1 76  ? 1.594   4.292   4.261   1.00 42.02  ? 158 TRP A CE3 1 
ATOM   562  C  CZ2 . TRP A 1 76  ? 3.981   5.737   4.873   1.00 36.13  ? 158 TRP A CZ2 1 
ATOM   563  C  CZ3 . TRP A 1 76  ? 2.821   3.618   4.553   1.00 41.59  ? 158 TRP A CZ3 1 
ATOM   564  C  CH2 . TRP A 1 76  ? 3.987   4.366   4.867   1.00 37.71  ? 158 TRP A CH2 1 
ATOM   565  N  N   . TRP A 1 77  ? -1.999  8.176   5.887   1.00 50.33  ? 159 TRP A N   1 
ATOM   566  C  CA  . TRP A 1 77  ? -1.802  9.252   6.859   1.00 50.68  ? 159 TRP A CA  1 
ATOM   567  C  C   . TRP A 1 77  ? -2.286  8.825   8.248   1.00 55.98  ? 159 TRP A C   1 
ATOM   568  O  O   . TRP A 1 77  ? -1.644  9.110   9.264   1.00 52.56  ? 159 TRP A O   1 
ATOM   569  C  CB  . TRP A 1 77  ? -2.547  10.529  6.409   1.00 59.80  ? 159 TRP A CB  1 
ATOM   570  C  CG  . TRP A 1 77  ? -2.513  11.723  7.392   1.00 67.87  ? 159 TRP A CG  1 
ATOM   571  C  CD1 . TRP A 1 77  ? -1.447  12.522  7.637   1.00 68.95  ? 159 TRP A CD1 1 
ATOM   572  C  CD2 . TRP A 1 77  ? -3.591  12.238  8.201   1.00 73.90  ? 159 TRP A CD2 1 
ATOM   573  N  NE1 . TRP A 1 77  ? -1.771  13.487  8.547   1.00 76.38  ? 159 TRP A NE1 1 
ATOM   574  C  CE2 . TRP A 1 77  ? -3.077  13.333  8.917   1.00 79.11  ? 159 TRP A CE2 1 
ATOM   575  C  CE3 . TRP A 1 77  ? -4.933  11.851  8.420   1.00 96.53  ? 159 TRP A CE3 1 
ATOM   576  C  CZ2 . TRP A 1 77  ? -3.852  14.069  9.834   1.00 99.97  ? 159 TRP A CZ2 1 
ATOM   577  C  CZ3 . TRP A 1 77  ? -5.702  12.560  9.348   1.00 96.05  ? 159 TRP A CZ3 1 
ATOM   578  C  CH2 . TRP A 1 77  ? -5.157  13.668  10.036  1.00 108.57 ? 159 TRP A CH2 1 
ATOM   579  N  N   . TYR A 1 78  ? -3.429  8.142   8.265   1.00 47.24  ? 160 TYR A N   1 
ATOM   580  C  CA  . TYR A 1 78  ? -4.053  7.753   9.466   1.00 47.81  ? 160 TYR A CA  1 
ATOM   581  C  C   . TYR A 1 78  ? -3.444  6.488   10.034  1.00 46.04  ? 160 TYR A C   1 
ATOM   582  O  O   . TYR A 1 78  ? -3.044  6.472   11.173  1.00 55.52  ? 160 TYR A O   1 
ATOM   583  C  CB  . TYR A 1 78  ? -5.577  7.615   9.261   1.00 49.21  ? 160 TYR A CB  1 
ATOM   584  C  CG  . TYR A 1 78  ? -6.299  7.323   10.561  1.00 59.14  ? 160 TYR A CG  1 
ATOM   585  C  CD1 . TYR A 1 78  ? -6.480  8.326   11.546  1.00 56.77  ? 160 TYR A CD1 1 
ATOM   586  C  CD2 . TYR A 1 78  ? -6.752  6.027   10.844  1.00 56.79  ? 160 TYR A CD2 1 
ATOM   587  C  CE1 . TYR A 1 78  ? -7.117  8.019   12.756  1.00 60.12  ? 160 TYR A CE1 1 
ATOM   588  C  CE2 . TYR A 1 78  ? -7.369  5.727   12.039  1.00 61.22  ? 160 TYR A CE2 1 
ATOM   589  C  CZ  . TYR A 1 78  ? -7.561  6.721   12.981  1.00 60.37  ? 160 TYR A CZ  1 
ATOM   590  O  OH  . TYR A 1 78  ? -8.204  6.365   14.140  1.00 81.94  ? 160 TYR A OH  1 
ATOM   591  N  N   . LEU A 1 79  ? -3.430  5.396   9.292   1.00 47.09  ? 161 LEU A N   1 
ATOM   592  C  CA  . LEU A 1 79  ? -2.857  4.149   9.840   1.00 50.53  ? 161 LEU A CA  1 
ATOM   593  C  C   . LEU A 1 79  ? -1.337  4.159   9.845   1.00 52.54  ? 161 LEU A C   1 
ATOM   594  O  O   . LEU A 1 79  ? -0.741  3.947   10.874  1.00 57.64  ? 161 LEU A O   1 
ATOM   595  C  CB  . LEU A 1 79  ? -3.346  2.970   9.075   1.00 45.71  ? 161 LEU A CB  1 
ATOM   596  C  CG  . LEU A 1 79  ? -4.841  2.893   9.009   1.00 46.01  ? 161 LEU A CG  1 
ATOM   597  C  CD1 . LEU A 1 79  ? -5.221  1.788   8.088   1.00 41.09  ? 161 LEU A CD1 1 
ATOM   598  C  CD2 . LEU A 1 79  ? -5.401  2.576   10.379  1.00 42.71  ? 161 LEU A CD2 1 
ATOM   599  N  N   . GLY A 1 80  ? -0.729  4.454   8.700   1.00 47.50  ? 162 GLY A N   1 
ATOM   600  C  CA  . GLY A 1 80  ? 0.670   4.735   8.637   1.00 43.76  ? 162 GLY A CA  1 
ATOM   601  C  C   . GLY A 1 80  ? 1.103   5.610   9.811   1.00 51.56  ? 162 GLY A C   1 
ATOM   602  O  O   . GLY A 1 80  ? 2.031   5.242   10.532  1.00 47.57  ? 162 GLY A O   1 
ATOM   603  N  N   . GLY A 1 81  ? 0.431   6.746   9.999   1.00 52.27  ? 163 GLY A N   1 
ATOM   604  C  CA  . GLY A 1 81  ? 0.780   7.754   11.007  1.00 43.82  ? 163 GLY A CA  1 
ATOM   605  C  C   . GLY A 1 81  ? 0.635   7.249   12.440  1.00 49.71  ? 163 GLY A C   1 
ATOM   606  O  O   . GLY A 1 81  ? 1.490   7.539   13.288  1.00 57.13  ? 163 GLY A O   1 
ATOM   607  N  N   . ALA A 1 82  ? -0.405  6.456   12.686  1.00 48.05  ? 164 ALA A N   1 
ATOM   608  C  CA  . ALA A 1 82  ? -0.624  5.797   13.974  1.00 54.67  ? 164 ALA A CA  1 
ATOM   609  C  C   . ALA A 1 82  ? 0.562   4.894   14.292  1.00 53.71  ? 164 ALA A C   1 
ATOM   610  O  O   . ALA A 1 82  ? 1.158   5.024   15.382  1.00 61.17  ? 164 ALA A O   1 
ATOM   611  C  CB  . ALA A 1 82  ? -1.914  4.968   13.997  1.00 44.04  ? 164 ALA A CB  1 
ATOM   612  N  N   . VAL A 1 83  ? 0.869   3.985   13.356  1.00 49.51  ? 165 VAL A N   1 
ATOM   613  C  CA  . VAL A 1 83  ? 1.967   2.993   13.473  1.00 47.49  ? 165 VAL A CA  1 
ATOM   614  C  C   . VAL A 1 83  ? 3.293   3.704   13.696  1.00 51.07  ? 165 VAL A C   1 
ATOM   615  O  O   . VAL A 1 83  ? 3.999   3.387   14.619  1.00 56.67  ? 165 VAL A O   1 
ATOM   616  C  CB  . VAL A 1 83  ? 2.058   2.066   12.245  1.00 47.30  ? 165 VAL A CB  1 
ATOM   617  C  CG1 . VAL A 1 83  ? 3.371   1.237   12.294  1.00 48.44  ? 165 VAL A CG1 1 
ATOM   618  C  CG2 . VAL A 1 83  ? 0.802   1.179   12.182  1.00 39.00  ? 165 VAL A CG2 1 
ATOM   619  N  N   . GLU A 1 84  ? 3.573   4.739   12.915  1.00 53.82  ? 166 GLU A N   1 
ATOM   620  C  CA  . GLU A 1 84  ? 4.731   5.570   13.183  1.00 58.14  ? 166 GLU A CA  1 
ATOM   621  C  C   . GLU A 1 84  ? 4.799   6.107   14.623  1.00 62.60  ? 166 GLU A C   1 
ATOM   622  O  O   . GLU A 1 84  ? 5.761   5.801   15.309  1.00 70.01  ? 166 GLU A O   1 
ATOM   623  C  CB  . GLU A 1 84  ? 4.896   6.690   12.171  1.00 52.49  ? 166 GLU A CB  1 
ATOM   624  C  CG  . GLU A 1 84  ? 6.168   7.517   12.392  1.00 54.25  ? 166 GLU A CG  1 
ATOM   625  C  CD  . GLU A 1 84  ? 6.810   7.928   11.074  1.00 61.97  ? 166 GLU A CD  1 
ATOM   626  O  OE1 . GLU A 1 84  ? 6.055   8.019   10.069  1.00 69.73  ? 166 GLU A OE1 1 
ATOM   627  O  OE2 . GLU A 1 84  ? 8.047   8.128   11.001  1.00 56.43  ? 166 GLU A OE2 1 
ATOM   628  N  N   . LYS A 1 85  ? 3.805   6.871   15.075  1.00 61.23  ? 167 LYS A N   1 
ATOM   629  C  CA  . LYS A 1 85  ? 3.899   7.572   16.348  1.00 58.47  ? 167 LYS A CA  1 
ATOM   630  C  C   . LYS A 1 85  ? 3.934   6.641   17.547  1.00 58.50  ? 167 LYS A C   1 
ATOM   631  O  O   . LYS A 1 85  ? 4.693   6.881   18.479  1.00 56.19  ? 167 LYS A O   1 
ATOM   632  C  CB  . LYS A 1 85  ? 2.770   8.599   16.496  1.00 74.23  ? 167 LYS A CB  1 
ATOM   633  C  CG  . LYS A 1 85  ? 3.066   9.789   17.434  1.00 88.02  ? 167 LYS A CG  1 
ATOM   634  C  CD  . LYS A 1 85  ? 4.199   10.735  16.977  1.00 96.68  ? 167 LYS A CD  1 
ATOM   635  C  CE  . LYS A 1 85  ? 3.919   11.558  15.713  1.00 101.97 ? 167 LYS A CE  1 
ATOM   636  N  NZ  . LYS A 1 85  ? 3.228   12.850  15.987  1.00 103.04 ? 167 LYS A NZ  1 
ATOM   637  N  N   . ARG A 1 86  ? 3.176   5.561   17.487  1.00 54.31  ? 168 ARG A N   1 
ATOM   638  C  CA  . ARG A 1 86  ? 3.142   4.614   18.567  1.00 52.97  ? 168 ARG A CA  1 
ATOM   639  C  C   . ARG A 1 86  ? 4.122   3.465   18.557  1.00 63.03  ? 168 ARG A C   1 
ATOM   640  O  O   . ARG A 1 86  ? 4.434   2.963   19.634  1.00 79.04  ? 168 ARG A O   1 
ATOM   641  C  CB  . ARG A 1 86  ? 1.735   4.071   18.765  1.00 51.81  ? 168 ARG A CB  1 
ATOM   642  C  CG  . ARG A 1 86  ? 0.725   5.144   19.178  1.00 64.75  ? 168 ARG A CG  1 
ATOM   643  C  CD  . ARG A 1 86  ? 0.842   5.722   20.608  1.00 78.67  ? 168 ARG A CD  1 
ATOM   644  N  NE  . ARG A 1 86  ? 0.209   7.057   20.646  1.00 95.30  ? 168 ARG A NE  1 
ATOM   645  C  CZ  . ARG A 1 86  ? 0.807   8.233   20.886  1.00 106.61 ? 168 ARG A CZ  1 
ATOM   646  N  NH1 . ARG A 1 86  ? 0.079   9.347   20.845  1.00 99.61  ? 168 ARG A NH1 1 
ATOM   647  N  NH2 . ARG A 1 86  ? 2.104   8.321   21.196  1.00 112.38 ? 168 ARG A NH2 1 
ATOM   648  N  N   . LEU A 1 87  ? 4.545   2.988   17.379  1.00 58.09  ? 169 LEU A N   1 
ATOM   649  C  CA  . LEU A 1 87  ? 5.443   1.846   17.289  1.00 44.62  ? 169 LEU A CA  1 
ATOM   650  C  C   . LEU A 1 87  ? 6.805   2.162   16.644  1.00 49.17  ? 169 LEU A C   1 
ATOM   651  O  O   . LEU A 1 87  ? 7.708   1.318   16.651  1.00 60.87  ? 169 LEU A O   1 
ATOM   652  C  CB  . LEU A 1 87  ? 4.785   0.662   16.642  1.00 45.31  ? 169 LEU A CB  1 
ATOM   653  C  CG  . LEU A 1 87  ? 3.403   0.185   17.040  1.00 47.16  ? 169 LEU A CG  1 
ATOM   654  C  CD1 . LEU A 1 87  ? 2.837   -0.765  15.976  1.00 51.30  ? 169 LEU A CD1 1 
ATOM   655  C  CD2 . LEU A 1 87  ? 3.466   -0.536  18.369  1.00 53.84  ? 169 LEU A CD2 1 
ATOM   656  N  N   . GLY A 1 88  ? 6.944   3.379   16.117  1.00 48.13  ? 170 GLY A N   1 
ATOM   657  C  CA  . GLY A 1 88  ? 8.205   3.920   15.670  1.00 41.93  ? 170 GLY A CA  1 
ATOM   658  C  C   . GLY A 1 88  ? 8.302   3.927   14.147  1.00 44.00  ? 170 GLY A C   1 
ATOM   659  O  O   . GLY A 1 88  ? 7.661   3.091   13.475  1.00 46.26  ? 170 GLY A O   1 
ATOM   660  N  N   . SER A 1 89  ? 9.158   4.819   13.625  1.00 45.25  ? 171 SER A N   1 
ATOM   661  C  CA  . SER A 1 89  ? 9.445   4.908   12.184  1.00 51.24  ? 171 SER A CA  1 
ATOM   662  C  C   . SER A 1 89  ? 9.899   3.584   11.540  1.00 52.73  ? 171 SER A C   1 
ATOM   663  O  O   . SER A 1 89  ? 9.523   3.270   10.372  1.00 54.97  ? 171 SER A O   1 
ATOM   664  C  CB  . SER A 1 89  ? 10.450  6.016   11.897  1.00 47.40  ? 171 SER A CB  1 
ATOM   665  O  OG  . SER A 1 89  ? 10.058  7.186   12.567  1.00 59.16  ? 171 SER A OG  1 
ATOM   666  N  N   . GLY A 1 90  ? 10.643  2.787   12.299  1.00 48.31  ? 172 GLY A N   1 
ATOM   667  C  CA  . GLY A 1 90  ? 11.286  1.569   11.765  1.00 40.35  ? 172 GLY A CA  1 
ATOM   668  C  C   . GLY A 1 90  ? 10.245  0.536   11.450  1.00 44.64  ? 172 GLY A C   1 
ATOM   669  O  O   . GLY A 1 90  ? 10.313  -0.154  10.394  1.00 46.10  ? 172 GLY A O   1 
ATOM   670  N  N   . LYS A 1 91  ? 9.226   0.455   12.304  1.00 47.91  ? 173 LYS A N   1 
ATOM   671  C  CA  . LYS A 1 91  ? 8.160   -0.577  12.104  1.00 46.35  ? 173 LYS A CA  1 
ATOM   672  C  C   . LYS A 1 91  ? 7.395   -0.248  10.787  1.00 46.03  ? 173 LYS A C   1 
ATOM   673  O  O   . LYS A 1 91  ? 7.122   -1.131  9.989   1.00 44.37  ? 173 LYS A O   1 
ATOM   674  C  CB  . LYS A 1 91  ? 7.207   -0.585  13.296  1.00 43.39  ? 173 LYS A CB  1 
ATOM   675  C  CG  . LYS A 1 91  ? 6.019   -1.556  13.194  1.00 46.30  ? 173 LYS A CG  1 
ATOM   676  C  CD  . LYS A 1 91  ? 6.355   -2.928  13.690  1.00 48.86  ? 173 LYS A CD  1 
ATOM   677  C  CE  . LYS A 1 91  ? 6.562   -2.847  15.190  1.00 52.80  ? 173 LYS A CE  1 
ATOM   678  N  NZ  . LYS A 1 91  ? 6.840   -4.187  15.693  1.00 60.92  ? 173 LYS A NZ  1 
ATOM   679  N  N   . LEU A 1 92  ? 7.111   1.042   10.569  1.00 46.58  ? 174 LEU A N   1 
ATOM   680  C  CA  . LEU A 1 92  ? 6.432   1.513   9.356   1.00 43.54  ? 174 LEU A CA  1 
ATOM   681  C  C   . LEU A 1 92  ? 7.236   1.270   8.070   1.00 39.75  ? 174 LEU A C   1 
ATOM   682  O  O   . LEU A 1 92  ? 6.665   0.790   7.068   1.00 41.36  ? 174 LEU A O   1 
ATOM   683  C  CB  . LEU A 1 92  ? 5.998   3.017   9.489   1.00 42.38  ? 174 LEU A CB  1 
ATOM   684  C  CG  . LEU A 1 92  ? 5.108   3.568   8.339   1.00 46.93  ? 174 LEU A CG  1 
ATOM   685  C  CD1 . LEU A 1 92  ? 3.902   2.664   8.025   1.00 45.12  ? 174 LEU A CD1 1 
ATOM   686  C  CD2 . LEU A 1 92  ? 4.692   5.032   8.524   1.00 40.65  ? 174 LEU A CD2 1 
ATOM   687  N  N   . ILE A 1 93  ? 8.538   1.612   8.095   1.00 40.08  ? 175 ILE A N   1 
ATOM   688  C  CA  . ILE A 1 93  ? 9.490   1.226   7.028   1.00 37.68  ? 175 ILE A CA  1 
ATOM   689  C  C   . ILE A 1 93  ? 9.396   -0.274  6.634   1.00 39.27  ? 175 ILE A C   1 
ATOM   690  O  O   . ILE A 1 93  ? 9.191   -0.631  5.436   1.00 43.35  ? 175 ILE A O   1 
ATOM   691  C  CB  . ILE A 1 93  ? 10.933  1.647   7.403   1.00 42.62  ? 175 ILE A CB  1 
ATOM   692  C  CG1 . ILE A 1 93  ? 11.061  3.171   7.421   1.00 40.74  ? 175 ILE A CG1 1 
ATOM   693  C  CG2 . ILE A 1 93  ? 11.971  1.053   6.444   1.00 43.00  ? 175 ILE A CG2 1 
ATOM   694  C  CD1 . ILE A 1 93  ? 12.377  3.631   8.065   1.00 40.27  ? 175 ILE A CD1 1 
ATOM   695  N  N   . VAL A 1 94  ? 9.403   -1.156  7.624   1.00 39.34  ? 176 VAL A N   1 
ATOM   696  C  CA  . VAL A 1 94  ? 9.429   -2.581  7.330   1.00 40.65  ? 176 VAL A CA  1 
ATOM   697  C  C   . VAL A 1 94  ? 8.090   -3.075  6.801   1.00 44.51  ? 176 VAL A C   1 
ATOM   698  O  O   . VAL A 1 94  ? 8.039   -3.781  5.745   1.00 41.15  ? 176 VAL A O   1 
ATOM   699  C  CB  . VAL A 1 94  ? 9.987   -3.374  8.555   1.00 48.32  ? 176 VAL A CB  1 
ATOM   700  C  CG1 . VAL A 1 94  ? 10.092  -4.895  8.289   1.00 42.80  ? 176 VAL A CG1 1 
ATOM   701  C  CG2 . VAL A 1 94  ? 11.386  -2.871  8.815   1.00 45.76  ? 176 VAL A CG2 1 
ATOM   702  N  N   . ILE A 1 95  ? 7.007   -2.675  7.480   1.00 42.97  ? 177 ILE A N   1 
ATOM   703  C  CA  . ILE A 1 95  ? 5.647   -2.940  6.975   1.00 44.32  ? 177 ILE A CA  1 
ATOM   704  C  C   . ILE A 1 95  ? 5.571   -2.540  5.506   1.00 35.16  ? 177 ILE A C   1 
ATOM   705  O  O   . ILE A 1 95  ? 5.204   -3.351  4.665   1.00 37.13  ? 177 ILE A O   1 
ATOM   706  C  CB  . ILE A 1 95  ? 4.550   -2.197  7.807   1.00 50.53  ? 177 ILE A CB  1 
ATOM   707  C  CG1 . ILE A 1 95  ? 4.366   -2.835  9.226   1.00 55.29  ? 177 ILE A CG1 1 
ATOM   708  C  CG2 . ILE A 1 95  ? 3.229   -2.275  7.085   1.00 49.72  ? 177 ILE A CG2 1 
ATOM   709  C  CD1 . ILE A 1 95  ? 3.598   -2.016  10.285  1.00 50.34  ? 177 ILE A CD1 1 
ATOM   710  N  N   . THR A 1 96  ? 5.990   -1.311  5.196   1.00 34.67  ? 178 THR A N   1 
ATOM   711  C  CA  . THR A 1 96  ? 5.952   -0.763  3.815   1.00 35.03  ? 178 THR A CA  1 
ATOM   712  C  C   . THR A 1 96  ? 6.784   -1.521  2.783   1.00 38.21  ? 178 THR A C   1 
ATOM   713  O  O   . THR A 1 96  ? 6.285   -1.843  1.648   1.00 39.39  ? 178 THR A O   1 
ATOM   714  C  CB  . THR A 1 96  ? 6.386   0.715   3.823   1.00 37.47  ? 178 THR A CB  1 
ATOM   715  O  OG1 . THR A 1 96  ? 5.580   1.394   4.776   1.00 30.58  ? 178 THR A OG1 1 
ATOM   716  C  CG2 . THR A 1 96  ? 6.205   1.389   2.475   1.00 34.62  ? 178 THR A CG2 1 
ATOM   717  N  N   . LEU A 1 97  ? 8.040   -1.793  3.124   1.00 32.53  ? 179 LEU A N   1 
ATOM   718  C  CA  . LEU A 1 97  ? 8.910   -2.520  2.208   1.00 31.13  ? 179 LEU A CA  1 
ATOM   719  C  C   . LEU A 1 97  ? 8.401   -3.907  1.935   1.00 32.18  ? 179 LEU A C   1 
ATOM   720  O  O   . LEU A 1 97  ? 8.333   -4.403  0.723   1.00 33.25  ? 179 LEU A O   1 
ATOM   721  C  CB  . LEU A 1 97  ? 10.370  -2.597  2.747   1.00 35.50  ? 179 LEU A CB  1 
ATOM   722  C  CG  . LEU A 1 97  ? 11.132  -1.269  2.931   1.00 41.09  ? 179 LEU A CG  1 
ATOM   723  C  CD1 . LEU A 1 97  ? 12.522  -1.413  3.592   1.00 40.96  ? 179 LEU A CD1 1 
ATOM   724  C  CD2 . LEU A 1 97  ? 11.202  -0.547  1.590   1.00 38.24  ? 179 LEU A CD2 1 
ATOM   725  N  N   . ILE A 1 98  ? 7.971   -4.555  3.010   1.00 32.72  ? 180 ILE A N   1 
ATOM   726  C  CA  . ILE A 1 98  ? 7.479   -5.941  2.817   1.00 38.33  ? 180 ILE A CA  1 
ATOM   727  C  C   . ILE A 1 98  ? 6.173   -5.997  2.034   1.00 38.29  ? 180 ILE A C   1 
ATOM   728  O  O   . ILE A 1 98  ? 6.055   -6.822  1.116   1.00 40.15  ? 180 ILE A O   1 
ATOM   729  C  CB  . ILE A 1 98  ? 7.362   -6.803  4.130   1.00 44.02  ? 180 ILE A CB  1 
ATOM   730  C  CG1 . ILE A 1 98  ? 8.761   -6.942  4.807   1.00 44.93  ? 180 ILE A CG1 1 
ATOM   731  C  CG2 . ILE A 1 98  ? 6.783   -8.192  3.803   1.00 36.51  ? 180 ILE A CG2 1 
ATOM   732  C  CD1 . ILE A 1 98  ? 8.724   -7.417  6.260   1.00 46.25  ? 180 ILE A CD1 1 
ATOM   733  N  N   . SER A 1 99  ? 5.179   -5.192  2.439   1.00 36.21  ? 181 SER A N   1 
ATOM   734  C  CA  . SER A 1 99  ? 3.885   -5.154  1.716   1.00 35.08  ? 181 SER A CA  1 
ATOM   735  C  C   . SER A 1 99  ? 4.064   -4.739  0.245   1.00 32.40  ? 181 SER A C   1 
ATOM   736  O  O   . SER A 1 99  ? 3.596   -5.448  -0.643  1.00 33.50  ? 181 SER A O   1 
ATOM   737  C  CB  . SER A 1 99  ? 2.870   -4.254  2.442   1.00 37.83  ? 181 SER A CB  1 
ATOM   738  O  OG  . SER A 1 99  ? 3.398   -2.960  2.725   1.00 45.78  ? 181 SER A OG  1 
ATOM   739  N  N   . ALA A 1 100 ? 4.829   -3.667  -0.015  1.00 32.74  ? 182 ALA A N   1 
ATOM   740  C  CA  . ALA A 1 100 ? 5.114   -3.244  -1.386  1.00 32.96  ? 182 ALA A CA  1 
ATOM   741  C  C   . ALA A 1 100 ? 5.696   -4.326  -2.259  1.00 40.89  ? 182 ALA A C   1 
ATOM   742  O  O   . ALA A 1 100 ? 5.220   -4.585  -3.391  1.00 50.06  ? 182 ALA A O   1 
ATOM   743  C  CB  . ALA A 1 100 ? 5.968   -2.005  -1.416  1.00 27.56  ? 182 ALA A CB  1 
ATOM   744  N  N   . LEU A 1 101 ? 6.696   -5.008  -1.726  1.00 39.90  ? 183 LEU A N   1 
ATOM   745  C  CA  . LEU A 1 101 ? 7.400   -6.009  -2.478  1.00 38.08  ? 183 LEU A CA  1 
ATOM   746  C  C   . LEU A 1 101 ? 6.520   -7.233  -2.681  1.00 38.50  ? 183 LEU A C   1 
ATOM   747  O  O   . LEU A 1 101 ? 6.367   -7.722  -3.867  1.00 36.69  ? 183 LEU A O   1 
ATOM   748  C  CB  . LEU A 1 101 ? 8.679   -6.349  -1.729  1.00 44.70  ? 183 LEU A CB  1 
ATOM   749  C  CG  . LEU A 1 101 ? 9.911   -6.961  -2.333  1.00 52.58  ? 183 LEU A CG  1 
ATOM   750  C  CD1 . LEU A 1 101 ? 10.344  -6.288  -3.605  1.00 49.25  ? 183 LEU A CD1 1 
ATOM   751  C  CD2 . LEU A 1 101 ? 11.104  -6.812  -1.388  1.00 62.63  ? 183 LEU A CD2 1 
ATOM   752  N  N   . LEU A 1 102 ? 5.876   -7.704  -1.584  1.00 38.74  ? 184 LEU A N   1 
ATOM   753  C  CA  . LEU A 1 102 ? 5.018   -8.900  -1.696  1.00 42.64  ? 184 LEU A CA  1 
ATOM   754  C  C   . LEU A 1 102 ? 3.775   -8.666  -2.593  1.00 39.26  ? 184 LEU A C   1 
ATOM   755  O  O   . LEU A 1 102 ? 3.475   -9.493  -3.461  1.00 39.79  ? 184 LEU A O   1 
ATOM   756  C  CB  . LEU A 1 102 ? 4.615   -9.507  -0.356  1.00 46.12  ? 184 LEU A CB  1 
ATOM   757  C  CG  . LEU A 1 102 ? 4.558   -11.057 -0.163  1.00 53.09  ? 184 LEU A CG  1 
ATOM   758  C  CD1 . LEU A 1 102 ? 3.313   -11.527 0.609   1.00 49.33  ? 184 LEU A CD1 1 
ATOM   759  C  CD2 . LEU A 1 102 ? 4.656   -11.880 -1.434  1.00 53.36  ? 184 LEU A CD2 1 
ATOM   760  N  N   . SER A 1 103 ? 3.112   -7.524  -2.430  1.00 33.66  ? 185 SER A N   1 
ATOM   761  C  CA  . SER A 1 103 ? 1.888   -7.195  -3.231  1.00 37.74  ? 185 SER A CA  1 
ATOM   762  C  C   . SER A 1 103 ? 2.231   -7.047  -4.724  1.00 38.41  ? 185 SER A C   1 
ATOM   763  O  O   . SER A 1 103 ? 1.533   -7.611  -5.602  1.00 45.85  ? 185 SER A O   1 
ATOM   764  C  CB  . SER A 1 103 ? 1.187   -5.936  -2.677  1.00 34.68  ? 185 SER A CB  1 
ATOM   765  O  OG  . SER A 1 103 ? 2.041   -4.809  -2.739  1.00 41.89  ? 185 SER A OG  1 
ATOM   766  N  N   . GLY A 1 104 ? 3.323   -6.318  -4.991  1.00 36.53  ? 186 GLY A N   1 
ATOM   767  C  CA  . GLY A 1 104 ? 3.893   -6.197  -6.315  1.00 35.15  ? 186 GLY A CA  1 
ATOM   768  C  C   . GLY A 1 104 ? 4.147   -7.561  -6.915  1.00 43.02  ? 186 GLY A C   1 
ATOM   769  O  O   . GLY A 1 104 ? 3.816   -7.796  -8.092  1.00 42.95  ? 186 GLY A O   1 
ATOM   770  N  N   . TYR A 1 105 ? 4.708   -8.474  -6.113  1.00 40.59  ? 187 TYR A N   1 
ATOM   771  C  CA  . TYR A 1 105 ? 5.028   -9.802  -6.602  1.00 38.68  ? 187 TYR A CA  1 
ATOM   772  C  C   . TYR A 1 105 ? 3.761   -10.555 -7.019  1.00 40.51  ? 187 TYR A C   1 
ATOM   773  O  O   . TYR A 1 105 ? 3.667   -11.094 -8.151  1.00 39.55  ? 187 TYR A O   1 
ATOM   774  C  CB  . TYR A 1 105 ? 5.811   -10.624 -5.545  1.00 42.45  ? 187 TYR A CB  1 
ATOM   775  C  CG  . TYR A 1 105 ? 6.014   -11.976 -6.065  1.00 45.73  ? 187 TYR A CG  1 
ATOM   776  C  CD1 . TYR A 1 105 ? 6.920   -12.175 -7.118  1.00 48.16  ? 187 TYR A CD1 1 
ATOM   777  C  CD2 . TYR A 1 105 ? 5.270   -13.040 -5.586  1.00 45.45  ? 187 TYR A CD2 1 
ATOM   778  C  CE1 . TYR A 1 105 ? 7.092   -13.406 -7.681  1.00 58.90  ? 187 TYR A CE1 1 
ATOM   779  C  CE2 . TYR A 1 105 ? 5.411   -14.293 -6.146  1.00 55.80  ? 187 TYR A CE2 1 
ATOM   780  C  CZ  . TYR A 1 105 ? 6.324   -14.467 -7.192  1.00 66.00  ? 187 TYR A CZ  1 
ATOM   781  O  OH  . TYR A 1 105 ? 6.527   -15.711 -7.751  1.00 90.06  ? 187 TYR A OH  1 
ATOM   782  N  N   . VAL A 1 106 ? 2.786   -10.614 -6.111  1.00 41.43  ? 188 VAL A N   1 
ATOM   783  C  CA  . VAL A 1 106 ? 1.543   -11.369 -6.381  1.00 44.47  ? 188 VAL A CA  1 
ATOM   784  C  C   . VAL A 1 106 ? 0.742   -10.696 -7.557  1.00 51.12  ? 188 VAL A C   1 
ATOM   785  O  O   . VAL A 1 106 ? 0.367   -11.363 -8.535  1.00 46.03  ? 188 VAL A O   1 
ATOM   786  C  CB  . VAL A 1 106 ? 0.688   -11.466 -5.113  1.00 49.54  ? 188 VAL A CB  1 
ATOM   787  C  CG1 . VAL A 1 106 ? -0.605  -12.192 -5.417  1.00 40.36  ? 188 VAL A CG1 1 
ATOM   788  C  CG2 . VAL A 1 106 ? 1.455   -12.186 -3.986  1.00 45.11  ? 188 VAL A CG2 1 
ATOM   789  N  N   . GLN A 1 107 ? 0.555   -9.366  -7.483  1.00 46.44  ? 189 GLN A N   1 
ATOM   790  C  CA  . GLN A 1 107 ? -0.009  -8.652  -8.589  1.00 43.28  ? 189 GLN A CA  1 
ATOM   791  C  C   . GLN A 1 107 ? 0.584   -9.033  -9.905  1.00 45.43  ? 189 GLN A C   1 
ATOM   792  O  O   . GLN A 1 107 ? -0.155  -9.494  -10.760 1.00 55.42  ? 189 GLN A O   1 
ATOM   793  C  CB  . GLN A 1 107 ? 0.049   -7.144  -8.416  1.00 43.72  ? 189 GLN A CB  1 
ATOM   794  C  CG  . GLN A 1 107 ? -0.768  -6.466  -9.503  1.00 50.38  ? 189 GLN A CG  1 
ATOM   795  C  CD  . GLN A 1 107 ? -2.215  -6.974  -9.524  1.00 55.08  ? 189 GLN A CD  1 
ATOM   796  O  OE1 . GLN A 1 107 ? -2.791  -7.227  -8.451  1.00 42.90  ? 189 GLN A OE1 1 
ATOM   797  N  NE2 . GLN A 1 107 ? -2.790  -7.175  -10.740 1.00 54.52  ? 189 GLN A NE2 1 
ATOM   798  N  N   . GLN A 1 108 ? 1.909   -8.884  -10.091 1.00 48.12  ? 190 GLN A N   1 
ATOM   799  C  CA  . GLN A 1 108 ? 2.489   -9.120  -11.421 1.00 45.82  ? 190 GLN A CA  1 
ATOM   800  C  C   . GLN A 1 108 ? 2.300   -10.534 -11.872 1.00 50.14  ? 190 GLN A C   1 
ATOM   801  O  O   . GLN A 1 108 ? 2.207   -10.773 -13.068 1.00 52.27  ? 190 GLN A O   1 
ATOM   802  C  CB  . GLN A 1 108 ? 3.944   -8.634  -11.600 1.00 45.93  ? 190 GLN A CB  1 
ATOM   803  C  CG  . GLN A 1 108 ? 5.045   -9.355  -10.790 1.00 53.06  ? 190 GLN A CG  1 
ATOM   804  C  CD  . GLN A 1 108 ? 5.465   -10.684 -11.384 1.00 56.76  ? 190 GLN A CD  1 
ATOM   805  O  OE1 . GLN A 1 108 ? 5.470   -10.845 -12.641 1.00 49.20  ? 190 GLN A OE1 1 
ATOM   806  N  NE2 . GLN A 1 108 ? 5.734   -11.695 -10.485 1.00 45.88  ? 190 GLN A NE2 1 
ATOM   807  N  N   . LYS A 1 109 ? 2.258   -11.470 -10.916 1.00 56.47  ? 191 LYS A N   1 
ATOM   808  C  CA  . LYS A 1 109 ? 2.089   -12.882 -11.237 1.00 57.25  ? 191 LYS A CA  1 
ATOM   809  C  C   . LYS A 1 109 ? 0.704   -13.072 -11.856 1.00 62.64  ? 191 LYS A C   1 
ATOM   810  O  O   . LYS A 1 109 ? 0.581   -13.649 -12.941 1.00 63.27  ? 191 LYS A O   1 
ATOM   811  C  CB  . LYS A 1 109 ? 2.306   -13.816 -10.030 1.00 55.82  ? 191 LYS A CB  1 
ATOM   812  C  CG  . LYS A 1 109 ? 2.544   -15.272 -10.447 1.00 67.85  ? 191 LYS A CG  1 
ATOM   813  C  CD  . LYS A 1 109 ? 3.435   -15.350 -11.711 1.00 82.33  ? 191 LYS A CD  1 
ATOM   814  C  CE  . LYS A 1 109 ? 4.106   -16.707 -11.955 1.00 94.19  ? 191 LYS A CE  1 
ATOM   815  N  NZ  . LYS A 1 109 ? 3.241   -17.916 -12.173 1.00 88.99  ? 191 LYS A NZ  1 
ATOM   816  N  N   . PHE A 1 110 ? -0.313  -12.553 -11.189 1.00 55.33  ? 192 PHE A N   1 
ATOM   817  C  CA  . PHE A 1 110 ? -1.698  -12.724 -11.659 1.00 68.41  ? 192 PHE A CA  1 
ATOM   818  C  C   . PHE A 1 110 ? -1.972  -12.018 -12.989 1.00 66.25  ? 192 PHE A C   1 
ATOM   819  O  O   . PHE A 1 110 ? -2.533  -12.613 -13.879 1.00 71.71  ? 192 PHE A O   1 
ATOM   820  C  CB  . PHE A 1 110 ? -2.690  -12.269 -10.600 1.00 60.17  ? 192 PHE A CB  1 
ATOM   821  C  CG  . PHE A 1 110 ? -2.726  -13.156 -9.396  1.00 71.34  ? 192 PHE A CG  1 
ATOM   822  C  CD1 . PHE A 1 110 ? -3.363  -12.728 -8.230  1.00 79.52  ? 192 PHE A CD1 1 
ATOM   823  C  CD2 . PHE A 1 110 ? -2.123  -14.429 -9.413  1.00 75.85  ? 192 PHE A CD2 1 
ATOM   824  C  CE1 . PHE A 1 110 ? -3.420  -13.552 -7.103  1.00 81.88  ? 192 PHE A CE1 1 
ATOM   825  C  CE2 . PHE A 1 110 ? -2.162  -15.253 -8.288  1.00 82.11  ? 192 PHE A CE2 1 
ATOM   826  C  CZ  . PHE A 1 110 ? -2.808  -14.807 -7.131  1.00 78.99  ? 192 PHE A CZ  1 
ATOM   827  N  N   . SER A 1 111 ? -1.460  -10.801 -13.144 1.00 62.32  ? 193 SER A N   1 
ATOM   828  C  CA  . SER A 1 111 ? -1.899  -9.930  -14.197 1.00 55.51  ? 193 SER A CA  1 
ATOM   829  C  C   . SER A 1 111 ? -0.833  -9.193  -14.970 1.00 53.74  ? 193 SER A C   1 
ATOM   830  O  O   . SER A 1 111 ? -1.186  -8.334  -15.748 1.00 67.02  ? 193 SER A O   1 
ATOM   831  C  CB  . SER A 1 111 ? -2.866  -8.880  -13.625 1.00 55.25  ? 193 SER A CB  1 
ATOM   832  O  OG  . SER A 1 111 ? -3.787  -9.420  -12.704 1.00 68.53  ? 193 SER A OG  1 
ATOM   833  N  N   . GLY A 1 112 ? 0.451   -9.483  -14.810 1.00 48.61  ? 194 GLY A N   1 
ATOM   834  C  CA  . GLY A 1 112 ? 1.479   -8.670  -15.492 1.00 39.75  ? 194 GLY A CA  1 
ATOM   835  C  C   . GLY A 1 112 ? 1.943   -7.447  -14.696 1.00 41.60  ? 194 GLY A C   1 
ATOM   836  O  O   . GLY A 1 112 ? 1.377   -7.141  -13.642 1.00 46.22  ? 194 GLY A O   1 
ATOM   837  N  N   . PRO A 1 113 ? 2.964   -6.734  -15.193 1.00 41.20  ? 195 PRO A N   1 
ATOM   838  C  CA  . PRO A 1 113 ? 3.672   -5.703  -14.428 1.00 40.82  ? 195 PRO A CA  1 
ATOM   839  C  C   . PRO A 1 113 ? 3.042   -4.344  -14.402 1.00 49.33  ? 195 PRO A C   1 
ATOM   840  O  O   . PRO A 1 113 ? 3.588   -3.415  -13.771 1.00 47.15  ? 195 PRO A O   1 
ATOM   841  C  CB  . PRO A 1 113 ? 4.980   -5.587  -15.205 1.00 47.27  ? 195 PRO A CB  1 
ATOM   842  C  CG  . PRO A 1 113 ? 4.602   -5.939  -16.656 1.00 36.37  ? 195 PRO A CG  1 
ATOM   843  C  CD  . PRO A 1 113 ? 3.636   -7.046  -16.490 1.00 40.51  ? 195 PRO A CD  1 
ATOM   844  N  N   . TRP A 1 114 ? 1.934   -4.164  -15.126 1.00 53.00  ? 196 TRP A N   1 
ATOM   845  C  CA  . TRP A 1 114 ? 1.382   -2.791  -15.321 1.00 46.43  ? 196 TRP A CA  1 
ATOM   846  C  C   . TRP A 1 114 ? 0.373   -2.455  -14.259 1.00 44.36  ? 196 TRP A C   1 
ATOM   847  O  O   . TRP A 1 114 ? -0.799  -2.795  -14.396 1.00 47.63  ? 196 TRP A O   1 
ATOM   848  C  CB  . TRP A 1 114 ? 0.793   -2.614  -16.750 1.00 51.63  ? 196 TRP A CB  1 
ATOM   849  C  CG  . TRP A 1 114 ? 1.796   -2.898  -17.781 1.00 48.55  ? 196 TRP A CG  1 
ATOM   850  C  CD1 . TRP A 1 114 ? 1.868   -4.037  -18.612 1.00 47.69  ? 196 TRP A CD1 1 
ATOM   851  C  CD2 . TRP A 1 114 ? 2.963   -2.114  -18.051 1.00 46.45  ? 196 TRP A CD2 1 
ATOM   852  N  NE1 . TRP A 1 114 ? 3.004   -3.951  -19.406 1.00 48.19  ? 196 TRP A NE1 1 
ATOM   853  C  CE2 . TRP A 1 114 ? 3.693   -2.792  -19.085 1.00 49.89  ? 196 TRP A CE2 1 
ATOM   854  C  CE3 . TRP A 1 114 ? 3.456   -0.895  -17.545 1.00 53.89  ? 196 TRP A CE3 1 
ATOM   855  C  CZ2 . TRP A 1 114 ? 4.872   -2.266  -19.634 1.00 45.49  ? 196 TRP A CZ2 1 
ATOM   856  C  CZ3 . TRP A 1 114 ? 4.663   -0.389  -18.058 1.00 61.27  ? 196 TRP A CZ3 1 
ATOM   857  C  CH2 . TRP A 1 114 ? 5.346   -1.070  -19.113 1.00 57.28  ? 196 TRP A CH2 1 
ATOM   858  N  N   . PHE A 1 115 ? 0.827   -1.813  -13.181 1.00 42.99  ? 197 PHE A N   1 
ATOM   859  C  CA  . PHE A 1 115 ? -0.015  -1.603  -11.976 1.00 38.25  ? 197 PHE A CA  1 
ATOM   860  C  C   . PHE A 1 115 ? 0.715   -0.631  -11.081 1.00 37.23  ? 197 PHE A C   1 
ATOM   861  O  O   . PHE A 1 115 ? 1.895   -0.363  -11.282 1.00 43.91  ? 197 PHE A O   1 
ATOM   862  C  CB  . PHE A 1 115 ? -0.328  -2.928  -11.229 1.00 43.51  ? 197 PHE A CB  1 
ATOM   863  C  CG  . PHE A 1 115 ? 0.892   -3.550  -10.571 1.00 42.82  ? 197 PHE A CG  1 
ATOM   864  C  CD1 . PHE A 1 115 ? 1.353   -3.104  -9.306  1.00 46.73  ? 197 PHE A CD1 1 
ATOM   865  C  CD2 . PHE A 1 115 ? 1.591   -4.568  -11.212 1.00 46.30  ? 197 PHE A CD2 1 
ATOM   866  C  CE1 . PHE A 1 115 ? 2.505   -3.670  -8.749  1.00 41.70  ? 197 PHE A CE1 1 
ATOM   867  C  CE2 . PHE A 1 115 ? 2.774   -5.112  -10.667 1.00 43.49  ? 197 PHE A CE2 1 
ATOM   868  C  CZ  . PHE A 1 115 ? 3.206   -4.673  -9.431  1.00 37.11  ? 197 PHE A CZ  1 
ATOM   869  N  N   . GLY A 1 116 ? 0.032   -0.099  -10.090 1.00 33.21  ? 198 GLY A N   1 
ATOM   870  C  CA  . GLY A 1 116 ? 0.622   0.987   -9.300  1.00 30.49  ? 198 GLY A CA  1 
ATOM   871  C  C   . GLY A 1 116 ? -0.332  1.306   -8.174  1.00 36.79  ? 198 GLY A C   1 
ATOM   872  O  O   . GLY A 1 116 ? -1.490  0.921   -8.214  1.00 38.38  ? 198 GLY A O   1 
ATOM   873  N  N   . GLY A 1 117 ? 0.165   1.987   -7.163  1.00 35.93  ? 199 GLY A N   1 
ATOM   874  C  CA  . GLY A 1 117 ? -0.623  2.294   -6.013  1.00 39.50  ? 199 GLY A CA  1 
ATOM   875  C  C   . GLY A 1 117 ? -0.124  1.804   -4.670  1.00 36.87  ? 199 GLY A C   1 
ATOM   876  O  O   . GLY A 1 117 ? 0.381   0.686   -4.535  1.00 40.96  ? 199 GLY A O   1 
ATOM   877  N  N   . LEU A 1 118 ? -0.278  2.690   -3.715  1.00 35.98  ? 200 LEU A N   1 
ATOM   878  C  CA  . LEU A 1 118 ? -0.023  2.453   -2.287  1.00 44.49  ? 200 LEU A CA  1 
ATOM   879  C  C   . LEU A 1 118 ? -1.014  1.485   -1.588  1.00 41.55  ? 200 LEU A C   1 
ATOM   880  O  O   . LEU A 1 118 ? -0.889  1.210   -0.406  1.00 42.55  ? 200 LEU A O   1 
ATOM   881  C  CB  . LEU A 1 118 ? 0.005   3.802   -1.552  1.00 33.73  ? 200 LEU A CB  1 
ATOM   882  C  CG  . LEU A 1 118 ? 0.873   3.876   -0.301  1.00 42.71  ? 200 LEU A CG  1 
ATOM   883  C  CD1 . LEU A 1 118 ? 2.306   3.296   -0.473  1.00 35.63  ? 200 LEU A CD1 1 
ATOM   884  C  CD2 . LEU A 1 118 ? 0.940   5.351   0.072   1.00 39.60  ? 200 LEU A CD2 1 
ATOM   885  N  N   . SER A 1 119 ? -1.982  0.950   -2.299  1.00 38.50  ? 201 SER A N   1 
ATOM   886  C  CA  . SER A 1 119 ? -3.013  0.259   -1.549  1.00 51.29  ? 201 SER A CA  1 
ATOM   887  C  C   . SER A 1 119 ? -2.652  -1.169  -1.126  1.00 49.09  ? 201 SER A C   1 
ATOM   888  O  O   . SER A 1 119 ? -3.390  -1.762  -0.317  1.00 47.99  ? 201 SER A O   1 
ATOM   889  C  CB  . SER A 1 119 ? -4.336  0.235   -2.301  1.00 52.67  ? 201 SER A CB  1 
ATOM   890  O  OG  . SER A 1 119 ? -4.178  -0.596  -3.500  1.00 48.93  ? 201 SER A OG  1 
ATOM   891  N  N   . GLY A 1 120 ? -1.566  -1.728  -1.666  1.00 43.45  ? 202 GLY A N   1 
ATOM   892  C  CA  . GLY A 1 120 ? -1.048  -3.001  -1.102  1.00 35.54  ? 202 GLY A CA  1 
ATOM   893  C  C   . GLY A 1 120 ? -0.545  -2.672  0.278   1.00 36.15  ? 202 GLY A C   1 
ATOM   894  O  O   . GLY A 1 120 ? -0.783  -3.431  1.206   1.00 41.86  ? 202 GLY A O   1 
ATOM   895  N  N   . VAL A 1 121 ? 0.131   -1.531  0.414   1.00 33.13  ? 203 VAL A N   1 
ATOM   896  C  CA  . VAL A 1 121 ? 0.684   -1.131  1.674   1.00 37.68  ? 203 VAL A CA  1 
ATOM   897  C  C   . VAL A 1 121 ? -0.429  -0.770  2.664   1.00 50.03  ? 203 VAL A C   1 
ATOM   898  O  O   . VAL A 1 121 ? -0.350  -1.131  3.852   1.00 48.78  ? 203 VAL A O   1 
ATOM   899  C  CB  . VAL A 1 121 ? 1.650   0.040   1.490   1.00 38.54  ? 203 VAL A CB  1 
ATOM   900  C  CG1 . VAL A 1 121 ? 2.034   0.641   2.847   1.00 33.32  ? 203 VAL A CG1 1 
ATOM   901  C  CG2 . VAL A 1 121 ? 2.888   -0.423  0.711   1.00 34.92  ? 203 VAL A CG2 1 
ATOM   902  N  N   . VAL A 1 122 ? -1.460  -0.047  2.176   1.00 54.78  ? 204 VAL A N   1 
ATOM   903  C  CA  . VAL A 1 122 ? -2.561  0.451   3.025   1.00 44.04  ? 204 VAL A CA  1 
ATOM   904  C  C   . VAL A 1 122 ? -3.305  -0.743  3.625   1.00 43.94  ? 204 VAL A C   1 
ATOM   905  O  O   . VAL A 1 122 ? -3.568  -0.743  4.822   1.00 48.60  ? 204 VAL A O   1 
ATOM   906  C  CB  . VAL A 1 122 ? -3.484  1.395   2.249   1.00 49.11  ? 204 VAL A CB  1 
ATOM   907  C  CG1 . VAL A 1 122 ? -4.916  1.364   2.803   1.00 42.94  ? 204 VAL A CG1 1 
ATOM   908  C  CG2 . VAL A 1 122 ? -2.876  2.803   2.240   1.00 43.37  ? 204 VAL A CG2 1 
ATOM   909  N  N   . TYR A 1 123 ? -3.530  -1.782  2.830   1.00 40.32  ? 205 TYR A N   1 
ATOM   910  C  CA  . TYR A 1 123 ? -4.081  -3.072  3.300   1.00 47.63  ? 205 TYR A CA  1 
ATOM   911  C  C   . TYR A 1 123 ? -3.268  -3.832  4.369   1.00 51.12  ? 205 TYR A C   1 
ATOM   912  O  O   . TYR A 1 123 ? -3.827  -4.527  5.226   1.00 46.36  ? 205 TYR A O   1 
ATOM   913  C  CB  . TYR A 1 123 ? -4.307  -4.013  2.102   1.00 55.22  ? 205 TYR A CB  1 
ATOM   914  C  CG  . TYR A 1 123 ? -5.613  -3.793  1.303   1.00 70.32  ? 205 TYR A CG  1 
ATOM   915  C  CD1 . TYR A 1 123 ? -6.407  -4.886  0.918   1.00 78.56  ? 205 TYR A CD1 1 
ATOM   916  C  CD2 . TYR A 1 123 ? -6.048  -2.495  0.941   1.00 75.26  ? 205 TYR A CD2 1 
ATOM   917  C  CE1 . TYR A 1 123 ? -7.574  -4.705  0.180   1.00 85.35  ? 205 TYR A CE1 1 
ATOM   918  C  CE2 . TYR A 1 123 ? -7.206  -2.308  0.209   1.00 91.92  ? 205 TYR A CE2 1 
ATOM   919  C  CZ  . TYR A 1 123 ? -7.964  -3.411  -0.180  1.00 96.48  ? 205 TYR A CZ  1 
ATOM   920  O  OH  . TYR A 1 123 ? -9.121  -3.229  -0.912  1.00 93.78  ? 205 TYR A OH  1 
ATOM   921  N  N   . ALA A 1 124 ? -1.941  -3.728  4.282   1.00 42.08  ? 206 ALA A N   1 
ATOM   922  C  CA  . ALA A 1 124 ? -1.122  -4.316  5.257   1.00 41.49  ? 206 ALA A CA  1 
ATOM   923  C  C   . ALA A 1 124 ? -1.312  -3.532  6.562   1.00 46.05  ? 206 ALA A C   1 
ATOM   924  O  O   . ALA A 1 124 ? -1.353  -4.178  7.577   1.00 42.87  ? 206 ALA A O   1 
ATOM   925  C  CB  . ALA A 1 124 ? 0.344   -4.303  4.820   1.00 37.09  ? 206 ALA A CB  1 
ATOM   926  N  N   . LEU A 1 125 ? -1.377  -2.171  6.504   1.00 38.79  ? 207 LEU A N   1 
ATOM   927  C  CA  . LEU A 1 125 ? -1.635  -1.316  7.649   1.00 43.49  ? 207 LEU A CA  1 
ATOM   928  C  C   . LEU A 1 125 ? -3.020  -1.584  8.261   1.00 48.21  ? 207 LEU A C   1 
ATOM   929  O  O   . LEU A 1 125 ? -3.125  -1.668  9.476   1.00 51.85  ? 207 LEU A O   1 
ATOM   930  C  CB  . LEU A 1 125 ? -1.474  0.171   7.336   1.00 37.27  ? 207 LEU A CB  1 
ATOM   931  C  CG  . LEU A 1 125 ? -0.017  0.548   7.046   1.00 45.43  ? 207 LEU A CG  1 
ATOM   932  C  CD1 . LEU A 1 125 ? 0.084   1.941   6.429   1.00 37.89  ? 207 LEU A CD1 1 
ATOM   933  C  CD2 . LEU A 1 125 ? 0.814   0.446   8.328   1.00 44.82  ? 207 LEU A CD2 1 
ATOM   934  N  N   . MET A 1 126 ? -4.052  -1.751  7.429   1.00 46.68  ? 208 MET A N   1 
ATOM   935  C  CA  . MET A 1 126 ? -5.368  -2.168  7.917   1.00 50.46  ? 208 MET A CA  1 
ATOM   936  C  C   . MET A 1 126 ? -5.296  -3.493  8.677   1.00 57.73  ? 208 MET A C   1 
ATOM   937  O  O   . MET A 1 126 ? -5.668  -3.559  9.861   1.00 57.26  ? 208 MET A O   1 
ATOM   938  C  CB  . MET A 1 126 ? -6.378  -2.308  6.814   1.00 45.02  ? 208 MET A CB  1 
ATOM   939  C  CG  . MET A 1 126 ? -6.827  -0.979  6.231   1.00 57.96  ? 208 MET A CG  1 
ATOM   940  S  SD  . MET A 1 126 ? -7.910  -1.304  4.792   1.00 53.91  ? 208 MET A SD  1 
ATOM   941  C  CE  . MET A 1 126 ? -8.246  0.422   4.424   1.00 59.54  ? 208 MET A CE  1 
ATOM   942  N  N   . GLY A 1 127 ? -4.822  -4.534  8.005   1.00 50.51  ? 209 GLY A N   1 
ATOM   943  C  CA  . GLY A 1 127 ? -4.723  -5.825  8.624   1.00 53.85  ? 209 GLY A CA  1 
ATOM   944  C  C   . GLY A 1 127 ? -3.841  -5.783  9.861   1.00 60.48  ? 209 GLY A C   1 
ATOM   945  O  O   . GLY A 1 127 ? -4.168  -6.417  10.859  1.00 56.24  ? 209 GLY A O   1 
ATOM   946  N  N   . TYR A 1 128 ? -2.752  -5.014  9.795   1.00 50.21  ? 210 TYR A N   1 
ATOM   947  C  CA  . TYR A 1 128 ? -1.794  -4.960  10.860  1.00 49.39  ? 210 TYR A CA  1 
ATOM   948  C  C   . TYR A 1 128 ? -2.378  -4.316  12.112  1.00 54.52  ? 210 TYR A C   1 
ATOM   949  O  O   . TYR A 1 128 ? -2.288  -4.897  13.157  1.00 59.96  ? 210 TYR A O   1 
ATOM   950  C  CB  . TYR A 1 128 ? -0.550  -4.171  10.471  1.00 41.72  ? 210 TYR A CB  1 
ATOM   951  C  CG  . TYR A 1 128 ? 0.410   -4.121  11.611  1.00 40.46  ? 210 TYR A CG  1 
ATOM   952  C  CD1 . TYR A 1 128 ? 1.321   -5.165  11.830  1.00 41.35  ? 210 TYR A CD1 1 
ATOM   953  C  CD2 . TYR A 1 128 ? 0.378   -3.059  12.525  1.00 41.91  ? 210 TYR A CD2 1 
ATOM   954  C  CE1 . TYR A 1 128 ? 2.206   -5.114  12.904  1.00 43.27  ? 210 TYR A CE1 1 
ATOM   955  C  CE2 . TYR A 1 128 ? 1.222   -3.021  13.613  1.00 44.63  ? 210 TYR A CE2 1 
ATOM   956  C  CZ  . TYR A 1 128 ? 2.122   -4.067  13.803  1.00 44.84  ? 210 TYR A CZ  1 
ATOM   957  O  OH  . TYR A 1 128 ? 2.963   -4.036  14.890  1.00 50.90  ? 210 TYR A OH  1 
ATOM   958  N  N   . VAL A 1 129 ? -2.893  -3.088  11.973  1.00 51.16  ? 211 VAL A N   1 
ATOM   959  C  CA  . VAL A 1 129 ? -3.427  -2.272  13.029  1.00 53.27  ? 211 VAL A CA  1 
ATOM   960  C  C   . VAL A 1 129 ? -4.699  -2.919  13.652  1.00 61.72  ? 211 VAL A C   1 
ATOM   961  O  O   . VAL A 1 129 ? -4.943  -2.810  14.855  1.00 57.12  ? 211 VAL A O   1 
ATOM   962  C  CB  . VAL A 1 129 ? -3.713  -0.855  12.509  1.00 53.75  ? 211 VAL A CB  1 
ATOM   963  C  CG1 . VAL A 1 129 ? -4.611  -0.060  13.455  1.00 49.76  ? 211 VAL A CG1 1 
ATOM   964  C  CG2 . VAL A 1 129 ? -2.415  -0.087  12.330  1.00 50.09  ? 211 VAL A CG2 1 
ATOM   965  N  N   . TRP A 1 130 ? -5.482  -3.624  12.852  1.00 57.09  ? 212 TRP A N   1 
ATOM   966  C  CA  . TRP A 1 130 ? -6.659  -4.288  13.369  1.00 56.89  ? 212 TRP A CA  1 
ATOM   967  C  C   . TRP A 1 130 ? -6.237  -5.460  14.236  1.00 61.87  ? 212 TRP A C   1 
ATOM   968  O  O   . TRP A 1 130 ? -6.612  -5.525  15.408  1.00 61.89  ? 212 TRP A O   1 
ATOM   969  C  CB  . TRP A 1 130 ? -7.592  -4.775  12.262  1.00 53.51  ? 212 TRP A CB  1 
ATOM   970  C  CG  . TRP A 1 130 ? -8.633  -5.664  12.785  1.00 59.90  ? 212 TRP A CG  1 
ATOM   971  C  CD1 . TRP A 1 130 ? -9.744  -5.284  13.568  1.00 55.00  ? 212 TRP A CD1 1 
ATOM   972  C  CD2 . TRP A 1 130 ? -8.704  -7.104  12.647  1.00 62.13  ? 212 TRP A CD2 1 
ATOM   973  N  NE1 . TRP A 1 130 ? -10.482 -6.402  13.876  1.00 56.91  ? 212 TRP A NE1 1 
ATOM   974  C  CE2 . TRP A 1 130 ? -9.889  -7.529  13.343  1.00 61.32  ? 212 TRP A CE2 1 
ATOM   975  C  CE3 . TRP A 1 130 ? -7.902  -8.076  11.998  1.00 62.33  ? 212 TRP A CE3 1 
ATOM   976  C  CZ2 . TRP A 1 130 ? -10.274 -8.893  13.435  1.00 51.04  ? 212 TRP A CZ2 1 
ATOM   977  C  CZ3 . TRP A 1 130 ? -8.301  -9.455  12.070  1.00 62.44  ? 212 TRP A CZ3 1 
ATOM   978  C  CH2 . TRP A 1 130 ? -9.483  -9.838  12.801  1.00 55.31  ? 212 TRP A CH2 1 
ATOM   979  N  N   . LEU A 1 131 ? -5.455  -6.371  13.663  1.00 59.64  ? 213 LEU A N   1 
ATOM   980  C  CA  . LEU A 1 131 ? -5.140  -7.619  14.340  1.00 55.60  ? 213 LEU A CA  1 
ATOM   981  C  C   . LEU A 1 131 ? -4.277  -7.417  15.584  1.00 63.78  ? 213 LEU A C   1 
ATOM   982  O  O   . LEU A 1 131 ? -4.377  -8.198  16.542  1.00 62.88  ? 213 LEU A O   1 
ATOM   983  C  CB  . LEU A 1 131 ? -4.527  -8.658  13.413  1.00 43.46  ? 213 LEU A CB  1 
ATOM   984  C  CG  . LEU A 1 131 ? -4.133  -9.982  14.055  1.00 52.35  ? 213 LEU A CG  1 
ATOM   985  C  CD1 . LEU A 1 131 ? -5.386  -10.729 14.529  1.00 60.68  ? 213 LEU A CD1 1 
ATOM   986  C  CD2 . LEU A 1 131 ? -3.347  -10.909 13.170  1.00 53.76  ? 213 LEU A CD2 1 
ATOM   987  N  N   . ARG A 1 132 ? -3.461  -6.367  15.562  1.00 54.99  ? 214 ARG A N   1 
ATOM   988  C  CA  . ARG A 1 132 ? -2.626  -6.034  16.676  1.00 59.93  ? 214 ARG A CA  1 
ATOM   989  C  C   . ARG A 1 132 ? -3.509  -5.450  17.822  1.00 70.18  ? 214 ARG A C   1 
ATOM   990  O  O   . ARG A 1 132 ? -3.130  -5.500  18.971  1.00 71.17  ? 214 ARG A O   1 
ATOM   991  C  CB  . ARG A 1 132 ? -1.556  -5.045  16.206  1.00 50.93  ? 214 ARG A CB  1 
ATOM   992  C  CG  . ARG A 1 132 ? -0.452  -4.696  17.202  1.00 55.27  ? 214 ARG A CG  1 
ATOM   993  C  CD  . ARG A 1 132 ? 0.534   -5.847  17.493  1.00 57.47  ? 214 ARG A CD  1 
ATOM   994  N  NE  . ARG A 1 132 ? 1.483   -5.518  18.561  1.00 59.77  ? 214 ARG A NE  1 
ATOM   995  C  CZ  . ARG A 1 132 ? 2.457   -4.603  18.491  1.00 67.95  ? 214 ARG A CZ  1 
ATOM   996  N  NH1 . ARG A 1 132 ? 2.658   -3.877  17.404  1.00 76.30  ? 214 ARG A NH1 1 
ATOM   997  N  NH2 . ARG A 1 132 ? 3.246   -4.381  19.523  1.00 65.09  ? 214 ARG A NH2 1 
ATOM   998  N  N   . GLY A 1 133 ? -4.667  -4.879  17.486  1.00 72.51  ? 215 GLY A N   1 
ATOM   999  C  CA  . GLY A 1 133 ? -5.604  -4.281  18.467  1.00 67.51  ? 215 GLY A CA  1 
ATOM   1000 C  C   . GLY A 1 133 ? -6.449  -5.311  19.211  1.00 68.03  ? 215 GLY A C   1 
ATOM   1001 O  O   . GLY A 1 133 ? -6.728  -5.144  20.398  1.00 89.29  ? 215 GLY A O   1 
ATOM   1002 N  N   . GLU A 1 134 ? -6.828  -6.361  18.481  1.00 66.83  ? 216 GLU A N   1 
ATOM   1003 C  CA  . GLU A 1 134 ? -7.534  -7.555  18.940  1.00 74.65  ? 216 GLU A CA  1 
ATOM   1004 C  C   . GLU A 1 134 ? -6.683  -8.481  19.792  1.00 76.48  ? 216 GLU A C   1 
ATOM   1005 O  O   . GLU A 1 134 ? -7.101  -8.936  20.857  1.00 92.59  ? 216 GLU A O   1 
ATOM   1006 C  CB  . GLU A 1 134 ? -8.058  -8.346  17.738  1.00 75.75  ? 216 GLU A CB  1 
ATOM   1007 C  CG  . GLU A 1 134 ? -9.151  -7.604  16.993  1.00 91.88  ? 216 GLU A CG  1 
ATOM   1008 C  CD  . GLU A 1 134 ? -10.324 -7.275  17.893  1.00 100.69 ? 216 GLU A CD  1 
ATOM   1009 O  OE1 . GLU A 1 134 ? -11.123 -8.210  18.083  1.00 108.36 ? 216 GLU A OE1 1 
ATOM   1010 O  OE2 . GLU A 1 134 ? -10.438 -6.122  18.404  1.00 95.01  ? 216 GLU A OE2 1 
ATOM   1011 N  N   . ARG A 1 135 ? -5.495  -8.770  19.307  1.00 71.97  ? 217 ARG A N   1 
ATOM   1012 C  CA  . ARG A 1 135 ? -4.635  -9.706  19.956  1.00 65.86  ? 217 ARG A CA  1 
ATOM   1013 C  C   . ARG A 1 135 ? -3.733  -9.043  21.001  1.00 74.77  ? 217 ARG A C   1 
ATOM   1014 O  O   . ARG A 1 135 ? -2.979  -9.730  21.701  1.00 87.06  ? 217 ARG A O   1 
ATOM   1015 C  CB  . ARG A 1 135 ? -3.789  -10.415 18.917  1.00 59.73  ? 217 ARG A CB  1 
ATOM   1016 C  CG  . ARG A 1 135 ? -4.298  -11.727 18.450  1.00 60.77  ? 217 ARG A CG  1 
ATOM   1017 C  CD  . ARG A 1 135 ? -3.027  -12.358 17.950  1.00 68.78  ? 217 ARG A CD  1 
ATOM   1018 N  NE  . ARG A 1 135 ? -3.125  -13.779 17.665  1.00 90.34  ? 217 ARG A NE  1 
ATOM   1019 C  CZ  . ARG A 1 135 ? -4.126  -14.347 17.000  1.00 103.42 ? 217 ARG A CZ  1 
ATOM   1020 N  NH1 . ARG A 1 135 ? -4.096  -15.661 16.779  1.00 109.22 ? 217 ARG A NH1 1 
ATOM   1021 N  NH2 . ARG A 1 135 ? -5.143  -13.604 16.544  1.00 102.26 ? 217 ARG A NH2 1 
ATOM   1022 N  N   . ASP A 1 136 ? -3.788  -7.724  21.132  1.00 81.49  ? 218 ASP A N   1 
ATOM   1023 C  CA  . ASP A 1 136 ? -2.752  -7.024  21.932  1.00 91.56  ? 218 ASP A CA  1 
ATOM   1024 C  C   . ASP A 1 136 ? -3.215  -5.661  22.470  1.00 94.68  ? 218 ASP A C   1 
ATOM   1025 O  O   . ASP A 1 136 ? -2.494  -4.681  22.323  1.00 85.75  ? 218 ASP A O   1 
ATOM   1026 C  CB  . ASP A 1 136 ? -1.440  -6.893  21.104  1.00 96.06  ? 218 ASP A CB  1 
ATOM   1027 C  CG  . ASP A 1 136 ? -0.167  -6.727  21.955  1.00 103.83 ? 218 ASP A CG  1 
ATOM   1028 O  OD1 . ASP A 1 136 ? -0.210  -6.216  23.101  1.00 109.45 ? 218 ASP A OD1 1 
ATOM   1029 O  OD2 . ASP A 1 136 ? 0.902   -7.128  21.447  1.00 106.27 ? 218 ASP A OD2 1 
ATOM   1030 N  N   . PRO A 1 137 ? -4.321  -5.570  23.141  1.00 104.86 ? 219 PRO A N   1 
ATOM   1031 C  CA  . PRO A 1 137 ? -4.601  -4.242  23.544  1.00 104.23 ? 219 PRO A CA  1 
ATOM   1032 C  C   . PRO A 1 137 ? -3.602  -3.288  24.037  1.00 100.81 ? 219 PRO A C   1 
ATOM   1033 O  O   . PRO A 1 137 ? -3.627  -2.101  23.611  1.00 106.15 ? 219 PRO A O   1 
ATOM   1034 C  CB  . PRO A 1 137 ? -5.983  -4.266  24.131  1.00 110.62 ? 219 PRO A CB  1 
ATOM   1035 C  CG  . PRO A 1 137 ? -6.600  -5.516  23.510  1.00 104.32 ? 219 PRO A CG  1 
ATOM   1036 C  CD  . PRO A 1 137 ? -5.426  -6.496  23.476  1.00 101.02 ? 219 PRO A CD  1 
ATOM   1037 N  N   . GLN A 1 138 ? -2.739  -3.575  24.994  1.00 107.41 ? 220 GLN A N   1 
ATOM   1038 C  CA  . GLN A 1 138 ? -1.867  -2.604  25.572  1.00 118.34 ? 220 GLN A CA  1 
ATOM   1039 C  C   . GLN A 1 138 ? -1.019  -1.753  24.694  1.00 127.40 ? 220 GLN A C   1 
ATOM   1040 O  O   . GLN A 1 138 ? -0.886  -0.537  24.990  1.00 132.25 ? 220 GLN A O   1 
ATOM   1041 C  CB  . GLN A 1 138 ? -1.128  -3.004  26.822  1.00 123.89 ? 220 GLN A CB  1 
ATOM   1042 C  CG  . GLN A 1 138 ? -1.397  -2.211  28.074  1.00 125.95 ? 220 GLN A CG  1 
ATOM   1043 C  CD  . GLN A 1 138 ? -0.216  -1.733  28.858  1.00 126.01 ? 220 GLN A CD  1 
ATOM   1044 O  OE1 . GLN A 1 138 ? 0.281   -0.599  28.716  1.00 121.43 ? 220 GLN A OE1 1 
ATOM   1045 N  NE2 . GLN A 1 138 ? 0.321   -2.544  29.779  1.00 119.23 ? 220 GLN A NE2 1 
ATOM   1046 N  N   . SER A 1 139 ? -0.394  -2.295  23.706  1.00 132.84 ? 221 SER A N   1 
ATOM   1047 C  CA  . SER A 1 139 ? 0.553   -1.682  22.762  1.00 115.14 ? 221 SER A CA  1 
ATOM   1048 C  C   . SER A 1 139 ? 0.158   -0.319  22.284  1.00 95.10  ? 221 SER A C   1 
ATOM   1049 O  O   . SER A 1 139 ? 1.038   0.539   22.061  1.00 97.01  ? 221 SER A O   1 
ATOM   1050 C  CB  . SER A 1 139 ? 0.661   -2.689  21.585  1.00 123.39 ? 221 SER A CB  1 
ATOM   1051 O  OG  . SER A 1 139 ? 1.210   -3.895  22.166  1.00 156.55 ? 221 SER A OG  1 
ATOM   1052 N  N   . GLY A 1 140 ? -1.099  -0.034  22.203  1.00 87.18  ? 222 GLY A N   1 
ATOM   1053 C  CA  . GLY A 1 140 ? -1.679  1.230   21.918  1.00 87.51  ? 222 GLY A CA  1 
ATOM   1054 C  C   . GLY A 1 140 ? -2.185  1.509   20.547  1.00 93.49  ? 222 GLY A C   1 
ATOM   1055 O  O   . GLY A 1 140 ? -2.510  2.660   20.167  1.00 78.36  ? 222 GLY A O   1 
ATOM   1056 N  N   . ILE A 1 141 ? -2.278  0.476   19.756  1.00 88.97  ? 223 ILE A N   1 
ATOM   1057 C  CA  . ILE A 1 141 ? -2.706  0.579   18.369  1.00 89.18  ? 223 ILE A CA  1 
ATOM   1058 C  C   . ILE A 1 141 ? -3.955  -0.197  18.129  1.00 77.58  ? 223 ILE A C   1 
ATOM   1059 O  O   . ILE A 1 141 ? -3.989  -1.412  18.285  1.00 84.94  ? 223 ILE A O   1 
ATOM   1060 C  CB  . ILE A 1 141 ? -1.563  0.390   17.424  1.00 76.42  ? 223 ILE A CB  1 
ATOM   1061 C  CG1 . ILE A 1 141 ? -1.107  1.638   16.728  1.00 84.71  ? 223 ILE A CG1 1 
ATOM   1062 C  CG2 . ILE A 1 141 ? -1.485  -0.842  16.603  1.00 75.79  ? 223 ILE A CG2 1 
ATOM   1063 C  CD1 . ILE A 1 141 ? -0.832  2.802   17.635  1.00 100.76 ? 223 ILE A CD1 1 
ATOM   1064 N  N   . TYR A 1 142 ? -5.050  0.475   17.746  1.00 79.46  ? 224 TYR A N   1 
ATOM   1065 C  CA  . TYR A 1 142 ? -6.271  -0.193  17.422  1.00 77.88  ? 224 TYR A CA  1 
ATOM   1066 C  C   . TYR A 1 142 ? -6.987  0.240   16.190  1.00 62.03  ? 224 TYR A C   1 
ATOM   1067 O  O   . TYR A 1 142 ? -7.015  1.382   15.785  1.00 48.97  ? 224 TYR A O   1 
ATOM   1068 C  CB  . TYR A 1 142 ? -7.219  -0.433  18.630  1.00 79.61  ? 224 TYR A CB  1 
ATOM   1069 C  CG  . TYR A 1 142 ? -7.822  0.909   19.058  1.00 76.22  ? 224 TYR A CG  1 
ATOM   1070 C  CD1 . TYR A 1 142 ? -8.890  1.462   18.412  1.00 83.75  ? 224 TYR A CD1 1 
ATOM   1071 C  CD2 . TYR A 1 142 ? -7.267  1.614   20.098  1.00 75.41  ? 224 TYR A CD2 1 
ATOM   1072 C  CE1 . TYR A 1 142 ? -9.399  2.675   18.781  1.00 104.46 ? 224 TYR A CE1 1 
ATOM   1073 C  CE2 . TYR A 1 142 ? -7.763  2.831   20.490  1.00 89.87  ? 224 TYR A CE2 1 
ATOM   1074 C  CZ  . TYR A 1 142 ? -8.829  3.370   19.819  1.00 106.88 ? 224 TYR A CZ  1 
ATOM   1075 O  OH  . TYR A 1 142 ? -9.339  4.577   20.191  1.00 104.93 ? 224 TYR A OH  1 
ATOM   1076 N  N   . LEU A 1 143 ? -7.778  -0.606  15.606  1.00 55.16  ? 225 LEU A N   1 
ATOM   1077 C  CA  . LEU A 1 143 ? -8.659  -0.163  14.528  1.00 61.85  ? 225 LEU A CA  1 
ATOM   1078 C  C   . LEU A 1 143 ? -10.094 0.058   15.036  1.00 61.80  ? 225 LEU A C   1 
ATOM   1079 O  O   . LEU A 1 143 ? -10.820 -0.894  15.213  1.00 64.49  ? 225 LEU A O   1 
ATOM   1080 C  CB  . LEU A 1 143 ? -8.611  -1.140  13.329  1.00 58.68  ? 225 LEU A CB  1 
ATOM   1081 C  CG  . LEU A 1 143 ? -9.210  -0.559  12.054  1.00 55.37  ? 225 LEU A CG  1 
ATOM   1082 C  CD1 . LEU A 1 143 ? -8.500  0.754   11.754  1.00 62.58  ? 225 LEU A CD1 1 
ATOM   1083 C  CD2 . LEU A 1 143 ? -9.143  -1.535  10.878  1.00 52.85  ? 225 LEU A CD2 1 
ATOM   1084 N  N   . GLN A 1 144 ? -10.442 1.325   15.286  1.00 69.43  ? 226 GLN A N   1 
ATOM   1085 C  CA  . GLN A 1 144 ? -11.775 1.813   15.673  1.00 68.27  ? 226 GLN A CA  1 
ATOM   1086 C  C   . GLN A 1 144 ? -12.910 1.150   14.852  1.00 71.76  ? 226 GLN A C   1 
ATOM   1087 O  O   . GLN A 1 144 ? -12.859 1.108   13.603  1.00 71.46  ? 226 GLN A O   1 
ATOM   1088 C  CB  . GLN A 1 144 ? -11.779 3.328   15.438  1.00 69.24  ? 226 GLN A CB  1 
ATOM   1089 C  CG  . GLN A 1 144 ? -12.693 4.135   16.336  1.00 89.91  ? 226 GLN A CG  1 
ATOM   1090 C  CD  . GLN A 1 144 ? -12.684 5.633   16.011  1.00 107.99 ? 226 GLN A CD  1 
ATOM   1091 O  OE1 . GLN A 1 144 ? -11.955 6.094   15.123  1.00 103.52 ? 226 GLN A OE1 1 
ATOM   1092 N  NE2 . GLN A 1 144 ? -13.499 6.402   16.742  1.00 109.56 ? 226 GLN A NE2 1 
ATOM   1093 N  N   . ARG A 1 145 ? -13.923 0.634   15.551  1.00 73.89  ? 227 ARG A N   1 
ATOM   1094 C  CA  . ARG A 1 145 ? -15.074 -0.061  14.922  1.00 68.49  ? 227 ARG A CA  1 
ATOM   1095 C  C   . ARG A 1 145 ? -15.631 0.617   13.671  1.00 61.34  ? 227 ARG A C   1 
ATOM   1096 O  O   . ARG A 1 145 ? -15.752 -0.016  12.595  1.00 60.30  ? 227 ARG A O   1 
ATOM   1097 C  CB  . ARG A 1 145 ? -16.191 -0.249  15.918  1.00 70.20  ? 227 ARG A CB  1 
ATOM   1098 C  CG  . ARG A 1 145 ? -16.059 -1.488  16.776  1.00 70.15  ? 227 ARG A CG  1 
ATOM   1099 C  CD  . ARG A 1 145 ? -17.004 -1.279  17.932  1.00 67.53  ? 227 ARG A CD  1 
ATOM   1100 N  NE  . ARG A 1 145 ? -17.349 -2.515  18.612  1.00 76.33  ? 227 ARG A NE  1 
ATOM   1101 C  CZ  . ARG A 1 145 ? -18.377 -2.645  19.451  1.00 74.68  ? 227 ARG A CZ  1 
ATOM   1102 N  NH1 . ARG A 1 145 ? -19.173 -1.617  19.729  1.00 73.63  ? 227 ARG A NH1 1 
ATOM   1103 N  NH2 . ARG A 1 145 ? -18.618 -3.809  20.014  1.00 74.93  ? 227 ARG A NH2 1 
ATOM   1104 N  N   . GLY A 1 146 ? -15.916 1.909   13.767  1.00 51.79  ? 228 GLY A N   1 
ATOM   1105 C  CA  . GLY A 1 146 ? -16.288 2.655   12.539  1.00 56.31  ? 228 GLY A CA  1 
ATOM   1106 C  C   . GLY A 1 146 ? -15.329 2.431   11.361  1.00 66.53  ? 228 GLY A C   1 
ATOM   1107 O  O   . GLY A 1 146 ? -15.769 2.142   10.236  1.00 74.48  ? 228 GLY A O   1 
ATOM   1108 N  N   . LEU A 1 147 ? -14.012 2.548   11.615  1.00 73.95  ? 229 LEU A N   1 
ATOM   1109 C  CA  . LEU A 1 147 ? -13.020 2.366   10.549  1.00 56.27  ? 229 LEU A CA  1 
ATOM   1110 C  C   . LEU A 1 147 ? -12.868 0.926   10.120  1.00 51.49  ? 229 LEU A C   1 
ATOM   1111 O  O   . LEU A 1 147 ? -12.643 0.697   8.932   1.00 58.37  ? 229 LEU A O   1 
ATOM   1112 C  CB  . LEU A 1 147 ? -11.684 3.052   10.827  1.00 59.00  ? 229 LEU A CB  1 
ATOM   1113 C  CG  . LEU A 1 147 ? -11.714 4.560   11.046  1.00 60.69  ? 229 LEU A CG  1 
ATOM   1114 C  CD1 . LEU A 1 147 ? -10.334 4.923   11.571  1.00 65.21  ? 229 LEU A CD1 1 
ATOM   1115 C  CD2 . LEU A 1 147 ? -12.069 5.347   9.797   1.00 59.12  ? 229 LEU A CD2 1 
ATOM   1116 N  N   . ILE A 1 148 ? -13.069 -0.057  11.007  1.00 48.51  ? 230 ILE A N   1 
ATOM   1117 C  CA  . ILE A 1 148 ? -13.241 -1.445  10.494  1.00 54.99  ? 230 ILE A CA  1 
ATOM   1118 C  C   . ILE A 1 148 ? -14.330 -1.550  9.396   1.00 62.25  ? 230 ILE A C   1 
ATOM   1119 O  O   . ILE A 1 148 ? -14.188 -2.297  8.429   1.00 62.95  ? 230 ILE A O   1 
ATOM   1120 C  CB  . ILE A 1 148 ? -13.640 -2.471  11.562  1.00 58.08  ? 230 ILE A CB  1 
ATOM   1121 C  CG1 . ILE A 1 148 ? -12.773 -2.308  12.850  1.00 59.54  ? 230 ILE A CG1 1 
ATOM   1122 C  CG2 . ILE A 1 148 ? -13.695 -3.861  10.891  1.00 42.70  ? 230 ILE A CG2 1 
ATOM   1123 C  CD1 . ILE A 1 148 ? -12.757 -3.506  13.803  1.00 50.92  ? 230 ILE A CD1 1 
ATOM   1124 N  N   . ILE A 1 149 ? -15.436 -0.833  9.585   1.00 63.89  ? 231 ILE A N   1 
ATOM   1125 C  CA  . ILE A 1 149 ? -16.542 -0.884  8.643   1.00 62.31  ? 231 ILE A CA  1 
ATOM   1126 C  C   . ILE A 1 149 ? -16.083 -0.212  7.365   1.00 57.53  ? 231 ILE A C   1 
ATOM   1127 O  O   . ILE A 1 149 ? -16.216 -0.794  6.267   1.00 61.82  ? 231 ILE A O   1 
ATOM   1128 C  CB  . ILE A 1 149 ? -17.852 -0.263  9.238   1.00 52.19  ? 231 ILE A CB  1 
ATOM   1129 C  CG1 . ILE A 1 149 ? -18.451 -1.220  10.262  1.00 54.08  ? 231 ILE A CG1 1 
ATOM   1130 C  CG2 . ILE A 1 149 ? -18.821 0.134   8.145   1.00 57.72  ? 231 ILE A CG2 1 
ATOM   1131 C  CD1 . ILE A 1 149 ? -18.771 -2.645  9.808   1.00 50.04  ? 231 ILE A CD1 1 
ATOM   1132 N  N   . PHE A 1 150 ? -15.540 0.995   7.503   1.00 51.78  ? 232 PHE A N   1 
ATOM   1133 C  CA  . PHE A 1 150 ? -15.077 1.705   6.329   1.00 58.50  ? 232 PHE A CA  1 
ATOM   1134 C  C   . PHE A 1 150 ? -13.943 0.919   5.578   1.00 57.50  ? 232 PHE A C   1 
ATOM   1135 O  O   . PHE A 1 150 ? -13.932 0.879   4.381   1.00 60.41  ? 232 PHE A O   1 
ATOM   1136 C  CB  . PHE A 1 150 ? -14.847 3.203   6.641   1.00 61.01  ? 232 PHE A CB  1 
ATOM   1137 C  CG  . PHE A 1 150 ? -16.064 3.886   7.263   0.50 62.28  ? 232 PHE A CG  1 
ATOM   1138 C  CD1 . PHE A 1 150 ? -17.331 3.776   6.684   0.50 65.29  ? 232 PHE A CD1 1 
ATOM   1139 C  CD2 . PHE A 1 150 ? -15.946 4.645   8.416   0.50 68.55  ? 232 PHE A CD2 1 
ATOM   1140 C  CE1 . PHE A 1 150 ? -18.434 4.385   7.253   0.50 58.86  ? 232 PHE A CE1 1 
ATOM   1141 C  CE2 . PHE A 1 150 ? -17.054 5.266   8.990   0.50 63.85  ? 232 PHE A CE2 1 
ATOM   1142 C  CZ  . PHE A 1 150 ? -18.292 5.133   8.409   0.50 62.43  ? 232 PHE A CZ  1 
ATOM   1143 N  N   . ALA A 1 151 ? -13.113 0.161   6.289   1.00 55.39  ? 233 ALA A N   1 
ATOM   1144 C  CA  . ALA A 1 151 ? -12.107 -0.716  5.679   1.00 62.19  ? 233 ALA A CA  1 
ATOM   1145 C  C   . ALA A 1 151 ? -12.706 -1.899  4.969   1.00 61.74  ? 233 ALA A C   1 
ATOM   1146 O  O   . ALA A 1 151 ? -12.217 -2.300  3.906   1.00 64.97  ? 233 ALA A O   1 
ATOM   1147 C  CB  . ALA A 1 151 ? -11.086 -1.208  6.720   1.00 55.42  ? 233 ALA A CB  1 
ATOM   1148 N  N   . LEU A 1 152 ? -13.725 -2.493  5.592   1.00 70.96  ? 234 LEU A N   1 
ATOM   1149 C  CA  . LEU A 1 152 ? -14.398 -3.680  5.059   1.00 61.02  ? 234 LEU A CA  1 
ATOM   1150 C  C   . LEU A 1 152 ? -15.107 -3.349  3.777   1.00 61.31  ? 234 LEU A C   1 
ATOM   1151 O  O   . LEU A 1 152 ? -15.042 -4.098  2.827   1.00 58.98  ? 234 LEU A O   1 
ATOM   1152 C  CB  . LEU A 1 152 ? -15.377 -4.201  6.048   1.00 58.61  ? 234 LEU A CB  1 
ATOM   1153 C  CG  . LEU A 1 152 ? -14.781 -5.486  6.538   1.00 63.65  ? 234 LEU A CG  1 
ATOM   1154 C  CD1 . LEU A 1 152 ? -15.149 -5.630  7.995   1.00 68.74  ? 234 LEU A CD1 1 
ATOM   1155 C  CD2 . LEU A 1 152 ? -15.370 -6.601  5.713   1.00 71.84  ? 234 LEU A CD2 1 
ATOM   1156 N  N   . ILE A 1 153 ? -15.716 -2.175  3.742   1.00 56.75  ? 235 ILE A N   1 
ATOM   1157 C  CA  . ILE A 1 153 ? -16.391 -1.744  2.563   1.00 67.67  ? 235 ILE A CA  1 
ATOM   1158 C  C   . ILE A 1 153 ? -15.337 -1.514  1.474   1.00 72.72  ? 235 ILE A C   1 
ATOM   1159 O  O   . ILE A 1 153 ? -15.518 -1.956  0.329   1.00 77.74  ? 235 ILE A O   1 
ATOM   1160 C  CB  . ILE A 1 153 ? -17.232 -0.490  2.870   1.00 66.67  ? 235 ILE A CB  1 
ATOM   1161 C  CG1 . ILE A 1 153 ? -18.389 -0.867  3.808   1.00 61.70  ? 235 ILE A CG1 1 
ATOM   1162 C  CG2 . ILE A 1 153 ? -17.719 0.189   1.591   1.00 63.86  ? 235 ILE A CG2 1 
ATOM   1163 C  CD1 . ILE A 1 153 ? -19.188 0.337   4.274   1.00 63.84  ? 235 ILE A CD1 1 
ATOM   1164 N  N   . TRP A 1 154 ? -14.247 -0.838  1.851   1.00 77.52  ? 236 TRP A N   1 
ATOM   1165 C  CA  . TRP A 1 154 ? -13.111 -0.536  0.947   1.00 70.70  ? 236 TRP A CA  1 
ATOM   1166 C  C   . TRP A 1 154 ? -12.544 -1.836  0.360   1.00 50.74  ? 236 TRP A C   1 
ATOM   1167 O  O   . TRP A 1 154 ? -12.531 -1.979  -0.846  1.00 55.69  ? 236 TRP A O   1 
ATOM   1168 C  CB  . TRP A 1 154 ? -12.043 0.244   1.704   1.00 80.94  ? 236 TRP A CB  1 
ATOM   1169 C  CG  . TRP A 1 154 ? -11.496 1.404   0.955   1.00 86.97  ? 236 TRP A CG  1 
ATOM   1170 C  CD1 . TRP A 1 154 ? -12.118 2.610   0.711   1.00 90.19  ? 236 TRP A CD1 1 
ATOM   1171 C  CD2 . TRP A 1 154 ? -10.200 1.492   0.367   1.00 77.62  ? 236 TRP A CD2 1 
ATOM   1172 N  NE1 . TRP A 1 154 ? -11.277 3.440   -0.009  1.00 97.35  ? 236 TRP A NE1 1 
ATOM   1173 C  CE2 . TRP A 1 154 ? -10.098 2.777   -0.239  1.00 83.84  ? 236 TRP A CE2 1 
ATOM   1174 C  CE3 . TRP A 1 154 ? -9.118  0.605   0.277   1.00 82.68  ? 236 TRP A CE3 1 
ATOM   1175 C  CZ2 . TRP A 1 154 ? -8.950  3.199   -0.924  1.00 91.48  ? 236 TRP A CZ2 1 
ATOM   1176 C  CZ3 . TRP A 1 154 ? -7.955  1.030   -0.420  1.00 82.43  ? 236 TRP A CZ3 1 
ATOM   1177 C  CH2 . TRP A 1 154 ? -7.892  2.317   -1.004  1.00 90.53  ? 236 TRP A CH2 1 
ATOM   1178 N  N   . ILE A 1 155 ? -12.199 -2.818  1.204   1.00 50.19  ? 237 ILE A N   1 
ATOM   1179 C  CA  . ILE A 1 155 ? -11.886 -4.188  0.746   1.00 53.47  ? 237 ILE A CA  1 
ATOM   1180 C  C   . ILE A 1 155 ? -12.912 -4.753  -0.268  1.00 73.36  ? 237 ILE A C   1 
ATOM   1181 O  O   . ILE A 1 155 ? -12.533 -5.220  -1.366  1.00 75.21  ? 237 ILE A O   1 
ATOM   1182 C  CB  . ILE A 1 155 ? -11.765 -5.167  1.916   1.00 56.34  ? 237 ILE A CB  1 
ATOM   1183 C  CG1 . ILE A 1 155 ? -10.550 -4.786  2.820   1.00 68.76  ? 237 ILE A CG1 1 
ATOM   1184 C  CG2 . ILE A 1 155 ? -11.714 -6.609  1.412   1.00 56.64  ? 237 ILE A CG2 1 
ATOM   1185 C  CD1 . ILE A 1 155 ? -10.315 -5.637  4.079   1.00 58.26  ? 237 ILE A CD1 1 
ATOM   1186 N  N   . VAL A 1 156 ? -14.204 -4.702  0.111   1.00 75.21  ? 238 VAL A N   1 
ATOM   1187 C  CA  . VAL A 1 156 ? -15.320 -5.279  -0.676  1.00 58.43  ? 238 VAL A CA  1 
ATOM   1188 C  C   . VAL A 1 156 ? -15.418 -4.666  -2.081  1.00 56.95  ? 238 VAL A C   1 
ATOM   1189 O  O   . VAL A 1 156 ? -15.584 -5.375  -3.079  1.00 56.02  ? 238 VAL A O   1 
ATOM   1190 C  CB  . VAL A 1 156 ? -16.683 -5.213  0.115   1.00 57.51  ? 238 VAL A CB  1 
ATOM   1191 C  CG1 . VAL A 1 156 ? -17.857 -5.645  -0.753  1.00 48.64  ? 238 VAL A CG1 1 
ATOM   1192 C  CG2 . VAL A 1 156 ? -16.603 -6.110  1.378   1.00 53.10  ? 238 VAL A CG2 1 
ATOM   1193 N  N   . ALA A 1 157 ? -15.309 -3.348  -2.145  1.00 54.39  ? 239 ALA A N   1 
ATOM   1194 C  CA  . ALA A 1 157 ? -15.395 -2.608  -3.401  1.00 59.25  ? 239 ALA A CA  1 
ATOM   1195 C  C   . ALA A 1 157 ? -14.409 -3.127  -4.504  1.00 67.75  ? 239 ALA A C   1 
ATOM   1196 O  O   . ALA A 1 157 ? -14.784 -3.325  -5.670  1.00 76.78  ? 239 ALA A O   1 
ATOM   1197 C  CB  . ALA A 1 157 ? -15.164 -1.116  -3.099  1.00 48.43  ? 239 ALA A CB  1 
ATOM   1198 N  N   . GLY A 1 158 ? -13.153 -3.357  -4.109  1.00 64.46  ? 240 GLY A N   1 
ATOM   1199 C  CA  . GLY A 1 158 ? -12.131 -3.903  -4.996  1.00 53.90  ? 240 GLY A CA  1 
ATOM   1200 C  C   . GLY A 1 158 ? -12.480 -5.296  -5.414  1.00 57.64  ? 240 GLY A C   1 
ATOM   1201 O  O   . GLY A 1 158 ? -12.661 -5.518  -6.600  1.00 72.38  ? 240 GLY A O   1 
ATOM   1202 N  N   . TRP A 1 159 ? -12.635 -6.232  -4.467  1.00 53.49  ? 241 TRP A N   1 
ATOM   1203 C  CA  . TRP A 1 159 ? -13.066 -7.599  -4.847  1.00 61.91  ? 241 TRP A CA  1 
ATOM   1204 C  C   . TRP A 1 159 ? -14.160 -7.705  -5.978  1.00 64.87  ? 241 TRP A C   1 
ATOM   1205 O  O   . TRP A 1 159 ? -14.134 -8.652  -6.776  1.00 74.89  ? 241 TRP A O   1 
ATOM   1206 C  CB  . TRP A 1 159 ? -13.469 -8.374  -3.609  1.00 57.50  ? 241 TRP A CB  1 
ATOM   1207 C  CG  . TRP A 1 159 ? -13.531 -9.820  -3.804  1.00 84.76  ? 241 TRP A CG  1 
ATOM   1208 C  CD1 . TRP A 1 159 ? -14.389 -10.518 -4.616  1.00 86.75  ? 241 TRP A CD1 1 
ATOM   1209 C  CD2 . TRP A 1 159 ? -12.703 -10.794 -3.172  1.00 109.83 ? 241 TRP A CD2 1 
ATOM   1210 N  NE1 . TRP A 1 159 ? -14.146 -11.860 -4.537  1.00 105.73 ? 241 TRP A NE1 1 
ATOM   1211 C  CE2 . TRP A 1 159 ? -13.117 -12.069 -3.652  1.00 115.96 ? 241 TRP A CE2 1 
ATOM   1212 C  CE3 . TRP A 1 159 ? -11.644 -10.723 -2.248  1.00 113.69 ? 241 TRP A CE3 1 
ATOM   1213 C  CZ2 . TRP A 1 159 ? -12.504 -13.272 -3.232  1.00 113.52 ? 241 TRP A CZ2 1 
ATOM   1214 C  CZ3 . TRP A 1 159 ? -11.031 -11.923 -1.833  1.00 113.12 ? 241 TRP A CZ3 1 
ATOM   1215 C  CH2 . TRP A 1 159 ? -11.469 -13.178 -2.330  1.00 110.14 ? 241 TRP A CH2 1 
ATOM   1216 N  N   . PHE A 1 160 ? -15.097 -6.742  -6.055  1.00 59.22  ? 242 PHE A N   1 
ATOM   1217 C  CA  . PHE A 1 160 ? -16.263 -6.824  -6.958  1.00 61.95  ? 242 PHE A CA  1 
ATOM   1218 C  C   . PHE A 1 160 ? -16.179 -5.742  -7.987  1.00 66.28  ? 242 PHE A C   1 
ATOM   1219 O  O   . PHE A 1 160 ? -17.042 -5.659  -8.863  1.00 76.31  ? 242 PHE A O   1 
ATOM   1220 C  CB  . PHE A 1 160 ? -17.614 -6.758  -6.200  1.00 55.49  ? 242 PHE A CB  1 
ATOM   1221 C  CG  . PHE A 1 160 ? -17.778 -7.862  -5.227  1.00 53.48  ? 242 PHE A CG  1 
ATOM   1222 C  CD1 . PHE A 1 160 ? -17.487 -7.670  -3.866  1.00 50.84  ? 242 PHE A CD1 1 
ATOM   1223 C  CD2 . PHE A 1 160 ? -18.122 -9.123  -5.656  1.00 48.28  ? 242 PHE A CD2 1 
ATOM   1224 C  CE1 . PHE A 1 160 ? -17.604 -8.741  -2.948  1.00 51.89  ? 242 PHE A CE1 1 
ATOM   1225 C  CE2 . PHE A 1 160 ? -18.242 -10.186 -4.746  1.00 52.42  ? 242 PHE A CE2 1 
ATOM   1226 C  CZ  . PHE A 1 160 ? -17.964 -10.007 -3.386  1.00 50.46  ? 242 PHE A CZ  1 
ATOM   1227 N  N   . ASP A 1 161 ? -15.141 -4.915  -7.851  1.00 64.10  ? 243 ASP A N   1 
ATOM   1228 C  CA  . ASP A 1 161 ? -14.748 -3.911  -8.840  1.00 74.94  ? 243 ASP A CA  1 
ATOM   1229 C  C   . ASP A 1 161 ? -15.806 -2.839  -9.006  1.00 71.60  ? 243 ASP A C   1 
ATOM   1230 O  O   . ASP A 1 161 ? -16.284 -2.632  -10.094 1.00 71.34  ? 243 ASP A O   1 
ATOM   1231 C  CB  . ASP A 1 161 ? -14.339 -4.532  -10.212 1.00 82.12  ? 243 ASP A CB  1 
ATOM   1232 C  CG  . ASP A 1 161 ? -13.545 -3.542  -11.099 1.00 109.08 ? 243 ASP A CG  1 
ATOM   1233 O  OD1 . ASP A 1 161 ? -12.920 -2.572  -10.551 1.00 107.06 ? 243 ASP A OD1 1 
ATOM   1234 O  OD2 . ASP A 1 161 ? -13.558 -3.741  -12.345 1.00 102.16 ? 243 ASP A OD2 1 
ATOM   1235 N  N   . LEU A 1 162 ? -16.133 -2.137  -7.922  1.00 78.00  ? 244 LEU A N   1 
ATOM   1236 C  CA  . LEU A 1 162 ? -17.192 -1.119  -7.943  1.00 77.80  ? 244 LEU A CA  1 
ATOM   1237 C  C   . LEU A 1 162 ? -16.587 0.278   -8.104  1.00 92.08  ? 244 LEU A C   1 
ATOM   1238 O  O   . LEU A 1 162 ? -16.955 1.239   -7.392  1.00 85.01  ? 244 LEU A O   1 
ATOM   1239 C  CB  . LEU A 1 162 ? -18.053 -1.193  -6.664  1.00 75.19  ? 244 LEU A CB  1 
ATOM   1240 C  CG  . LEU A 1 162 ? -18.322 -2.502  -5.908  1.00 69.02  ? 244 LEU A CG  1 
ATOM   1241 C  CD1 . LEU A 1 162 ? -18.830 -2.179  -4.515  1.00 65.31  ? 244 LEU A CD1 1 
ATOM   1242 C  CD2 . LEU A 1 162 ? -19.281 -3.383  -6.666  1.00 59.15  ? 244 LEU A CD2 1 
ATOM   1243 N  N   . PHE A 1 163 ? -15.639 0.381   -9.028  1.00 92.06  ? 245 PHE A N   1 
ATOM   1244 C  CA  . PHE A 1 163 ? -14.953 1.639   -9.300  1.00 94.90  ? 245 PHE A CA  1 
ATOM   1245 C  C   . PHE A 1 163 ? -14.686 1.698   -10.784 1.00 97.23  ? 245 PHE A C   1 
ATOM   1246 O  O   . PHE A 1 163 ? -14.739 0.666   -11.458 1.00 101.76 ? 245 PHE A O   1 
ATOM   1247 C  CB  . PHE A 1 163 ? -13.586 1.646   -8.664  1.00 87.41  ? 245 PHE A CB  1 
ATOM   1248 C  CG  . PHE A 1 163 ? -13.558 1.855   -7.189  1.00 80.28  ? 245 PHE A CG  1 
ATOM   1249 C  CD1 . PHE A 1 163 ? -13.873 3.090   -6.618  1.00 82.98  ? 245 PHE A CD1 1 
ATOM   1250 C  CD2 . PHE A 1 163 ? -13.048 0.836   -6.366  1.00 81.91  ? 245 PHE A CD2 1 
ATOM   1251 C  CE1 . PHE A 1 163 ? -13.742 3.274   -5.232  1.00 83.96  ? 245 PHE A CE1 1 
ATOM   1252 C  CE2 . PHE A 1 163 ? -12.887 1.019   -4.992  1.00 76.96  ? 245 PHE A CE2 1 
ATOM   1253 C  CZ  . PHE A 1 163 ? -13.241 2.237   -4.421  1.00 80.85  ? 245 PHE A CZ  1 
ATOM   1254 N  N   . GLY A 1 164 ? -14.326 2.890   -11.262 1.00 94.87  ? 246 GLY A N   1 
ATOM   1255 C  CA  . GLY A 1 164 ? -13.993 3.139   -12.658 1.00 92.69  ? 246 GLY A CA  1 
ATOM   1256 C  C   . GLY A 1 164 ? -13.006 2.142   -13.209 1.00 105.03 ? 246 GLY A C   1 
ATOM   1257 O  O   . GLY A 1 164 ? -13.343 1.349   -14.097 1.00 111.41 ? 246 GLY A O   1 
ATOM   1258 N  N   . MET A 1 165 ? -11.794 2.157   -12.661 1.00 113.55 ? 247 MET A N   1 
ATOM   1259 C  CA  . MET A 1 165 ? -10.728 1.292   -13.160 1.00 97.37  ? 247 MET A CA  1 
ATOM   1260 C  C   . MET A 1 165 ? -10.564 0.049   -12.312 1.00 82.76  ? 247 MET A C   1 
ATOM   1261 O  O   . MET A 1 165 ? -10.856 0.051   -11.102 1.00 75.14  ? 247 MET A O   1 
ATOM   1262 C  CB  . MET A 1 165 ? -9.409  2.054   -13.271 1.00 105.98 ? 247 MET A CB  1 
ATOM   1263 C  CG  . MET A 1 165 ? -8.408  1.446   -14.243 1.00 106.89 ? 247 MET A CG  1 
ATOM   1264 S  SD  . MET A 1 165 ? -7.083  2.599   -14.657 1.00 132.82 ? 247 MET A SD  1 
ATOM   1265 C  CE  . MET A 1 165 ? -6.407  2.997   -13.056 1.00 99.28  ? 247 MET A CE  1 
ATOM   1266 N  N   . SER A 1 166 ? -10.085 -0.997  -12.989 1.00 63.56  ? 248 SER A N   1 
ATOM   1267 C  CA  . SER A 1 166 ? -9.869  -2.321  -12.428 1.00 77.04  ? 248 SER A CA  1 
ATOM   1268 C  C   . SER A 1 166 ? -8.809  -2.392  -11.286 1.00 73.18  ? 248 SER A C   1 
ATOM   1269 O  O   . SER A 1 166 ? -7.889  -1.571  -11.176 1.00 61.86  ? 248 SER A O   1 
ATOM   1270 C  CB  . SER A 1 166 ? -9.588  -3.323  -13.548 1.00 80.36  ? 248 SER A CB  1 
ATOM   1271 O  OG  . SER A 1 166 ? -8.977  -2.660  -14.642 1.00 94.07  ? 248 SER A OG  1 
ATOM   1272 N  N   . MET A 1 167 ? -9.008  -3.365  -10.411 1.00 76.35  ? 249 MET A N   1 
ATOM   1273 C  CA  . MET A 1 167 ? -8.369  -3.362  -9.108  1.00 75.96  ? 249 MET A CA  1 
ATOM   1274 C  C   . MET A 1 167 ? -7.316  -4.418  -9.116  1.00 69.80  ? 249 MET A C   1 
ATOM   1275 O  O   . MET A 1 167 ? -7.458  -5.443  -9.788  1.00 76.56  ? 249 MET A O   1 
ATOM   1276 C  CB  . MET A 1 167 ? -9.391  -3.610  -7.998  1.00 72.23  ? 249 MET A CB  1 
ATOM   1277 C  CG  . MET A 1 167 ? -10.360 -2.470  -7.846  1.00 77.38  ? 249 MET A CG  1 
ATOM   1278 S  SD  . MET A 1 167 ? -9.456  -0.981  -7.423  1.00 85.89  ? 249 MET A SD  1 
ATOM   1279 C  CE  . MET A 1 167 ? -9.763  -0.937  -5.645  1.00 85.00  ? 249 MET A CE  1 
ATOM   1280 N  N   . ALA A 1 168 ? -6.236  -4.151  -8.403  1.00 68.26  ? 250 ALA A N   1 
ATOM   1281 C  CA  . ALA A 1 168 ? -5.150  -5.113  -8.326  1.00 71.04  ? 250 ALA A CA  1 
ATOM   1282 C  C   . ALA A 1 168 ? -5.538  -6.098  -7.215  1.00 67.42  ? 250 ALA A C   1 
ATOM   1283 O  O   . ALA A 1 168 ? -5.329  -5.792  -6.043  1.00 71.01  ? 250 ALA A O   1 
ATOM   1284 C  CB  . ALA A 1 168 ? -3.829  -4.369  -8.048  1.00 61.85  ? 250 ALA A CB  1 
ATOM   1285 N  N   . ASN A 1 169 ? -6.147  -7.251  -7.535  1.00 68.04  ? 251 ASN A N   1 
ATOM   1286 C  CA  . ASN A 1 169 ? -6.677  -8.078  -6.400  1.00 69.44  ? 251 ASN A CA  1 
ATOM   1287 C  C   . ASN A 1 169 ? -5.634  -8.908  -5.638  1.00 66.77  ? 251 ASN A C   1 
ATOM   1288 O  O   . ASN A 1 169 ? -5.753  -9.043  -4.428  1.00 71.71  ? 251 ASN A O   1 
ATOM   1289 C  CB  . ASN A 1 169 ? -7.953  -8.871  -6.713  1.00 70.74  ? 251 ASN A CB  1 
ATOM   1290 C  CG  . ASN A 1 169 ? -9.087  -7.987  -7.209  1.00 82.96  ? 251 ASN A CG  1 
ATOM   1291 O  OD1 . ASN A 1 169 ? -9.561  -8.170  -8.345  1.00 82.75  ? 251 ASN A OD1 1 
ATOM   1292 N  ND2 . ASN A 1 169 ? -9.486  -6.980  -6.398  1.00 72.02  ? 251 ASN A ND2 1 
ATOM   1293 N  N   . GLY A 1 170 ? -4.620  -9.430  -6.346  1.00 70.28  ? 252 GLY A N   1 
ATOM   1294 C  CA  . GLY A 1 170 ? -3.395  -9.983  -5.731  1.00 57.54  ? 252 GLY A CA  1 
ATOM   1295 C  C   . GLY A 1 170 ? -2.682  -8.977  -4.819  1.00 59.93  ? 252 GLY A C   1 
ATOM   1296 O  O   . GLY A 1 170 ? -2.512  -9.240  -3.649  1.00 54.34  ? 252 GLY A O   1 
ATOM   1297 N  N   . ALA A 1 171 ? -2.343  -7.788  -5.323  1.00 62.54  ? 253 ALA A N   1 
ATOM   1298 C  CA  . ALA A 1 171 ? -1.842  -6.685  -4.446  1.00 63.85  ? 253 ALA A CA  1 
ATOM   1299 C  C   . ALA A 1 171 ? -2.622  -6.517  -3.139  1.00 64.94  ? 253 ALA A C   1 
ATOM   1300 O  O   . ALA A 1 171 ? -2.018  -6.212  -2.088  1.00 77.05  ? 253 ALA A O   1 
ATOM   1301 C  CB  . ALA A 1 171 ? -1.714  -5.323  -5.180  1.00 54.65  ? 253 ALA A CB  1 
ATOM   1302 N  N   . HIS A 1 172 ? -3.941  -6.710  -3.189  1.00 61.88  ? 254 HIS A N   1 
ATOM   1303 C  CA  . HIS A 1 172 ? -4.803  -6.544  -2.000  1.00 56.07  ? 254 HIS A CA  1 
ATOM   1304 C  C   . HIS A 1 172 ? -4.729  -7.725  -1.056  1.00 49.57  ? 254 HIS A C   1 
ATOM   1305 O  O   . HIS A 1 172 ? -4.430  -7.550  0.119   1.00 44.06  ? 254 HIS A O   1 
ATOM   1306 C  CB  . HIS A 1 172 ? -6.267  -6.262  -2.418  1.00 67.86  ? 254 HIS A CB  1 
ATOM   1307 C  CG  . HIS A 1 172 ? -6.423  -5.016  -3.241  1.00 81.63  ? 254 HIS A CG  1 
ATOM   1308 N  ND1 . HIS A 1 172 ? -7.448  -4.839  -4.150  1.00 84.91  ? 254 HIS A ND1 1 
ATOM   1309 C  CD2 . HIS A 1 172 ? -5.631  -3.916  -3.348  1.00 89.14  ? 254 HIS A CD2 1 
ATOM   1310 C  CE1 . HIS A 1 172 ? -7.306  -3.663  -4.740  1.00 86.11  ? 254 HIS A CE1 1 
ATOM   1311 N  NE2 . HIS A 1 172 ? -6.199  -3.096  -4.290  1.00 82.19  ? 254 HIS A NE2 1 
ATOM   1312 N  N   . ILE A 1 173 ? -4.999  -8.938  -1.550  1.00 53.33  ? 255 ILE A N   1 
ATOM   1313 C  CA  . ILE A 1 173 ? -4.925  -10.120 -0.638  1.00 57.90  ? 255 ILE A CA  1 
ATOM   1314 C  C   . ILE A 1 173 ? -3.486  -10.318 -0.062  1.00 58.67  ? 255 ILE A C   1 
ATOM   1315 O  O   . ILE A 1 173 ? -3.331  -10.633 1.106   1.00 62.98  ? 255 ILE A O   1 
ATOM   1316 C  CB  . ILE A 1 173 ? -5.470  -11.444 -1.235  1.00 59.89  ? 255 ILE A CB  1 
ATOM   1317 C  CG1 . ILE A 1 173 ? -6.674  -11.236 -2.166  1.00 67.35  ? 255 ILE A CG1 1 
ATOM   1318 C  CG2 . ILE A 1 173 ? -5.943  -12.367 -0.129  1.00 62.65  ? 255 ILE A CG2 1 
ATOM   1319 C  CD1 . ILE A 1 173 ? -6.602  -12.113 -3.426  1.00 71.97  ? 255 ILE A CD1 1 
ATOM   1320 N  N   . ALA A 1 174 ? -2.455  -10.111 -0.899  1.00 53.48  ? 256 ALA A N   1 
ATOM   1321 C  CA  . ALA A 1 174 ? -1.041  -10.205 -0.519  1.00 48.02  ? 256 ALA A CA  1 
ATOM   1322 C  C   . ALA A 1 174 ? -0.720  -9.143  0.528   1.00 50.91  ? 256 ALA A C   1 
ATOM   1323 O  O   . ALA A 1 174 ? -0.129  -9.450  1.538   1.00 47.55  ? 256 ALA A O   1 
ATOM   1324 C  CB  . ALA A 1 174 ? -0.158  -10.065 -1.721  1.00 41.10  ? 256 ALA A CB  1 
ATOM   1325 N  N   . GLY A 1 175 ? -1.231  -7.925  0.316   1.00 56.00  ? 257 GLY A N   1 
ATOM   1326 C  CA  . GLY A 1 175 ? -1.042  -6.820  1.221   1.00 47.40  ? 257 GLY A CA  1 
ATOM   1327 C  C   . GLY A 1 175 ? -1.538  -7.180  2.604   1.00 56.11  ? 257 GLY A C   1 
ATOM   1328 O  O   . GLY A 1 175 ? -0.743  -7.145  3.587   1.00 52.18  ? 257 GLY A O   1 
ATOM   1329 N  N   . LEU A 1 176 ? -2.840  -7.526  2.678   1.00 51.76  ? 258 LEU A N   1 
ATOM   1330 C  CA  . LEU A 1 176 ? -3.504  -7.834  3.952   1.00 51.71  ? 258 LEU A CA  1 
ATOM   1331 C  C   . LEU A 1 176 ? -2.793  -8.987  4.697   1.00 53.40  ? 258 LEU A C   1 
ATOM   1332 O  O   . LEU A 1 176 ? -2.491  -8.852  5.878   1.00 55.40  ? 258 LEU A O   1 
ATOM   1333 C  CB  . LEU A 1 176 ? -4.986  -8.151  3.700   1.00 58.79  ? 258 LEU A CB  1 
ATOM   1334 C  CG  . LEU A 1 176 ? -5.976  -8.224  4.872   1.00 51.99  ? 258 LEU A CG  1 
ATOM   1335 C  CD1 . LEU A 1 176 ? -6.034  -6.904  5.620   1.00 47.74  ? 258 LEU A CD1 1 
ATOM   1336 C  CD2 . LEU A 1 176 ? -7.337  -8.642  4.323   1.00 54.11  ? 258 LEU A CD2 1 
ATOM   1337 N  N   . ALA A 1 177 ? -2.449  -10.056 3.969   1.00 50.06  ? 259 ALA A N   1 
ATOM   1338 C  CA  . ALA A 1 177 ? -1.757  -11.220 4.513   1.00 53.88  ? 259 ALA A CA  1 
ATOM   1339 C  C   . ALA A 1 177 ? -0.467  -10.848 5.243   1.00 62.23  ? 259 ALA A C   1 
ATOM   1340 O  O   . ALA A 1 177 ? -0.254  -11.276 6.369   1.00 69.04  ? 259 ALA A O   1 
ATOM   1341 C  CB  . ALA A 1 177 ? -1.497  -12.258 3.428   1.00 42.01  ? 259 ALA A CB  1 
ATOM   1342 N  N   . VAL A 1 178 ? 0.375   -10.038 4.598   1.00 60.17  ? 260 VAL A N   1 
ATOM   1343 C  CA  . VAL A 1 178 ? 1.565   -9.468  5.222   1.00 50.45  ? 260 VAL A CA  1 
ATOM   1344 C  C   . VAL A 1 178 ? 1.242   -8.708  6.516   1.00 45.13  ? 260 VAL A C   1 
ATOM   1345 O  O   . VAL A 1 178 ? 1.918   -8.863  7.528   1.00 48.60  ? 260 VAL A O   1 
ATOM   1346 C  CB  . VAL A 1 178 ? 2.298   -8.477  4.281   1.00 46.00  ? 260 VAL A CB  1 
ATOM   1347 C  CG1 . VAL A 1 178 ? 3.373   -7.741  5.047   1.00 50.60  ? 260 VAL A CG1 1 
ATOM   1348 C  CG2 . VAL A 1 178 ? 2.960   -9.181  3.149   1.00 41.07  ? 260 VAL A CG2 1 
ATOM   1349 N  N   . GLY A 1 179 ? 0.256   -7.827  6.485   1.00 41.43  ? 261 GLY A N   1 
ATOM   1350 C  CA  . GLY A 1 179 ? -0.009  -7.047  7.689   1.00 45.60  ? 261 GLY A CA  1 
ATOM   1351 C  C   . GLY A 1 179 ? -0.534  -7.951  8.818   1.00 47.41  ? 261 GLY A C   1 
ATOM   1352 O  O   . GLY A 1 179 ? -0.256  -7.687  9.980   1.00 51.50  ? 261 GLY A O   1 
ATOM   1353 N  N   . LEU A 1 180 ? -1.274  -9.007  8.476   1.00 45.51  ? 262 LEU A N   1 
ATOM   1354 C  CA  . LEU A 1 180 ? -1.807  -9.938  9.474   1.00 51.28  ? 262 LEU A CA  1 
ATOM   1355 C  C   . LEU A 1 180 ? -0.671  -10.750 10.024  1.00 54.44  ? 262 LEU A C   1 
ATOM   1356 O  O   . LEU A 1 180 ? -0.545  -10.840 11.262  1.00 52.21  ? 262 LEU A O   1 
ATOM   1357 C  CB  . LEU A 1 180 ? -2.945  -10.846 8.943   1.00 50.65  ? 262 LEU A CB  1 
ATOM   1358 C  CG  . LEU A 1 180 ? -4.254  -10.217 8.409   1.00 52.19  ? 262 LEU A CG  1 
ATOM   1359 C  CD1 . LEU A 1 180 ? -5.086  -11.267 7.654   1.00 50.94  ? 262 LEU A CD1 1 
ATOM   1360 C  CD2 . LEU A 1 180 ? -5.057  -9.432  9.432   1.00 46.56  ? 262 LEU A CD2 1 
ATOM   1361 N  N   . ALA A 1 181 ? 0.182   -11.284 9.128   1.00 53.40  ? 263 ALA A N   1 
ATOM   1362 C  CA  . ALA A 1 181 ? 1.366   -12.055 9.554   1.00 49.99  ? 263 ALA A CA  1 
ATOM   1363 C  C   . ALA A 1 181 ? 2.233   -11.225 10.503  1.00 55.38  ? 263 ALA A C   1 
ATOM   1364 O  O   . ALA A 1 181 ? 2.692   -11.729 11.526  1.00 61.84  ? 263 ALA A O   1 
ATOM   1365 C  CB  . ALA A 1 181 ? 2.162   -12.565 8.381   1.00 45.53  ? 263 ALA A CB  1 
ATOM   1366 N  N   . MET A 1 182 ? 2.422   -9.944  10.199  1.00 47.02  ? 264 MET A N   1 
ATOM   1367 C  CA  . MET A 1 182 ? 3.275   -9.154  11.023  1.00 45.41  ? 264 MET A CA  1 
ATOM   1368 C  C   . MET A 1 182 ? 2.629   -8.758  12.367  1.00 53.77  ? 264 MET A C   1 
ATOM   1369 O  O   . MET A 1 182 ? 3.326   -8.585  13.364  1.00 48.85  ? 264 MET A O   1 
ATOM   1370 C  CB  . MET A 1 182 ? 3.771   -7.944  10.288  1.00 44.52  ? 264 MET A CB  1 
ATOM   1371 C  CG  . MET A 1 182 ? 4.793   -8.268  9.208   1.00 57.63  ? 264 MET A CG  1 
ATOM   1372 S  SD  . MET A 1 182 ? 5.245   -6.793  8.246   1.00 53.38  ? 264 MET A SD  1 
ATOM   1373 C  CE  . MET A 1 182 ? 6.185   -5.912  9.523   1.00 43.08  ? 264 MET A CE  1 
ATOM   1374 N  N   . ALA A 1 183 ? 1.316   -8.556  12.397  1.00 56.05  ? 265 ALA A N   1 
ATOM   1375 C  CA  . ALA A 1 183 ? 0.675   -8.233  13.653  1.00 51.83  ? 265 ALA A CA  1 
ATOM   1376 C  C   . ALA A 1 183 ? 0.648   -9.506  14.530  1.00 56.60  ? 265 ALA A C   1 
ATOM   1377 O  O   . ALA A 1 183 ? 0.893   -9.443  15.745  1.00 47.58  ? 265 ALA A O   1 
ATOM   1378 C  CB  . ALA A 1 183 ? -0.716  -7.681  13.431  1.00 49.65  ? 265 ALA A CB  1 
ATOM   1379 N  N   . PHE A 1 184 ? 0.394   -10.645 13.883  1.00 55.45  ? 266 PHE A N   1 
ATOM   1380 C  CA  . PHE A 1 184 ? 0.449   -11.917 14.532  1.00 63.10  ? 266 PHE A CA  1 
ATOM   1381 C  C   . PHE A 1 184 ? 1.791   -12.080 15.219  1.00 68.87  ? 266 PHE A C   1 
ATOM   1382 O  O   . PHE A 1 184 ? 1.834   -12.290 16.419  1.00 85.06  ? 266 PHE A O   1 
ATOM   1383 C  CB  . PHE A 1 184 ? 0.245   -13.046 13.547  1.00 58.48  ? 266 PHE A CB  1 
ATOM   1384 C  CG  . PHE A 1 184 ? 0.344   -14.412 14.173  1.00 71.28  ? 266 PHE A CG  1 
ATOM   1385 C  CD1 . PHE A 1 184 ? -0.665  -14.890 15.027  1.00 78.24  ? 266 PHE A CD1 1 
ATOM   1386 C  CD2 . PHE A 1 184 ? 1.424   -15.251 13.879  1.00 77.22  ? 266 PHE A CD2 1 
ATOM   1387 C  CE1 . PHE A 1 184 ? -0.585  -16.171 15.583  1.00 73.88  ? 266 PHE A CE1 1 
ATOM   1388 C  CE2 . PHE A 1 184 ? 1.494   -16.536 14.420  1.00 71.18  ? 266 PHE A CE2 1 
ATOM   1389 C  CZ  . PHE A 1 184 ? 0.496   -16.986 15.283  1.00 68.91  ? 266 PHE A CZ  1 
ATOM   1390 N  N   . VAL A 1 185 ? 2.874   -11.968 14.451  1.00 66.59  ? 267 VAL A N   1 
ATOM   1391 C  CA  . VAL A 1 185 ? 4.209   -12.193 14.946  1.00 52.59  ? 267 VAL A CA  1 
ATOM   1392 C  C   . VAL A 1 185 ? 4.459   -11.184 16.072  1.00 60.25  ? 267 VAL A C   1 
ATOM   1393 O  O   . VAL A 1 185 ? 5.074   -11.542 17.077  1.00 60.61  ? 267 VAL A O   1 
ATOM   1394 C  CB  . VAL A 1 185 ? 5.232   -12.075 13.794  1.00 53.87  ? 267 VAL A CB  1 
ATOM   1395 C  CG1 . VAL A 1 185 ? 6.609   -11.701 14.307  1.00 51.71  ? 267 VAL A CG1 1 
ATOM   1396 C  CG2 . VAL A 1 185 ? 5.279   -13.349 12.968  1.00 49.27  ? 267 VAL A CG2 1 
ATOM   1397 N  N   . ASP A 1 186 ? 3.949   -9.945  15.945  1.00 61.04  ? 268 ASP A N   1 
ATOM   1398 C  CA  . ASP A 1 186 ? 4.216   -8.885  16.940  1.00 56.10  ? 268 ASP A CA  1 
ATOM   1399 C  C   . ASP A 1 186 ? 3.443   -9.001  18.265  1.00 66.72  ? 268 ASP A C   1 
ATOM   1400 O  O   . ASP A 1 186 ? 3.864   -8.473  19.318  1.00 61.66  ? 268 ASP A O   1 
ATOM   1401 C  CB  . ASP A 1 186 ? 3.864   -7.530  16.374  1.00 65.70  ? 268 ASP A CB  1 
ATOM   1402 C  CG  . ASP A 1 186 ? 4.940   -6.954  15.484  1.00 66.25  ? 268 ASP A CG  1 
ATOM   1403 O  OD1 . ASP A 1 186 ? 5.963   -7.617  15.222  1.00 66.67  ? 268 ASP A OD1 1 
ATOM   1404 O  OD2 . ASP A 1 186 ? 4.718   -5.813  15.004  1.00 63.11  ? 268 ASP A OD2 1 
ATOM   1405 N  N   . SER A 1 187 ? 2.269   -9.614  18.193  1.00 67.16  ? 269 SER A N   1 
ATOM   1406 C  CA  . SER A 1 187 ? 1.314   -9.518  19.298  1.00 77.79  ? 269 SER A CA  1 
ATOM   1407 C  C   . SER A 1 187 ? 1.663   -10.675 20.222  1.00 92.86  ? 269 SER A C   1 
ATOM   1408 O  O   . SER A 1 187 ? 1.425   -10.627 21.426  1.00 127.99 ? 269 SER A O   1 
ATOM   1409 C  CB  . SER A 1 187 ? -0.161  -9.560  18.815  1.00 64.76  ? 269 SER A CB  1 
ATOM   1410 O  OG  . SER A 1 187 ? -0.487  -10.824 18.204  1.00 65.04  ? 269 SER A OG  1 
ATOM   1411 N  N   . LEU A 1 188 ? 2.257   -11.687 19.603  1.00 86.54  ? 270 LEU A N   1 
ATOM   1412 C  CA  . LEU A 1 188 ? 2.773   -12.896 20.200  1.00 90.12  ? 270 LEU A CA  1 
ATOM   1413 C  C   . LEU A 1 188 ? 3.718   -12.790 21.444  1.00 102.93 ? 270 LEU A C   1 
ATOM   1414 O  O   . LEU A 1 188 ? 3.443   -13.506 22.406  1.00 124.77 ? 270 LEU A O   1 
ATOM   1415 C  CB  . LEU A 1 188 ? 3.359   -13.769 19.083  1.00 75.02  ? 270 LEU A CB  1 
ATOM   1416 C  CG  . LEU A 1 188 ? 2.926   -15.234 18.991  1.00 76.82  ? 270 LEU A CG  1 
ATOM   1417 C  CD1 . LEU A 1 188 ? 1.472   -15.339 18.560  1.00 69.79  ? 270 LEU A CD1 1 
ATOM   1418 C  CD2 . LEU A 1 188 ? 3.778   -15.984 17.979  1.00 77.16  ? 270 LEU A CD2 1 
ATOM   1419 N  N   . ASN A 1 189 ? 4.778   -11.957 21.452  1.00 91.79  ? 271 ASN A N   1 
ATOM   1420 C  CA  . ASN A 1 189 ? 5.460   -11.539 22.734  1.00 109.99 ? 271 ASN A CA  1 
ATOM   1421 C  C   . ASN A 1 189 ? 5.280   -12.499 23.920  1.00 113.16 ? 271 ASN A C   1 
ATOM   1422 O  O   . ASN A 1 189 ? 4.239   -12.433 24.603  1.00 104.99 ? 271 ASN A O   1 
ATOM   1423 C  CB  . ASN A 1 189 ? 4.936   -10.178 23.241  1.00 105.79 ? 271 ASN A CB  1 
ATOM   1424 C  CG  . ASN A 1 189 ? 5.620   -8.999  22.615  1.00 101.30 ? 271 ASN A CG  1 
ATOM   1425 O  OD1 . ASN A 1 189 ? 6.795   -9.046  22.261  1.00 111.71 ? 271 ASN A OD1 1 
ATOM   1426 N  ND2 . ASN A 1 189 ? 4.884   -7.914  22.492  1.00 99.87  ? 271 ASN A ND2 1 
HETATM 1427 C  C   . ACE B 2 1   ? -4.745  -2.564  -16.834 1.00 85.63  ? 497 ACE B C   1 
HETATM 1428 O  O   . ACE B 2 1   ? -4.869  -3.313  -15.843 1.00 89.49  ? 497 ACE B O   1 
HETATM 1429 C  CH3 . ACE B 2 1   ? -5.204  -3.069  -18.205 1.00 83.10  ? 497 ACE B CH3 1 
ATOM   1430 N  N   . VAL B 2 2   ? -4.250  -1.304  -16.796 1.00 73.65  ? 498 VAL B N   1 
ATOM   1431 C  CA  . VAL B 2 2   ? -3.582  -0.666  -15.617 1.00 74.32  ? 498 VAL B CA  1 
ATOM   1432 C  C   . VAL B 2 2   ? -4.378  -0.775  -14.290 1.00 85.05  ? 498 VAL B C   1 
ATOM   1433 O  O   . VAL B 2 2   ? -5.282  0.043   -14.026 1.00 103.78 ? 498 VAL B O   1 
ATOM   1434 C  CB  . VAL B 2 2   ? -3.177  0.813   -15.881 1.00 61.04  ? 498 VAL B CB  1 
ATOM   1435 C  CG1 . VAL B 2 2   ? -2.906  1.542   -14.607 1.00 67.25  ? 498 VAL B CG1 1 
ATOM   1436 C  CG2 . VAL B 2 2   ? -1.888  0.919   -16.627 1.00 66.61  ? 498 VAL B CG2 1 
ATOM   1437 N  N   . ARG B 2 3   ? -4.031  -1.769  -13.455 1.00 75.53  ? 499 ARG B N   1 
ATOM   1438 C  CA  . ARG B 2 3   ? -4.775  -2.013  -12.196 1.00 69.13  ? 499 ARG B CA  1 
ATOM   1439 C  C   . ARG B 2 3   ? -4.318  -1.109  -11.069 1.00 59.99  ? 499 ARG B C   1 
ATOM   1440 O  O   . ARG B 2 3   ? -3.127  -0.810  -10.937 1.00 61.80  ? 499 ARG B O   1 
ATOM   1441 C  CB  . ARG B 2 3   ? -4.814  -3.494  -11.835 1.00 73.28  ? 499 ARG B CB  1 
ATOM   1442 C  CG  . ARG B 2 3   ? -5.739  -4.273  -12.757 1.00 76.33  ? 499 ARG B CG  1 
ATOM   1443 C  CD  . ARG B 2 3   ? -5.092  -5.570  -13.214 1.00 77.61  ? 499 ARG B CD  1 
ATOM   1444 N  NE  . ARG B 2 3   ? -5.980  -6.614  -13.738 1.00 75.49  ? 499 ARG B NE  1 
ATOM   1445 C  CZ  . ARG B 2 3   ? -7.226  -6.903  -13.334 1.00 81.76  ? 499 ARG B CZ  1 
ATOM   1446 N  NH1 . ARG B 2 3   ? -7.782  -6.220  -12.351 1.00 79.10  ? 499 ARG B NH1 1 
ATOM   1447 N  NH2 . ARG B 2 3   ? -7.858  -7.890  -13.933 1.00 82.02  ? 499 ARG B NH2 1 
ATOM   1448 N  N   . MET B 2 4   ? -5.289  -0.532  -10.370 1.00 58.10  ? 500 MET B N   1 
ATOM   1449 C  CA  . MET B 2 4   ? -5.001  0.310   -9.214  1.00 57.79  ? 500 MET B CA  1 
ATOM   1450 C  C   . MET B 2 4   ? -5.187  -0.608  -7.990  1.00 56.88  ? 500 MET B C   1 
ATOM   1451 O  O   . MET B 2 4   ? -5.748  -1.713  -8.022  1.00 60.33  ? 500 MET B O   1 
ATOM   1452 C  CB  . MET B 2 4   ? -5.915  1.538   -9.012  1.00 62.64  ? 500 MET B CB  1 
ATOM   1453 C  CG  . MET B 2 4   ? -6.656  2.139   -10.188 1.00 84.76  ? 500 MET B CG  1 
ATOM   1454 S  SD  . MET B 2 4   ? -7.941  3.329   -9.682  1.00 112.61 ? 500 MET B SD  1 
ATOM   1455 C  CE  . MET B 2 4   ? -9.210  2.226   -9.031  1.00 75.16  ? 500 MET B CE  1 
HETATM 1456 N  N   . QZA B 2 5   ? -4.667  0.030   -6.945  1.00 56.08  ? 501 QZA B N   1 
HETATM 1457 C  CA  . QZA B 2 5   ? -4.314  -0.669  -5.720  1.00 59.60  ? 501 QZA B CA  1 
HETATM 1458 C  CB  . QZA B 2 5   ? -2.885  -1.436  -6.017  1.00 55.69  ? 501 QZA B CB  1 
HETATM 1459 C  C   . QZA B 2 5   ? -4.382  0.487   -4.652  1.00 55.68  ? 501 QZA B C   1 
HETATM 1460 O  O   . QZA B 2 5   ? -3.183  1.288   -4.711  1.00 59.51  ? 501 QZA B O   1 
HETATM 1461 C  C1  . QZA B 2 5   ? -5.582  1.068   -4.698  1.00 88.20  ? 501 QZA B C1  1 
HETATM 1462 CL CL  . QZA B 2 5   ? -6.961  0.082   -4.475  1.00 60.86  ? 501 QZA B CL  1 
HETATM 1463 O  O   . HOH C 3 .   ? -9.579  -5.928  -4.463  1.00 73.07  ? 301 HOH A O   1 
HETATM 1464 O  O   . HOH C 3 .   ? 12.203  -9.029  -12.196 1.00 58.52  ? 302 HOH A O   1 
HETATM 1465 O  O   . HOH C 3 .   ? -7.831  -3.071  16.249  1.00 57.76  ? 303 HOH A O   1 
HETATM 1466 O  O   . HOH C 3 .   ? 5.104   -9.465  -14.762 1.00 74.47  ? 304 HOH A O   1 
HETATM 1467 O  O   . HOH C 3 .   ? 3.549   9.871   12.715  1.00 67.21  ? 305 HOH A O   1 
HETATM 1468 O  O   . HOH C 3 .   ? 1.044   -2.746  -4.111  1.00 56.18  ? 306 HOH A O   1 
HETATM 1469 O  O   . HOH C 3 .   ? 6.167   -4.063  18.298  1.00 61.50  ? 307 HOH A O   1 
HETATM 1470 O  O   . HOH C 3 .   ? 0.925   -1.000  -2.410  1.00 31.13  ? 308 HOH A O   1 
HETATM 1471 O  O   . HOH C 3 .   ? -5.760  -8.589  -9.896  1.00 55.99  ? 309 HOH A O   1 
HETATM 1472 O  O   . HOH C 3 .   ? -1.472  -6.357  -13.004 1.00 55.84  ? 310 HOH A O   1 
HETATM 1473 O  O   . HOH C 3 .   ? 4.461   -1.895  -11.633 1.00 41.38  ? 311 HOH A O   1 
HETATM 1474 O  O   . HOH C 3 .   ? 1.481   -1.288  -6.374  1.00 33.67  ? 312 HOH A O   1 
HETATM 1475 O  O   . HOH C 3 .   ? -2.130  9.889   -12.825 1.00 55.10  ? 313 HOH A O   1 
HETATM 1476 O  O   . HOH C 3 .   ? -0.270  15.630  10.021  1.00 53.15  ? 314 HOH A O   1 
HETATM 1477 O  O   . HOH C 3 .   ? 9.768   -10.570 -11.422 1.00 72.44  ? 315 HOH A O   1 
HETATM 1478 O  O   . HOH C 3 .   ? 8.942   -13.062 -10.862 1.00 67.36  ? 316 HOH A O   1 
HETATM 1479 O  O   . HOH C 3 .   ? -4.446  4.000   16.052  1.00 70.36  ? 317 HOH A O   1 
HETATM 1480 O  O   . HOH C 3 .   ? -9.663  3.242   -5.684  1.00 83.71  ? 318 HOH A O   1 
HETATM 1481 O  O   . HOH C 3 .   ? 17.706  -4.254  -2.573  1.00 58.31  ? 319 HOH A O   1 
HETATM 1482 O  O   . HOH D 3 .   ? -10.953 -7.401  -11.664 1.00 62.16  ? 601 HOH B O   1 
# 
loop_
_pdbx_poly_seq_scheme.asym_id 
_pdbx_poly_seq_scheme.entity_id 
_pdbx_poly_seq_scheme.seq_id 
_pdbx_poly_seq_scheme.mon_id 
_pdbx_poly_seq_scheme.ndb_seq_num 
_pdbx_poly_seq_scheme.pdb_seq_num 
_pdbx_poly_seq_scheme.auth_seq_num 
_pdbx_poly_seq_scheme.pdb_mon_id 
_pdbx_poly_seq_scheme.auth_mon_id 
_pdbx_poly_seq_scheme.pdb_strand_id 
_pdbx_poly_seq_scheme.pdb_ins_code 
_pdbx_poly_seq_scheme.hetero 
A 1 1   GLY 1   83  ?   ?   ?   A . n 
A 1 2   SER 2   84  ?   ?   ?   A . n 
A 1 3   HIS 3   85  ?   ?   ?   A . n 
A 1 4   MET 4   86  ?   ?   ?   A . n 
A 1 5   ALA 5   87  ?   ?   ?   A . n 
A 1 6   ALA 6   88  ?   ?   ?   A . n 
A 1 7   LEU 7   89  ?   ?   ?   A . n 
A 1 8   ARG 8   90  ?   ?   ?   A . n 
A 1 9   GLU 9   91  ?   ?   ?   A . n 
A 1 10  ARG 10  92  ?   ?   ?   A . n 
A 1 11  ALA 11  93  93  ALA ALA A . n 
A 1 12  GLY 12  94  94  GLY GLY A . n 
A 1 13  PRO 13  95  95  PRO PRO A . n 
A 1 14  VAL 14  96  96  VAL VAL A . n 
A 1 15  THR 15  97  97  THR THR A . n 
A 1 16  TRP 16  98  98  TRP TRP A . n 
A 1 17  VAL 17  99  99  VAL VAL A . n 
A 1 18  MET 18  100 100 MET MET A . n 
A 1 19  MET 19  101 101 MET MET A . n 
A 1 20  ILE 20  102 102 ILE ILE A . n 
A 1 21  ALA 21  103 103 ALA ALA A . n 
A 1 22  CYS 22  104 104 CYS CYS A . n 
A 1 23  VAL 23  105 105 VAL VAL A . n 
A 1 24  VAL 24  106 106 VAL VAL A . n 
A 1 25  VAL 25  107 107 VAL VAL A . n 
A 1 26  PHE 26  108 108 PHE PHE A . n 
A 1 27  ILE 27  109 109 ILE ILE A . n 
A 1 28  ALA 28  110 110 ALA ALA A . n 
A 1 29  MET 29  111 111 MET MET A . n 
A 1 30  GLN 30  112 112 GLN GLN A . n 
A 1 31  ILE 31  113 113 ILE ILE A . n 
A 1 32  LEU 32  114 114 LEU LEU A . n 
A 1 33  GLY 33  115 115 GLY GLY A . n 
A 1 34  ASP 34  116 116 ASP ASP A . n 
A 1 35  GLN 35  117 117 GLN GLN A . n 
A 1 36  GLU 36  118 118 GLU GLU A . n 
A 1 37  VAL 37  119 119 VAL VAL A . n 
A 1 38  MET 38  120 120 MET MET A . n 
A 1 39  LEU 39  121 121 LEU LEU A . n 
A 1 40  TRP 40  122 122 TRP TRP A . n 
A 1 41  LEU 41  123 123 LEU LEU A . n 
A 1 42  ALA 42  124 124 ALA ALA A . n 
A 1 43  TRP 43  125 125 TRP TRP A . n 
A 1 44  PRO 44  126 126 PRO PRO A . n 
A 1 45  PHE 45  127 127 PHE PHE A . n 
A 1 46  ASP 46  128 128 ASP ASP A . n 
A 1 47  PRO 47  129 129 PRO PRO A . n 
A 1 48  THR 48  130 130 THR THR A . n 
A 1 49  LEU 49  131 131 LEU LEU A . n 
A 1 50  LYS 50  132 132 LYS LYS A . n 
A 1 51  PHE 51  133 133 PHE PHE A . n 
A 1 52  GLU 52  134 134 GLU GLU A . n 
A 1 53  PHE 53  135 135 PHE PHE A . n 
A 1 54  TRP 54  136 136 TRP TRP A . n 
A 1 55  ARG 55  137 137 ARG ARG A . n 
A 1 56  TYR 56  138 138 TYR TYR A . n 
A 1 57  PHE 57  139 139 PHE PHE A . n 
A 1 58  THR 58  140 140 THR THR A . n 
A 1 59  HIS 59  141 141 HIS HIS A . n 
A 1 60  ALA 60  142 142 ALA ALA A . n 
A 1 61  LEU 61  143 143 LEU LEU A . n 
A 1 62  MET 62  144 144 MET MET A . n 
A 1 63  HIS 63  145 145 HIS HIS A . n 
A 1 64  PHE 64  146 146 PHE PHE A . n 
A 1 65  SER 65  147 147 SER SER A . n 
A 1 66  LEU 66  148 148 LEU LEU A . n 
A 1 67  MET 67  149 149 MET MET A . n 
A 1 68  HIS 68  150 150 HIS HIS A . n 
A 1 69  ILE 69  151 151 ILE ILE A . n 
A 1 70  LEU 70  152 152 LEU LEU A . n 
A 1 71  PHE 71  153 153 PHE PHE A . n 
A 1 72  ASN 72  154 154 ASN ASN A . n 
A 1 73  LEU 73  155 155 LEU LEU A . n 
A 1 74  LEU 74  156 156 LEU LEU A . n 
A 1 75  TRP 75  157 157 TRP TRP A . n 
A 1 76  TRP 76  158 158 TRP TRP A . n 
A 1 77  TRP 77  159 159 TRP TRP A . n 
A 1 78  TYR 78  160 160 TYR TYR A . n 
A 1 79  LEU 79  161 161 LEU LEU A . n 
A 1 80  GLY 80  162 162 GLY GLY A . n 
A 1 81  GLY 81  163 163 GLY GLY A . n 
A 1 82  ALA 82  164 164 ALA ALA A . n 
A 1 83  VAL 83  165 165 VAL VAL A . n 
A 1 84  GLU 84  166 166 GLU GLU A . n 
A 1 85  LYS 85  167 167 LYS LYS A . n 
A 1 86  ARG 86  168 168 ARG ARG A . n 
A 1 87  LEU 87  169 169 LEU LEU A . n 
A 1 88  GLY 88  170 170 GLY GLY A . n 
A 1 89  SER 89  171 171 SER SER A . n 
A 1 90  GLY 90  172 172 GLY GLY A . n 
A 1 91  LYS 91  173 173 LYS LYS A . n 
A 1 92  LEU 92  174 174 LEU LEU A . n 
A 1 93  ILE 93  175 175 ILE ILE A . n 
A 1 94  VAL 94  176 176 VAL VAL A . n 
A 1 95  ILE 95  177 177 ILE ILE A . n 
A 1 96  THR 96  178 178 THR THR A . n 
A 1 97  LEU 97  179 179 LEU LEU A . n 
A 1 98  ILE 98  180 180 ILE ILE A . n 
A 1 99  SER 99  181 181 SER SER A . n 
A 1 100 ALA 100 182 182 ALA ALA A . n 
A 1 101 LEU 101 183 183 LEU LEU A . n 
A 1 102 LEU 102 184 184 LEU LEU A . n 
A 1 103 SER 103 185 185 SER SER A . n 
A 1 104 GLY 104 186 186 GLY GLY A . n 
A 1 105 TYR 105 187 187 TYR TYR A . n 
A 1 106 VAL 106 188 188 VAL VAL A . n 
A 1 107 GLN 107 189 189 GLN GLN A . n 
A 1 108 GLN 108 190 190 GLN GLN A . n 
A 1 109 LYS 109 191 191 LYS LYS A . n 
A 1 110 PHE 110 192 192 PHE PHE A . n 
A 1 111 SER 111 193 193 SER SER A . n 
A 1 112 GLY 112 194 194 GLY GLY A . n 
A 1 113 PRO 113 195 195 PRO PRO A . n 
A 1 114 TRP 114 196 196 TRP TRP A . n 
A 1 115 PHE 115 197 197 PHE PHE A . n 
A 1 116 GLY 116 198 198 GLY GLY A . n 
A 1 117 GLY 117 199 199 GLY GLY A . n 
A 1 118 LEU 118 200 200 LEU LEU A . n 
A 1 119 SER 119 201 201 SER SER A . n 
A 1 120 GLY 120 202 202 GLY GLY A . n 
A 1 121 VAL 121 203 203 VAL VAL A . n 
A 1 122 VAL 122 204 204 VAL VAL A . n 
A 1 123 TYR 123 205 205 TYR TYR A . n 
A 1 124 ALA 124 206 206 ALA ALA A . n 
A 1 125 LEU 125 207 207 LEU LEU A . n 
A 1 126 MET 126 208 208 MET MET A . n 
A 1 127 GLY 127 209 209 GLY GLY A . n 
A 1 128 TYR 128 210 210 TYR TYR A . n 
A 1 129 VAL 129 211 211 VAL VAL A . n 
A 1 130 TRP 130 212 212 TRP TRP A . n 
A 1 131 LEU 131 213 213 LEU LEU A . n 
A 1 132 ARG 132 214 214 ARG ARG A . n 
A 1 133 GLY 133 215 215 GLY GLY A . n 
A 1 134 GLU 134 216 216 GLU GLU A . n 
A 1 135 ARG 135 217 217 ARG ARG A . n 
A 1 136 ASP 136 218 218 ASP ASP A . n 
A 1 137 PRO 137 219 219 PRO PRO A . n 
A 1 138 GLN 138 220 220 GLN GLN A . n 
A 1 139 SER 139 221 221 SER SER A . n 
A 1 140 GLY 140 222 222 GLY GLY A . n 
A 1 141 ILE 141 223 223 ILE ILE A . n 
A 1 142 TYR 142 224 224 TYR TYR A . n 
A 1 143 LEU 143 225 225 LEU LEU A . n 
A 1 144 GLN 144 226 226 GLN GLN A . n 
A 1 145 ARG 145 227 227 ARG ARG A . n 
A 1 146 GLY 146 228 228 GLY GLY A . n 
A 1 147 LEU 147 229 229 LEU LEU A . n 
A 1 148 ILE 148 230 230 ILE ILE A . n 
A 1 149 ILE 149 231 231 ILE ILE A . n 
A 1 150 PHE 150 232 232 PHE PHE A . n 
A 1 151 ALA 151 233 233 ALA ALA A . n 
A 1 152 LEU 152 234 234 LEU LEU A . n 
A 1 153 ILE 153 235 235 ILE ILE A . n 
A 1 154 TRP 154 236 236 TRP TRP A . n 
A 1 155 ILE 155 237 237 ILE ILE A . n 
A 1 156 VAL 156 238 238 VAL VAL A . n 
A 1 157 ALA 157 239 239 ALA ALA A . n 
A 1 158 GLY 158 240 240 GLY GLY A . n 
A 1 159 TRP 159 241 241 TRP TRP A . n 
A 1 160 PHE 160 242 242 PHE PHE A . n 
A 1 161 ASP 161 243 243 ASP ASP A . n 
A 1 162 LEU 162 244 244 LEU LEU A . n 
A 1 163 PHE 163 245 245 PHE PHE A . n 
A 1 164 GLY 164 246 246 GLY GLY A . n 
A 1 165 MET 165 247 247 MET MET A . n 
A 1 166 SER 166 248 248 SER SER A . n 
A 1 167 MET 167 249 249 MET MET A . n 
A 1 168 ALA 168 250 250 ALA ALA A . n 
A 1 169 ASN 169 251 251 ASN ASN A . n 
A 1 170 GLY 170 252 252 GLY GLY A . n 
A 1 171 ALA 171 253 253 ALA ALA A . n 
A 1 172 HIS 172 254 254 HIS HIS A . n 
A 1 173 ILE 173 255 255 ILE ILE A . n 
A 1 174 ALA 174 256 256 ALA ALA A . n 
A 1 175 GLY 175 257 257 GLY GLY A . n 
A 1 176 LEU 176 258 258 LEU LEU A . n 
A 1 177 ALA 177 259 259 ALA ALA A . n 
A 1 178 VAL 178 260 260 VAL VAL A . n 
A 1 179 GLY 179 261 261 GLY GLY A . n 
A 1 180 LEU 180 262 262 LEU LEU A . n 
A 1 181 ALA 181 263 263 ALA ALA A . n 
A 1 182 MET 182 264 264 MET MET A . n 
A 1 183 ALA 183 265 265 ALA ALA A . n 
A 1 184 PHE 184 266 266 PHE PHE A . n 
A 1 185 VAL 185 267 267 VAL VAL A . n 
A 1 186 ASP 186 268 268 ASP ASP A . n 
A 1 187 SER 187 269 269 SER SER A . n 
A 1 188 LEU 188 270 270 LEU LEU A . n 
A 1 189 ASN 189 271 271 ASN ASN A . n 
A 1 190 ALA 190 272 ?   ?   ?   A . n 
A 1 191 ARG 191 273 ?   ?   ?   A . n 
A 1 192 LYS 192 274 ?   ?   ?   A . n 
A 1 193 ARG 193 275 ?   ?   ?   A . n 
A 1 194 LYS 194 276 ?   ?   ?   A . n 
B 2 1   ACE 1   497 497 ACE ACE B . n 
B 2 2   VAL 2   498 498 VAL VAL B . n 
B 2 3   ARG 3   499 499 ARG ARG B . n 
B 2 4   MET 4   500 500 MET MET B . n 
B 2 5   QZA 5   501 501 QZA QE1 B . n 
# 
loop_
_pdbx_nonpoly_scheme.asym_id 
_pdbx_nonpoly_scheme.entity_id 
_pdbx_nonpoly_scheme.mon_id 
_pdbx_nonpoly_scheme.ndb_seq_num 
_pdbx_nonpoly_scheme.pdb_seq_num 
_pdbx_nonpoly_scheme.auth_seq_num 
_pdbx_nonpoly_scheme.pdb_mon_id 
_pdbx_nonpoly_scheme.auth_mon_id 
_pdbx_nonpoly_scheme.pdb_strand_id 
_pdbx_nonpoly_scheme.pdb_ins_code 
C 3 HOH 1  301 7  HOH HOH A . 
C 3 HOH 2  302 5  HOH HOH A . 
C 3 HOH 3  303 18 HOH HOH A . 
C 3 HOH 4  304 12 HOH HOH A . 
C 3 HOH 5  305 17 HOH HOH A . 
C 3 HOH 6  306 1  HOH HOH A . 
C 3 HOH 7  307 20 HOH HOH A . 
C 3 HOH 8  308 4  HOH HOH A . 
C 3 HOH 9  309 6  HOH HOH A . 
C 3 HOH 10 310 14 HOH HOH A . 
C 3 HOH 11 311 8  HOH HOH A . 
C 3 HOH 12 312 2  HOH HOH A . 
C 3 HOH 13 313 19 HOH HOH A . 
C 3 HOH 14 314 10 HOH HOH A . 
C 3 HOH 15 315 9  HOH HOH A . 
C 3 HOH 16 316 11 HOH HOH A . 
C 3 HOH 17 317 3  HOH HOH A . 
C 3 HOH 18 318 15 HOH HOH A . 
C 3 HOH 19 319 13 HOH HOH A . 
D 3 HOH 1  601 16 HOH HOH B . 
# 
_pdbx_molecule_features.prd_id    PRD_002372 
_pdbx_molecule_features.name      ACE-VAL-ARG-MET-QZA 
_pdbx_molecule_features.type      Oligopeptide 
_pdbx_molecule_features.class     Inhibitor 
_pdbx_molecule_features.details   ? 
# 
_pdbx_molecule.instance_id   1 
_pdbx_molecule.prd_id        PRD_002372 
_pdbx_molecule.asym_id       B 
# 
_pdbx_struct_assembly.id                   1 
_pdbx_struct_assembly.details              author_defined_assembly 
_pdbx_struct_assembly.method_details       ? 
_pdbx_struct_assembly.oligomeric_details   dimeric 
_pdbx_struct_assembly.oligomeric_count     2 
# 
_pdbx_struct_assembly_gen.assembly_id       1 
_pdbx_struct_assembly_gen.oper_expression   1 
_pdbx_struct_assembly_gen.asym_id_list      A,B,C,D 
# 
loop_
_pdbx_struct_assembly_prop.biol_id 
_pdbx_struct_assembly_prop.type 
_pdbx_struct_assembly_prop.value 
_pdbx_struct_assembly_prop.details 
1 'ABSA (A^2)' 1220 ? 
1 MORE         -9   ? 
1 'SSA (A^2)'  9280 ? 
# 
_pdbx_struct_oper_list.id                   1 
_pdbx_struct_oper_list.type                 'identity operation' 
_pdbx_struct_oper_list.name                 1_555 
_pdbx_struct_oper_list.symmetry_operation   x,y,z 
_pdbx_struct_oper_list.matrix[1][1]         1.0000000000 
_pdbx_struct_oper_list.matrix[1][2]         0.0000000000 
_pdbx_struct_oper_list.matrix[1][3]         0.0000000000 
_pdbx_struct_oper_list.vector[1]            0.0000000000 
_pdbx_struct_oper_list.matrix[2][1]         0.0000000000 
_pdbx_struct_oper_list.matrix[2][2]         1.0000000000 
_pdbx_struct_oper_list.matrix[2][3]         0.0000000000 
_pdbx_struct_oper_list.vector[2]            0.0000000000 
_pdbx_struct_oper_list.matrix[3][1]         0.0000000000 
_pdbx_struct_oper_list.matrix[3][2]         0.0000000000 
_pdbx_struct_oper_list.matrix[3][3]         1.0000000000 
_pdbx_struct_oper_list.vector[3]            0.0000000000 
# 
loop_
_pdbx_audit_revision_history.ordinal 
_pdbx_audit_revision_history.data_content_type 
_pdbx_audit_revision_history.major_revision 
_pdbx_audit_revision_history.minor_revision 
_pdbx_audit_revision_history.revision_date 
1 'Structure model' 1 0 2020-09-16 
2 'Structure model' 1 1 2020-12-02 
3 'Structure model' 1 2 2023-10-11 
4 'Structure model' 1 3 2023-11-15 
# 
_pdbx_audit_revision_details.ordinal             1 
_pdbx_audit_revision_details.revision_ordinal    1 
_pdbx_audit_revision_details.data_content_type   'Structure model' 
_pdbx_audit_revision_details.provider            repository 
_pdbx_audit_revision_details.type                'Initial release' 
_pdbx_audit_revision_details.description         ? 
_pdbx_audit_revision_details.details             ? 
# 
loop_
_pdbx_audit_revision_group.ordinal 
_pdbx_audit_revision_group.revision_ordinal 
_pdbx_audit_revision_group.data_content_type 
_pdbx_audit_revision_group.group 
1 2 'Structure model' 'Database references'    
2 3 'Structure model' 'Data collection'        
3 3 'Structure model' 'Database references'    
4 3 'Structure model' 'Refinement description' 
5 4 'Structure model' 'Data collection'        
6 4 'Structure model' 'Derived calculations'   
# 
loop_
_pdbx_audit_revision_category.ordinal 
_pdbx_audit_revision_category.revision_ordinal 
_pdbx_audit_revision_category.data_content_type 
_pdbx_audit_revision_category.category 
1 2 'Structure model' citation                      
2 3 'Structure model' chem_comp_atom                
3 3 'Structure model' chem_comp_bond                
4 3 'Structure model' database_2                    
5 3 'Structure model' pdbx_initial_refinement_model 
6 4 'Structure model' chem_comp_atom                
7 4 'Structure model' chem_comp_bond                
8 4 'Structure model' struct_conn                   
# 
loop_
_pdbx_audit_revision_item.ordinal 
_pdbx_audit_revision_item.revision_ordinal 
_pdbx_audit_revision_item.data_content_type 
_pdbx_audit_revision_item.item 
1 2 'Structure model' '_citation.journal_volume'            
2 2 'Structure model' '_citation.page_first'                
3 2 'Structure model' '_citation.page_last'                 
4 3 'Structure model' '_database_2.pdbx_DOI'                
5 3 'Structure model' '_database_2.pdbx_database_accession' 
6 4 'Structure model' '_chem_comp_atom.atom_id'             
7 4 'Structure model' '_chem_comp_bond.atom_id_2'           
8 4 'Structure model' '_struct_conn.pdbx_leaving_atom_flag' 
# 
loop_
_software.citation_id 
_software.classification 
_software.compiler_name 
_software.compiler_version 
_software.contact_author 
_software.contact_author_email 
_software.date 
_software.description 
_software.dependencies 
_software.hardware 
_software.language 
_software.location 
_software.mods 
_software.name 
_software.os 
_software.os_version 
_software.type 
_software.version 
_software.pdbx_ordinal 
? refinement       ? ? ? ? ? ? ? ? ? ? ? REFMAC  ? ? ? 5.8.0189 1 
? 'data reduction' ? ? ? ? ? ? ? ? ? ? ? iMOSFLM ? ? ? .        2 
? 'data scaling'   ? ? ? ? ? ? ? ? ? ? ? Aimless ? ? ? .        3 
? phasing          ? ? ? ? ? ? ? ? ? ? ? MOLREP  ? ? ? .        4 
# 
_pdbx_entry_details.entry_id                 6VJ8 
_pdbx_entry_details.has_ligand_of_interest   Y 
_pdbx_entry_details.compound_details         ? 
_pdbx_entry_details.source_details           ? 
_pdbx_entry_details.nonpolymer_details       ? 
_pdbx_entry_details.sequence_details         ? 
# 
_pdbx_validate_close_contact.id               1 
_pdbx_validate_close_contact.PDB_model_num    1 
_pdbx_validate_close_contact.auth_atom_id_1   OG 
_pdbx_validate_close_contact.auth_asym_id_1   A 
_pdbx_validate_close_contact.auth_comp_id_1   SER 
_pdbx_validate_close_contact.auth_seq_id_1    201 
_pdbx_validate_close_contact.PDB_ins_code_1   ? 
_pdbx_validate_close_contact.label_alt_id_1   ? 
_pdbx_validate_close_contact.auth_atom_id_2   C 
_pdbx_validate_close_contact.auth_asym_id_2   B 
_pdbx_validate_close_contact.auth_comp_id_2   QZA 
_pdbx_validate_close_contact.auth_seq_id_2    501 
_pdbx_validate_close_contact.PDB_ins_code_2   ? 
_pdbx_validate_close_contact.label_alt_id_2   ? 
_pdbx_validate_close_contact.dist             1.59 
# 
loop_
_pdbx_validate_torsion.id 
_pdbx_validate_torsion.PDB_model_num 
_pdbx_validate_torsion.auth_comp_id 
_pdbx_validate_torsion.auth_asym_id 
_pdbx_validate_torsion.auth_seq_id 
_pdbx_validate_torsion.PDB_ins_code 
_pdbx_validate_torsion.label_alt_id 
_pdbx_validate_torsion.phi 
_pdbx_validate_torsion.psi 
1 1 LEU A 200 ? ? -68.92  0.44   
2 1 ASP A 218 ? ? -156.64 52.69  
3 1 TRP A 241 ? ? -39.20  -33.57 
4 1 LEU A 244 ? ? -98.21  44.98  
# 
loop_
_pdbx_unobs_or_zero_occ_residues.id 
_pdbx_unobs_or_zero_occ_residues.PDB_model_num 
_pdbx_unobs_or_zero_occ_residues.polymer_flag 
_pdbx_unobs_or_zero_occ_residues.occupancy_flag 
_pdbx_unobs_or_zero_occ_residues.auth_asym_id 
_pdbx_unobs_or_zero_occ_residues.auth_comp_id 
_pdbx_unobs_or_zero_occ_residues.auth_seq_id 
_pdbx_unobs_or_zero_occ_residues.PDB_ins_code 
_pdbx_unobs_or_zero_occ_residues.label_asym_id 
_pdbx_unobs_or_zero_occ_residues.label_comp_id 
_pdbx_unobs_or_zero_occ_residues.label_seq_id 
1  1 Y 1 A GLY 83  ? A GLY 1   
2  1 Y 1 A SER 84  ? A SER 2   
3  1 Y 1 A HIS 85  ? A HIS 3   
4  1 Y 1 A MET 86  ? A MET 4   
5  1 Y 1 A ALA 87  ? A ALA 5   
6  1 Y 1 A ALA 88  ? A ALA 6   
7  1 Y 1 A LEU 89  ? A LEU 7   
8  1 Y 1 A ARG 90  ? A ARG 8   
9  1 Y 1 A GLU 91  ? A GLU 9   
10 1 Y 1 A ARG 92  ? A ARG 10  
11 1 Y 1 A ALA 272 ? A ALA 190 
12 1 Y 1 A ARG 273 ? A ARG 191 
13 1 Y 1 A LYS 274 ? A LYS 192 
14 1 Y 1 A ARG 275 ? A ARG 193 
15 1 Y 1 A LYS 276 ? A LYS 194 
# 
loop_
_chem_comp_atom.comp_id 
_chem_comp_atom.atom_id 
_chem_comp_atom.type_symbol 
_chem_comp_atom.pdbx_aromatic_flag 
_chem_comp_atom.pdbx_stereo_config 
_chem_comp_atom.pdbx_ordinal 
ACE C    C  N N 1   
ACE O    O  N N 2   
ACE CH3  C  N N 3   
ACE H    H  N N 4   
ACE H1   H  N N 5   
ACE H2   H  N N 6   
ACE H3   H  N N 7   
ALA N    N  N N 8   
ALA CA   C  N S 9   
ALA C    C  N N 10  
ALA O    O  N N 11  
ALA CB   C  N N 12  
ALA OXT  O  N N 13  
ALA H    H  N N 14  
ALA H2   H  N N 15  
ALA HA   H  N N 16  
ALA HB1  H  N N 17  
ALA HB2  H  N N 18  
ALA HB3  H  N N 19  
ALA HXT  H  N N 20  
ARG N    N  N N 21  
ARG CA   C  N S 22  
ARG C    C  N N 23  
ARG O    O  N N 24  
ARG CB   C  N N 25  
ARG CG   C  N N 26  
ARG CD   C  N N 27  
ARG NE   N  N N 28  
ARG CZ   C  N N 29  
ARG NH1  N  N N 30  
ARG NH2  N  N N 31  
ARG OXT  O  N N 32  
ARG H    H  N N 33  
ARG H2   H  N N 34  
ARG HA   H  N N 35  
ARG HB2  H  N N 36  
ARG HB3  H  N N 37  
ARG HG2  H  N N 38  
ARG HG3  H  N N 39  
ARG HD2  H  N N 40  
ARG HD3  H  N N 41  
ARG HE   H  N N 42  
ARG HH11 H  N N 43  
ARG HH12 H  N N 44  
ARG HH21 H  N N 45  
ARG HH22 H  N N 46  
ARG HXT  H  N N 47  
ASN N    N  N N 48  
ASN CA   C  N S 49  
ASN C    C  N N 50  
ASN O    O  N N 51  
ASN CB   C  N N 52  
ASN CG   C  N N 53  
ASN OD1  O  N N 54  
ASN ND2  N  N N 55  
ASN OXT  O  N N 56  
ASN H    H  N N 57  
ASN H2   H  N N 58  
ASN HA   H  N N 59  
ASN HB2  H  N N 60  
ASN HB3  H  N N 61  
ASN HD21 H  N N 62  
ASN HD22 H  N N 63  
ASN HXT  H  N N 64  
ASP N    N  N N 65  
ASP CA   C  N S 66  
ASP C    C  N N 67  
ASP O    O  N N 68  
ASP CB   C  N N 69  
ASP CG   C  N N 70  
ASP OD1  O  N N 71  
ASP OD2  O  N N 72  
ASP OXT  O  N N 73  
ASP H    H  N N 74  
ASP H2   H  N N 75  
ASP HA   H  N N 76  
ASP HB2  H  N N 77  
ASP HB3  H  N N 78  
ASP HD2  H  N N 79  
ASP HXT  H  N N 80  
CYS N    N  N N 81  
CYS CA   C  N R 82  
CYS C    C  N N 83  
CYS O    O  N N 84  
CYS CB   C  N N 85  
CYS SG   S  N N 86  
CYS OXT  O  N N 87  
CYS H    H  N N 88  
CYS H2   H  N N 89  
CYS HA   H  N N 90  
CYS HB2  H  N N 91  
CYS HB3  H  N N 92  
CYS HG   H  N N 93  
CYS HXT  H  N N 94  
GLN N    N  N N 95  
GLN CA   C  N S 96  
GLN C    C  N N 97  
GLN O    O  N N 98  
GLN CB   C  N N 99  
GLN CG   C  N N 100 
GLN CD   C  N N 101 
GLN OE1  O  N N 102 
GLN NE2  N  N N 103 
GLN OXT  O  N N 104 
GLN H    H  N N 105 
GLN H2   H  N N 106 
GLN HA   H  N N 107 
GLN HB2  H  N N 108 
GLN HB3  H  N N 109 
GLN HG2  H  N N 110 
GLN HG3  H  N N 111 
GLN HE21 H  N N 112 
GLN HE22 H  N N 113 
GLN HXT  H  N N 114 
GLU N    N  N N 115 
GLU CA   C  N S 116 
GLU C    C  N N 117 
GLU O    O  N N 118 
GLU CB   C  N N 119 
GLU CG   C  N N 120 
GLU CD   C  N N 121 
GLU OE1  O  N N 122 
GLU OE2  O  N N 123 
GLU OXT  O  N N 124 
GLU H    H  N N 125 
GLU H2   H  N N 126 
GLU HA   H  N N 127 
GLU HB2  H  N N 128 
GLU HB3  H  N N 129 
GLU HG2  H  N N 130 
GLU HG3  H  N N 131 
GLU HE2  H  N N 132 
GLU HXT  H  N N 133 
GLY N    N  N N 134 
GLY CA   C  N N 135 
GLY C    C  N N 136 
GLY O    O  N N 137 
GLY OXT  O  N N 138 
GLY H    H  N N 139 
GLY H2   H  N N 140 
GLY HA2  H  N N 141 
GLY HA3  H  N N 142 
GLY HXT  H  N N 143 
HIS N    N  N N 144 
HIS CA   C  N S 145 
HIS C    C  N N 146 
HIS O    O  N N 147 
HIS CB   C  N N 148 
HIS CG   C  Y N 149 
HIS ND1  N  Y N 150 
HIS CD2  C  Y N 151 
HIS CE1  C  Y N 152 
HIS NE2  N  Y N 153 
HIS OXT  O  N N 154 
HIS H    H  N N 155 
HIS H2   H  N N 156 
HIS HA   H  N N 157 
HIS HB2  H  N N 158 
HIS HB3  H  N N 159 
HIS HD1  H  N N 160 
HIS HD2  H  N N 161 
HIS HE1  H  N N 162 
HIS HE2  H  N N 163 
HIS HXT  H  N N 164 
HOH O    O  N N 165 
HOH H1   H  N N 166 
HOH H2   H  N N 167 
ILE N    N  N N 168 
ILE CA   C  N S 169 
ILE C    C  N N 170 
ILE O    O  N N 171 
ILE CB   C  N S 172 
ILE CG1  C  N N 173 
ILE CG2  C  N N 174 
ILE CD1  C  N N 175 
ILE OXT  O  N N 176 
ILE H    H  N N 177 
ILE H2   H  N N 178 
ILE HA   H  N N 179 
ILE HB   H  N N 180 
ILE HG12 H  N N 181 
ILE HG13 H  N N 182 
ILE HG21 H  N N 183 
ILE HG22 H  N N 184 
ILE HG23 H  N N 185 
ILE HD11 H  N N 186 
ILE HD12 H  N N 187 
ILE HD13 H  N N 188 
ILE HXT  H  N N 189 
LEU N    N  N N 190 
LEU CA   C  N S 191 
LEU C    C  N N 192 
LEU O    O  N N 193 
LEU CB   C  N N 194 
LEU CG   C  N N 195 
LEU CD1  C  N N 196 
LEU CD2  C  N N 197 
LEU OXT  O  N N 198 
LEU H    H  N N 199 
LEU H2   H  N N 200 
LEU HA   H  N N 201 
LEU HB2  H  N N 202 
LEU HB3  H  N N 203 
LEU HG   H  N N 204 
LEU HD11 H  N N 205 
LEU HD12 H  N N 206 
LEU HD13 H  N N 207 
LEU HD21 H  N N 208 
LEU HD22 H  N N 209 
LEU HD23 H  N N 210 
LEU HXT  H  N N 211 
LYS N    N  N N 212 
LYS CA   C  N S 213 
LYS C    C  N N 214 
LYS O    O  N N 215 
LYS CB   C  N N 216 
LYS CG   C  N N 217 
LYS CD   C  N N 218 
LYS CE   C  N N 219 
LYS NZ   N  N N 220 
LYS OXT  O  N N 221 
LYS H    H  N N 222 
LYS H2   H  N N 223 
LYS HA   H  N N 224 
LYS HB2  H  N N 225 
LYS HB3  H  N N 226 
LYS HG2  H  N N 227 
LYS HG3  H  N N 228 
LYS HD2  H  N N 229 
LYS HD3  H  N N 230 
LYS HE2  H  N N 231 
LYS HE3  H  N N 232 
LYS HZ1  H  N N 233 
LYS HZ2  H  N N 234 
LYS HZ3  H  N N 235 
LYS HXT  H  N N 236 
MET N    N  N N 237 
MET CA   C  N S 238 
MET C    C  N N 239 
MET O    O  N N 240 
MET CB   C  N N 241 
MET CG   C  N N 242 
MET SD   S  N N 243 
MET CE   C  N N 244 
MET OXT  O  N N 245 
MET H    H  N N 246 
MET H2   H  N N 247 
MET HA   H  N N 248 
MET HB2  H  N N 249 
MET HB3  H  N N 250 
MET HG2  H  N N 251 
MET HG3  H  N N 252 
MET HE1  H  N N 253 
MET HE2  H  N N 254 
MET HE3  H  N N 255 
MET HXT  H  N N 256 
PHE N    N  N N 257 
PHE CA   C  N S 258 
PHE C    C  N N 259 
PHE O    O  N N 260 
PHE CB   C  N N 261 
PHE CG   C  Y N 262 
PHE CD1  C  Y N 263 
PHE CD2  C  Y N 264 
PHE CE1  C  Y N 265 
PHE CE2  C  Y N 266 
PHE CZ   C  Y N 267 
PHE OXT  O  N N 268 
PHE H    H  N N 269 
PHE H2   H  N N 270 
PHE HA   H  N N 271 
PHE HB2  H  N N 272 
PHE HB3  H  N N 273 
PHE HD1  H  N N 274 
PHE HD2  H  N N 275 
PHE HE1  H  N N 276 
PHE HE2  H  N N 277 
PHE HZ   H  N N 278 
PHE HXT  H  N N 279 
PRO N    N  N N 280 
PRO CA   C  N S 281 
PRO C    C  N N 282 
PRO O    O  N N 283 
PRO CB   C  N N 284 
PRO CG   C  N N 285 
PRO CD   C  N N 286 
PRO OXT  O  N N 287 
PRO H    H  N N 288 
PRO HA   H  N N 289 
PRO HB2  H  N N 290 
PRO HB3  H  N N 291 
PRO HG2  H  N N 292 
PRO HG3  H  N N 293 
PRO HD2  H  N N 294 
PRO HD3  H  N N 295 
PRO HXT  H  N N 296 
QZA N    N  N N 297 
QZA CA   C  N S 298 
QZA CB   C  N N 299 
QZA C    C  N R 300 
QZA O    O  N N 301 
QZA C1   C  N N 302 
QZA CL   CL N N 303 
QZA H    H  N N 304 
QZA H2   H  N N 305 
QZA HA   H  N N 306 
QZA H5   H  N N 307 
QZA H6   H  N N 308 
QZA H7   H  N N 309 
QZA H8   H  N N 310 
QZA H9   H  N N 311 
QZA H10  H  N N 312 
QZA H11  H  N N 313 
SER N    N  N N 314 
SER CA   C  N S 315 
SER C    C  N N 316 
SER O    O  N N 317 
SER CB   C  N N 318 
SER OG   O  N N 319 
SER OXT  O  N N 320 
SER H    H  N N 321 
SER H2   H  N N 322 
SER HA   H  N N 323 
SER HB2  H  N N 324 
SER HB3  H  N N 325 
SER HG   H  N N 326 
SER HXT  H  N N 327 
THR N    N  N N 328 
THR CA   C  N S 329 
THR C    C  N N 330 
THR O    O  N N 331 
THR CB   C  N R 332 
THR OG1  O  N N 333 
THR CG2  C  N N 334 
THR OXT  O  N N 335 
THR H    H  N N 336 
THR H2   H  N N 337 
THR HA   H  N N 338 
THR HB   H  N N 339 
THR HG1  H  N N 340 
THR HG21 H  N N 341 
THR HG22 H  N N 342 
THR HG23 H  N N 343 
THR HXT  H  N N 344 
TRP N    N  N N 345 
TRP CA   C  N S 346 
TRP C    C  N N 347 
TRP O    O  N N 348 
TRP CB   C  N N 349 
TRP CG   C  Y N 350 
TRP CD1  C  Y N 351 
TRP CD2  C  Y N 352 
TRP NE1  N  Y N 353 
TRP CE2  C  Y N 354 
TRP CE3  C  Y N 355 
TRP CZ2  C  Y N 356 
TRP CZ3  C  Y N 357 
TRP CH2  C  Y N 358 
TRP OXT  O  N N 359 
TRP H    H  N N 360 
TRP H2   H  N N 361 
TRP HA   H  N N 362 
TRP HB2  H  N N 363 
TRP HB3  H  N N 364 
TRP HD1  H  N N 365 
TRP HE1  H  N N 366 
TRP HE3  H  N N 367 
TRP HZ2  H  N N 368 
TRP HZ3  H  N N 369 
TRP HH2  H  N N 370 
TRP HXT  H  N N 371 
TYR N    N  N N 372 
TYR CA   C  N S 373 
TYR C    C  N N 374 
TYR O    O  N N 375 
TYR CB   C  N N 376 
TYR CG   C  Y N 377 
TYR CD1  C  Y N 378 
TYR CD2  C  Y N 379 
TYR CE1  C  Y N 380 
TYR CE2  C  Y N 381 
TYR CZ   C  Y N 382 
TYR OH   O  N N 383 
TYR OXT  O  N N 384 
TYR H    H  N N 385 
TYR H2   H  N N 386 
TYR HA   H  N N 387 
TYR HB2  H  N N 388 
TYR HB3  H  N N 389 
TYR HD1  H  N N 390 
TYR HD2  H  N N 391 
TYR HE1  H  N N 392 
TYR HE2  H  N N 393 
TYR HH   H  N N 394 
TYR HXT  H  N N 395 
VAL N    N  N N 396 
VAL CA   C  N S 397 
VAL C    C  N N 398 
VAL O    O  N N 399 
VAL CB   C  N N 400 
VAL CG1  C  N N 401 
VAL CG2  C  N N 402 
VAL OXT  O  N N 403 
VAL H    H  N N 404 
VAL H2   H  N N 405 
VAL HA   H  N N 406 
VAL HB   H  N N 407 
VAL HG11 H  N N 408 
VAL HG12 H  N N 409 
VAL HG13 H  N N 410 
VAL HG21 H  N N 411 
VAL HG22 H  N N 412 
VAL HG23 H  N N 413 
VAL HXT  H  N N 414 
# 
loop_
_chem_comp_bond.comp_id 
_chem_comp_bond.atom_id_1 
_chem_comp_bond.atom_id_2 
_chem_comp_bond.value_order 
_chem_comp_bond.pdbx_aromatic_flag 
_chem_comp_bond.pdbx_stereo_config 
_chem_comp_bond.pdbx_ordinal 
ACE C   O    doub N N 1   
ACE C   CH3  sing N N 2   
ACE C   H    sing N N 3   
ACE CH3 H1   sing N N 4   
ACE CH3 H2   sing N N 5   
ACE CH3 H3   sing N N 6   
ALA N   CA   sing N N 7   
ALA N   H    sing N N 8   
ALA N   H2   sing N N 9   
ALA CA  C    sing N N 10  
ALA CA  CB   sing N N 11  
ALA CA  HA   sing N N 12  
ALA C   O    doub N N 13  
ALA C   OXT  sing N N 14  
ALA CB  HB1  sing N N 15  
ALA CB  HB2  sing N N 16  
ALA CB  HB3  sing N N 17  
ALA OXT HXT  sing N N 18  
ARG N   CA   sing N N 19  
ARG N   H    sing N N 20  
ARG N   H2   sing N N 21  
ARG CA  C    sing N N 22  
ARG CA  CB   sing N N 23  
ARG CA  HA   sing N N 24  
ARG C   O    doub N N 25  
ARG C   OXT  sing N N 26  
ARG CB  CG   sing N N 27  
ARG CB  HB2  sing N N 28  
ARG CB  HB3  sing N N 29  
ARG CG  CD   sing N N 30  
ARG CG  HG2  sing N N 31  
ARG CG  HG3  sing N N 32  
ARG CD  NE   sing N N 33  
ARG CD  HD2  sing N N 34  
ARG CD  HD3  sing N N 35  
ARG NE  CZ   sing N N 36  
ARG NE  HE   sing N N 37  
ARG CZ  NH1  sing N N 38  
ARG CZ  NH2  doub N N 39  
ARG NH1 HH11 sing N N 40  
ARG NH1 HH12 sing N N 41  
ARG NH2 HH21 sing N N 42  
ARG NH2 HH22 sing N N 43  
ARG OXT HXT  sing N N 44  
ASN N   CA   sing N N 45  
ASN N   H    sing N N 46  
ASN N   H2   sing N N 47  
ASN CA  C    sing N N 48  
ASN CA  CB   sing N N 49  
ASN CA  HA   sing N N 50  
ASN C   O    doub N N 51  
ASN C   OXT  sing N N 52  
ASN CB  CG   sing N N 53  
ASN CB  HB2  sing N N 54  
ASN CB  HB3  sing N N 55  
ASN CG  OD1  doub N N 56  
ASN CG  ND2  sing N N 57  
ASN ND2 HD21 sing N N 58  
ASN ND2 HD22 sing N N 59  
ASN OXT HXT  sing N N 60  
ASP N   CA   sing N N 61  
ASP N   H    sing N N 62  
ASP N   H2   sing N N 63  
ASP CA  C    sing N N 64  
ASP CA  CB   sing N N 65  
ASP CA  HA   sing N N 66  
ASP C   O    doub N N 67  
ASP C   OXT  sing N N 68  
ASP CB  CG   sing N N 69  
ASP CB  HB2  sing N N 70  
ASP CB  HB3  sing N N 71  
ASP CG  OD1  doub N N 72  
ASP CG  OD2  sing N N 73  
ASP OD2 HD2  sing N N 74  
ASP OXT HXT  sing N N 75  
CYS N   CA   sing N N 76  
CYS N   H    sing N N 77  
CYS N   H2   sing N N 78  
CYS CA  C    sing N N 79  
CYS CA  CB   sing N N 80  
CYS CA  HA   sing N N 81  
CYS C   O    doub N N 82  
CYS C   OXT  sing N N 83  
CYS CB  SG   sing N N 84  
CYS CB  HB2  sing N N 85  
CYS CB  HB3  sing N N 86  
CYS SG  HG   sing N N 87  
CYS OXT HXT  sing N N 88  
GLN N   CA   sing N N 89  
GLN N   H    sing N N 90  
GLN N   H2   sing N N 91  
GLN CA  C    sing N N 92  
GLN CA  CB   sing N N 93  
GLN CA  HA   sing N N 94  
GLN C   O    doub N N 95  
GLN C   OXT  sing N N 96  
GLN CB  CG   sing N N 97  
GLN CB  HB2  sing N N 98  
GLN CB  HB3  sing N N 99  
GLN CG  CD   sing N N 100 
GLN CG  HG2  sing N N 101 
GLN CG  HG3  sing N N 102 
GLN CD  OE1  doub N N 103 
GLN CD  NE2  sing N N 104 
GLN NE2 HE21 sing N N 105 
GLN NE2 HE22 sing N N 106 
GLN OXT HXT  sing N N 107 
GLU N   CA   sing N N 108 
GLU N   H    sing N N 109 
GLU N   H2   sing N N 110 
GLU CA  C    sing N N 111 
GLU CA  CB   sing N N 112 
GLU CA  HA   sing N N 113 
GLU C   O    doub N N 114 
GLU C   OXT  sing N N 115 
GLU CB  CG   sing N N 116 
GLU CB  HB2  sing N N 117 
GLU CB  HB3  sing N N 118 
GLU CG  CD   sing N N 119 
GLU CG  HG2  sing N N 120 
GLU CG  HG3  sing N N 121 
GLU CD  OE1  doub N N 122 
GLU CD  OE2  sing N N 123 
GLU OE2 HE2  sing N N 124 
GLU OXT HXT  sing N N 125 
GLY N   CA   sing N N 126 
GLY N   H    sing N N 127 
GLY N   H2   sing N N 128 
GLY CA  C    sing N N 129 
GLY CA  HA2  sing N N 130 
GLY CA  HA3  sing N N 131 
GLY C   O    doub N N 132 
GLY C   OXT  sing N N 133 
GLY OXT HXT  sing N N 134 
HIS N   CA   sing N N 135 
HIS N   H    sing N N 136 
HIS N   H2   sing N N 137 
HIS CA  C    sing N N 138 
HIS CA  CB   sing N N 139 
HIS CA  HA   sing N N 140 
HIS C   O    doub N N 141 
HIS C   OXT  sing N N 142 
HIS CB  CG   sing N N 143 
HIS CB  HB2  sing N N 144 
HIS CB  HB3  sing N N 145 
HIS CG  ND1  sing Y N 146 
HIS CG  CD2  doub Y N 147 
HIS ND1 CE1  doub Y N 148 
HIS ND1 HD1  sing N N 149 
HIS CD2 NE2  sing Y N 150 
HIS CD2 HD2  sing N N 151 
HIS CE1 NE2  sing Y N 152 
HIS CE1 HE1  sing N N 153 
HIS NE2 HE2  sing N N 154 
HIS OXT HXT  sing N N 155 
HOH O   H1   sing N N 156 
HOH O   H2   sing N N 157 
ILE N   CA   sing N N 158 
ILE N   H    sing N N 159 
ILE N   H2   sing N N 160 
ILE CA  C    sing N N 161 
ILE CA  CB   sing N N 162 
ILE CA  HA   sing N N 163 
ILE C   O    doub N N 164 
ILE C   OXT  sing N N 165 
ILE CB  CG1  sing N N 166 
ILE CB  CG2  sing N N 167 
ILE CB  HB   sing N N 168 
ILE CG1 CD1  sing N N 169 
ILE CG1 HG12 sing N N 170 
ILE CG1 HG13 sing N N 171 
ILE CG2 HG21 sing N N 172 
ILE CG2 HG22 sing N N 173 
ILE CG2 HG23 sing N N 174 
ILE CD1 HD11 sing N N 175 
ILE CD1 HD12 sing N N 176 
ILE CD1 HD13 sing N N 177 
ILE OXT HXT  sing N N 178 
LEU N   CA   sing N N 179 
LEU N   H    sing N N 180 
LEU N   H2   sing N N 181 
LEU CA  C    sing N N 182 
LEU CA  CB   sing N N 183 
LEU CA  HA   sing N N 184 
LEU C   O    doub N N 185 
LEU C   OXT  sing N N 186 
LEU CB  CG   sing N N 187 
LEU CB  HB2  sing N N 188 
LEU CB  HB3  sing N N 189 
LEU CG  CD1  sing N N 190 
LEU CG  CD2  sing N N 191 
LEU CG  HG   sing N N 192 
LEU CD1 HD11 sing N N 193 
LEU CD1 HD12 sing N N 194 
LEU CD1 HD13 sing N N 195 
LEU CD2 HD21 sing N N 196 
LEU CD2 HD22 sing N N 197 
LEU CD2 HD23 sing N N 198 
LEU OXT HXT  sing N N 199 
LYS N   CA   sing N N 200 
LYS N   H    sing N N 201 
LYS N   H2   sing N N 202 
LYS CA  C    sing N N 203 
LYS CA  CB   sing N N 204 
LYS CA  HA   sing N N 205 
LYS C   O    doub N N 206 
LYS C   OXT  sing N N 207 
LYS CB  CG   sing N N 208 
LYS CB  HB2  sing N N 209 
LYS CB  HB3  sing N N 210 
LYS CG  CD   sing N N 211 
LYS CG  HG2  sing N N 212 
LYS CG  HG3  sing N N 213 
LYS CD  CE   sing N N 214 
LYS CD  HD2  sing N N 215 
LYS CD  HD3  sing N N 216 
LYS CE  NZ   sing N N 217 
LYS CE  HE2  sing N N 218 
LYS CE  HE3  sing N N 219 
LYS NZ  HZ1  sing N N 220 
LYS NZ  HZ2  sing N N 221 
LYS NZ  HZ3  sing N N 222 
LYS OXT HXT  sing N N 223 
MET N   CA   sing N N 224 
MET N   H    sing N N 225 
MET N   H2   sing N N 226 
MET CA  C    sing N N 227 
MET CA  CB   sing N N 228 
MET CA  HA   sing N N 229 
MET C   O    doub N N 230 
MET C   OXT  sing N N 231 
MET CB  CG   sing N N 232 
MET CB  HB2  sing N N 233 
MET CB  HB3  sing N N 234 
MET CG  SD   sing N N 235 
MET CG  HG2  sing N N 236 
MET CG  HG3  sing N N 237 
MET SD  CE   sing N N 238 
MET CE  HE1  sing N N 239 
MET CE  HE2  sing N N 240 
MET CE  HE3  sing N N 241 
MET OXT HXT  sing N N 242 
PHE N   CA   sing N N 243 
PHE N   H    sing N N 244 
PHE N   H2   sing N N 245 
PHE CA  C    sing N N 246 
PHE CA  CB   sing N N 247 
PHE CA  HA   sing N N 248 
PHE C   O    doub N N 249 
PHE C   OXT  sing N N 250 
PHE CB  CG   sing N N 251 
PHE CB  HB2  sing N N 252 
PHE CB  HB3  sing N N 253 
PHE CG  CD1  doub Y N 254 
PHE CG  CD2  sing Y N 255 
PHE CD1 CE1  sing Y N 256 
PHE CD1 HD1  sing N N 257 
PHE CD2 CE2  doub Y N 258 
PHE CD2 HD2  sing N N 259 
PHE CE1 CZ   doub Y N 260 
PHE CE1 HE1  sing N N 261 
PHE CE2 CZ   sing Y N 262 
PHE CE2 HE2  sing N N 263 
PHE CZ  HZ   sing N N 264 
PHE OXT HXT  sing N N 265 
PRO N   CA   sing N N 266 
PRO N   CD   sing N N 267 
PRO N   H    sing N N 268 
PRO CA  C    sing N N 269 
PRO CA  CB   sing N N 270 
PRO CA  HA   sing N N 271 
PRO C   O    doub N N 272 
PRO C   OXT  sing N N 273 
PRO CB  CG   sing N N 274 
PRO CB  HB2  sing N N 275 
PRO CB  HB3  sing N N 276 
PRO CG  CD   sing N N 277 
PRO CG  HG2  sing N N 278 
PRO CG  HG3  sing N N 279 
PRO CD  HD2  sing N N 280 
PRO CD  HD3  sing N N 281 
PRO OXT HXT  sing N N 282 
QZA O   C    sing N N 283 
QZA C   C1   sing N N 284 
QZA C   CA   sing N N 285 
QZA C1  CL   sing N N 286 
QZA CA  CB   sing N N 287 
QZA CA  N    sing N N 288 
QZA N   H    sing N N 289 
QZA N   H2   sing N N 290 
QZA CA  HA   sing N N 291 
QZA CB  H5   sing N N 292 
QZA CB  H6   sing N N 293 
QZA CB  H7   sing N N 294 
QZA C   H8   sing N N 295 
QZA O   H9   sing N N 296 
QZA C1  H10  sing N N 297 
QZA C1  H11  sing N N 298 
SER N   CA   sing N N 299 
SER N   H    sing N N 300 
SER N   H2   sing N N 301 
SER CA  C    sing N N 302 
SER CA  CB   sing N N 303 
SER CA  HA   sing N N 304 
SER C   O    doub N N 305 
SER C   OXT  sing N N 306 
SER CB  OG   sing N N 307 
SER CB  HB2  sing N N 308 
SER CB  HB3  sing N N 309 
SER OG  HG   sing N N 310 
SER OXT HXT  sing N N 311 
THR N   CA   sing N N 312 
THR N   H    sing N N 313 
THR N   H2   sing N N 314 
THR CA  C    sing N N 315 
THR CA  CB   sing N N 316 
THR CA  HA   sing N N 317 
THR C   O    doub N N 318 
THR C   OXT  sing N N 319 
THR CB  OG1  sing N N 320 
THR CB  CG2  sing N N 321 
THR CB  HB   sing N N 322 
THR OG1 HG1  sing N N 323 
THR CG2 HG21 sing N N 324 
THR CG2 HG22 sing N N 325 
THR CG2 HG23 sing N N 326 
THR OXT HXT  sing N N 327 
TRP N   CA   sing N N 328 
TRP N   H    sing N N 329 
TRP N   H2   sing N N 330 
TRP CA  C    sing N N 331 
TRP CA  CB   sing N N 332 
TRP CA  HA   sing N N 333 
TRP C   O    doub N N 334 
TRP C   OXT  sing N N 335 
TRP CB  CG   sing N N 336 
TRP CB  HB2  sing N N 337 
TRP CB  HB3  sing N N 338 
TRP CG  CD1  doub Y N 339 
TRP CG  CD2  sing Y N 340 
TRP CD1 NE1  sing Y N 341 
TRP CD1 HD1  sing N N 342 
TRP CD2 CE2  doub Y N 343 
TRP CD2 CE3  sing Y N 344 
TRP NE1 CE2  sing Y N 345 
TRP NE1 HE1  sing N N 346 
TRP CE2 CZ2  sing Y N 347 
TRP CE3 CZ3  doub Y N 348 
TRP CE3 HE3  sing N N 349 
TRP CZ2 CH2  doub Y N 350 
TRP CZ2 HZ2  sing N N 351 
TRP CZ3 CH2  sing Y N 352 
TRP CZ3 HZ3  sing N N 353 
TRP CH2 HH2  sing N N 354 
TRP OXT HXT  sing N N 355 
TYR N   CA   sing N N 356 
TYR N   H    sing N N 357 
TYR N   H2   sing N N 358 
TYR CA  C    sing N N 359 
TYR CA  CB   sing N N 360 
TYR CA  HA   sing N N 361 
TYR C   O    doub N N 362 
TYR C   OXT  sing N N 363 
TYR CB  CG   sing N N 364 
TYR CB  HB2  sing N N 365 
TYR CB  HB3  sing N N 366 
TYR CG  CD1  doub Y N 367 
TYR CG  CD2  sing Y N 368 
TYR CD1 CE1  sing Y N 369 
TYR CD1 HD1  sing N N 370 
TYR CD2 CE2  doub Y N 371 
TYR CD2 HD2  sing N N 372 
TYR CE1 CZ   doub Y N 373 
TYR CE1 HE1  sing N N 374 
TYR CE2 CZ   sing Y N 375 
TYR CE2 HE2  sing N N 376 
TYR CZ  OH   sing N N 377 
TYR OH  HH   sing N N 378 
TYR OXT HXT  sing N N 379 
VAL N   CA   sing N N 380 
VAL N   H    sing N N 381 
VAL N   H2   sing N N 382 
VAL CA  C    sing N N 383 
VAL CA  CB   sing N N 384 
VAL CA  HA   sing N N 385 
VAL C   O    doub N N 386 
VAL C   OXT  sing N N 387 
VAL CB  CG1  sing N N 388 
VAL CB  CG2  sing N N 389 
VAL CB  HB   sing N N 390 
VAL CG1 HG11 sing N N 391 
VAL CG1 HG12 sing N N 392 
VAL CG1 HG13 sing N N 393 
VAL CG2 HG21 sing N N 394 
VAL CG2 HG22 sing N N 395 
VAL CG2 HG23 sing N N 396 
VAL OXT HXT  sing N N 397 
# 
_pdbx_audit_support.funding_organization   
'National Institutes of Health/National Institute of Diabetes and Digestive and Kidney Disease (NIH/NIDDK)' 
_pdbx_audit_support.country                'United States' 
_pdbx_audit_support.grant_number           R01AI066025 
_pdbx_audit_support.ordinal                1 
# 
loop_
_pdbx_entity_instance_feature.ordinal 
_pdbx_entity_instance_feature.comp_id 
_pdbx_entity_instance_feature.asym_id 
_pdbx_entity_instance_feature.seq_num 
_pdbx_entity_instance_feature.auth_comp_id 
_pdbx_entity_instance_feature.auth_asym_id 
_pdbx_entity_instance_feature.auth_seq_num 
_pdbx_entity_instance_feature.feature_type 
_pdbx_entity_instance_feature.details 
1 ACE ? ? ACE ? ? 'SUBJECT OF INVESTIGATION' ? 
2 QZA ? ? QZA ? ? 'SUBJECT OF INVESTIGATION' ? 
# 
_pdbx_entity_nonpoly.entity_id   3 
_pdbx_entity_nonpoly.name        water 
_pdbx_entity_nonpoly.comp_id     HOH 
# 
_pdbx_initial_refinement_model.id               1 
_pdbx_initial_refinement_model.entity_id_list   ? 
_pdbx_initial_refinement_model.type             'experimental model' 
_pdbx_initial_refinement_model.source_name      PDB 
_pdbx_initial_refinement_model.accession_code   2IC8 
_pdbx_initial_refinement_model.details          'PDB entry 2IC8' 
# 
_pdbx_struct_assembly_auth_evidence.id                     1 
_pdbx_struct_assembly_auth_evidence.assembly_id            1 
_pdbx_struct_assembly_auth_evidence.experimental_support   none 
_pdbx_struct_assembly_auth_evidence.details                ? 
# 
